data_9FJX
#
_entry.id   9FJX
#
_cell.length_a   71.673
_cell.length_b   129.068
_cell.length_c   198.446
_cell.angle_alpha   90.000
_cell.angle_beta   90.000
_cell.angle_gamma   90.000
#
_symmetry.space_group_name_H-M   'P 21 21 21'
#
loop_
_entity.id
_entity.type
_entity.pdbx_description
1 polymer 'DNA damage-binding protein 1'
2 polymer 'Protein cereblon'
3 non-polymer 1,2-ETHANEDIOL
4 non-polymer 'DIMETHYL SULFOXIDE'
5 non-polymer 'ZINC ION'
6 non-polymer S-Lenalidomide
7 non-polymer 'SODIUM ION'
8 water water
#
loop_
_entity_poly.entity_id
_entity_poly.type
_entity_poly.pdbx_seq_one_letter_code
_entity_poly.pdbx_strand_id
1 'polypeptide(L)'
;MSYNYVVTAQKPTAVNGCVTGHFTSAEDLNLLIAKNTRLEIYVVTAEGLRPVKEVGMYGKIAVMELFRPKGESKDLLFIL
TAKYNACILEYKQSGESIDIITRAHGNVQDRIGRPSETGIIGIIDPECRMIGLRLYDGLFKVIPLDRDNKELKAFNIRLE
ELHVIDVKFLYGCQAPTICFVYQDPQGRHVKTYEVSLREKEFNKGPWKQENVEAEASMVIAVPEPFGGAIIIGQESITYH
NGDKYLAIAPPIIKQSTIVCHNRVDPNGSRYLLGDMEGRLFMLLLEKEEQMDGTVTLKDLRVELLGETSIAECLTYLDNG
VVFVGSRLGDSQLVKLNVDSNEQGSYVVAMETFTNLGPIVDMCVVDLERQGQGQLVTCSGAFKEGSLRIIRNGIGIHEHA
SIDLPGIKGLWPLRSDPNRETDDTLVLSFVGQTRVLMLNGEEVEETELMGFVDDQQTFFCGNVAHQQLIQITSASVRLVS
QEPKALVSEWKEPQAKNISVASCNSSQVVVAVGRALYYLQIHPQELRQISHTEMEHEVACLDITPLGDSNGLSPLCAIGL
WTDISARILKLPSFELLHKEMLGGEIIPRSILMTTFESSHYLLCALGDGALFYFGLNIETGLLSDRKKVTLGTQPTVLRT
FRSLSTTNVFACSDRPTVIYSSNHKLVFSNVNLKEVNYMCPLNSDGYPDSLALANNSTLTIGTIDEIQKLHIRTVPLYES
PRKICYQEVSQCFGVLSSRIEVQDTSGGTTALRPSASTQALSSSVSSSKLFSSSTAPHETSFGEEVEVHNLLIIDQHTFE
VLHAHQFLQNEYALSLVSCKLGKDPNTYFIVGTAMVYPEEAEPKQGRIVVFQYSDGKLQTVAEKEVKGAVYSMVEFNGKL
LASINSTVRLYEWTTEKELRTECNHYNNIMALYLKTKGDFILVGDLMRSVLLLAYKPMEGNFEEIARDFNPNWMSAVEIL
DDDNFLGAENAFNLFVCQKDSAATTDEERQHLQEVGLFHLGEFVNVFCHGSLVMQNLGETSTPTQGSVLFGTVNGMIGLV
TSLSESWYNLLLDMQNRLNKVIKSVGKIEHSFWRSFHTERKTEPATGFIDGDLIESFLDISRPKMQEVVANLQYDDGSGM
KREATADDLIKVVEELTRIHWSHPQFEK
;
A
2 'polypeptide(L)'
;GPHMEAKKPNIINFDTSLPTSHTYLGADMEEFHGRTLHDDDSCQVIPVLPQVMMILIPGQTLPLQLFHPQEVSMVRNLIQ
KDRTFAVLAYSNVQEREAQFGTTAEIYAYREEQDFGIEIVKVKAIGRQRFKVLELRTQSDGIQQAKVQILPECVLPSTMS
AVQLESLNKCQIFPSKPVSREDQCSYKWWQKYQKRKFHCANLTSWPRWLYSLYDAETLMDRIKKQLREWDENLKDDSLPS
NPIDFSYRVAACLPIDDVLRIQLLKIGSAIQRLRCELDIMNKCTSLCCKQCQETEITTKNEIFSLSLCGPMAAYVNPHGY
VHETLTVYKACNLNLIGRPSTEHSWFPGYAWTVAQCKICASHIGWKFTATKKDMSPQKFWGLTRSALLPTIPDTEDEISP
DKVILCL
;
B
#
# COMPACT_ATOMS: atom_id res chain seq x y z
N MET A 1 -7.41 4.11 17.58
CA MET A 1 -8.19 5.08 18.31
C MET A 1 -7.68 6.51 18.01
N SER A 2 -7.67 7.48 18.97
CA SER A 2 -7.15 8.84 18.67
C SER A 2 -5.62 8.90 18.72
N TYR A 3 -4.97 7.92 19.37
CA TYR A 3 -3.51 7.94 19.54
C TYR A 3 -3.00 6.64 19.02
N ASN A 4 -2.15 6.69 17.99
CA ASN A 4 -1.70 5.49 17.34
C ASN A 4 -0.21 5.41 17.24
N TYR A 5 0.30 4.21 17.28
CA TYR A 5 1.70 3.87 17.21
C TYR A 5 1.86 3.06 15.89
N VAL A 6 2.73 3.51 15.00
CA VAL A 6 2.93 2.80 13.73
C VAL A 6 4.39 2.31 13.66
N VAL A 7 4.58 1.02 13.34
CA VAL A 7 5.93 0.46 13.31
C VAL A 7 6.09 -0.53 12.15
N THR A 8 7.30 -0.60 11.63
CA THR A 8 7.61 -1.51 10.53
C THR A 8 7.82 -2.93 11.03
N ALA A 9 7.11 -3.90 10.46
CA ALA A 9 7.30 -5.33 10.76
C ALA A 9 8.23 -5.97 9.70
N GLN A 10 8.18 -5.47 8.46
CA GLN A 10 9.03 -5.93 7.37
C GLN A 10 9.38 -4.71 6.56
N LYS A 11 10.66 -4.41 6.42
CA LYS A 11 11.14 -3.26 5.64
C LYS A 11 10.81 -3.43 4.17
N PRO A 12 10.74 -2.33 3.39
CA PRO A 12 10.46 -2.48 1.95
C PRO A 12 11.48 -3.38 1.25
N THR A 13 10.99 -4.28 0.39
CA THR A 13 11.86 -5.23 -0.30
C THR A 13 12.03 -4.90 -1.80
N ALA A 14 11.13 -4.09 -2.38
CA ALA A 14 11.17 -3.76 -3.80
C ALA A 14 12.36 -2.84 -4.07
N VAL A 15 13.03 -3.02 -5.20
CA VAL A 15 14.18 -2.22 -5.56
C VAL A 15 13.79 -1.12 -6.54
N ASN A 16 14.04 0.16 -6.18
CA ASN A 16 13.77 1.24 -7.12
C ASN A 16 15.00 1.82 -7.81
N GLY A 17 16.20 1.42 -7.38
CA GLY A 17 17.41 1.91 -8.01
C GLY A 17 18.61 1.06 -7.66
N CYS A 18 19.63 1.06 -8.51
CA CYS A 18 20.85 0.30 -8.27
C CYS A 18 21.98 0.95 -9.04
N VAL A 19 23.11 1.22 -8.38
CA VAL A 19 24.27 1.81 -9.05
C VAL A 19 25.54 1.14 -8.57
N THR A 20 26.59 1.17 -9.39
CA THR A 20 27.91 0.67 -9.02
C THR A 20 28.91 1.81 -9.03
N GLY A 21 29.99 1.62 -8.28
CA GLY A 21 31.05 2.60 -8.21
C GLY A 21 32.01 2.28 -7.11
N HIS A 22 32.83 3.26 -6.72
CA HIS A 22 33.86 3.06 -5.71
C HIS A 22 33.59 4.00 -4.56
N PHE A 23 32.62 3.61 -3.73
CA PHE A 23 32.10 4.41 -2.63
C PHE A 23 32.75 4.13 -1.26
N THR A 24 32.90 2.86 -0.89
CA THR A 24 33.47 2.49 0.40
C THR A 24 35.00 2.71 0.47
N SER A 25 35.66 2.63 -0.70
CA SER A 25 37.07 2.90 -0.92
C SER A 25 37.31 2.94 -2.45
N ALA A 26 38.45 3.50 -2.86
CA ALA A 26 38.82 3.60 -4.26
C ALA A 26 39.02 2.21 -4.88
N GLU A 27 39.43 1.21 -4.07
CA GLU A 27 39.75 -0.15 -4.48
C GLU A 27 38.56 -1.08 -4.49
N ASP A 28 37.47 -0.75 -3.79
CA ASP A 28 36.28 -1.61 -3.77
C ASP A 28 35.36 -1.29 -4.92
N LEU A 29 34.71 -2.32 -5.46
CA LEU A 29 33.62 -2.10 -6.40
C LEU A 29 32.37 -2.30 -5.52
N ASN A 30 31.51 -1.30 -5.47
CA ASN A 30 30.30 -1.39 -4.67
C ASN A 30 29.08 -1.56 -5.50
N LEU A 31 28.06 -2.15 -4.90
CA LEU A 31 26.72 -2.18 -5.47
C LEU A 31 25.85 -1.46 -4.43
N LEU A 32 25.18 -0.37 -4.82
CA LEU A 32 24.30 0.40 -3.97
C LEU A 32 22.88 0.16 -4.46
N ILE A 33 21.97 -0.20 -3.54
CA ILE A 33 20.58 -0.51 -3.89
C ILE A 33 19.63 0.35 -3.11
N ALA A 34 18.68 0.96 -3.78
CA ALA A 34 17.69 1.76 -3.11
C ALA A 34 16.43 0.94 -2.96
N LYS A 35 15.91 0.88 -1.75
CA LYS A 35 14.68 0.19 -1.48
C LYS A 35 13.81 1.20 -0.74
N ASN A 36 13.32 2.18 -1.50
CA ASN A 36 12.47 3.24 -1.00
C ASN A 36 13.21 4.09 0.04
N THR A 37 12.96 3.86 1.31
CA THR A 37 13.57 4.58 2.40
C THR A 37 14.93 4.05 2.90
N ARG A 38 15.41 2.96 2.30
N ARG A 38 15.41 2.96 2.32
CA ARG A 38 16.64 2.31 2.71
CA ARG A 38 16.69 2.43 2.75
C ARG A 38 17.66 2.34 1.59
C ARG A 38 17.67 2.31 1.61
N LEU A 39 18.94 2.35 1.98
CA LEU A 39 20.05 2.28 1.09
C LEU A 39 20.89 1.11 1.58
N GLU A 40 21.15 0.14 0.70
CA GLU A 40 22.00 -1.02 0.98
C GLU A 40 23.31 -0.82 0.25
N ILE A 41 24.42 -1.06 0.93
CA ILE A 41 25.77 -0.94 0.36
C ILE A 41 26.45 -2.27 0.46
N TYR A 42 26.84 -2.81 -0.70
CA TYR A 42 27.53 -4.10 -0.81
C TYR A 42 28.91 -3.89 -1.42
N VAL A 43 29.81 -4.82 -1.13
CA VAL A 43 31.10 -4.88 -1.79
C VAL A 43 30.95 -6.03 -2.77
N VAL A 44 31.23 -5.80 -4.04
CA VAL A 44 31.16 -6.86 -5.05
C VAL A 44 32.43 -7.75 -4.92
N THR A 45 32.22 -9.05 -4.77
CA THR A 45 33.31 -10.01 -4.61
C THR A 45 33.19 -11.09 -5.67
N ALA A 46 34.19 -11.94 -5.78
CA ALA A 46 34.14 -13.02 -6.75
C ALA A 46 32.95 -13.93 -6.48
N GLU A 47 32.70 -14.24 -5.22
CA GLU A 47 31.56 -15.06 -4.82
C GLU A 47 30.20 -14.43 -5.13
N GLY A 48 30.07 -13.14 -4.88
CA GLY A 48 28.82 -12.44 -5.08
C GLY A 48 28.85 -11.05 -4.48
N LEU A 49 28.09 -10.87 -3.41
CA LEU A 49 28.02 -9.61 -2.70
C LEU A 49 28.28 -9.75 -1.21
N ARG A 50 29.03 -8.82 -0.67
CA ARG A 50 29.27 -8.79 0.76
C ARG A 50 28.54 -7.57 1.35
N PRO A 51 27.49 -7.78 2.15
CA PRO A 51 26.78 -6.65 2.74
C PRO A 51 27.66 -5.91 3.73
N VAL A 52 27.87 -4.59 3.56
CA VAL A 52 28.75 -3.88 4.49
C VAL A 52 28.00 -2.84 5.32
N LYS A 53 26.97 -2.22 4.76
CA LYS A 53 26.28 -1.18 5.47
C LYS A 53 24.90 -0.91 4.88
N GLU A 54 23.94 -0.77 5.76
CA GLU A 54 22.59 -0.42 5.37
C GLU A 54 22.17 0.76 6.19
N VAL A 55 21.56 1.74 5.56
CA VAL A 55 21.06 2.91 6.29
C VAL A 55 19.64 3.21 5.90
N GLY A 56 18.92 3.83 6.80
CA GLY A 56 17.61 4.35 6.51
C GLY A 56 17.74 5.85 6.34
N MET A 57 16.87 6.41 5.55
CA MET A 57 16.80 7.85 5.36
C MET A 57 15.38 8.27 5.67
N TYR A 58 15.25 9.52 6.14
CA TYR A 58 13.95 10.13 6.41
C TYR A 58 13.47 10.70 5.07
N GLY A 59 13.28 9.82 4.11
CA GLY A 59 12.84 10.20 2.79
C GLY A 59 12.70 9.02 1.87
N LYS A 60 11.93 9.21 0.79
CA LYS A 60 11.79 8.22 -0.24
C LYS A 60 12.88 8.59 -1.26
N ILE A 61 13.85 7.70 -1.51
CA ILE A 61 14.92 7.96 -2.46
C ILE A 61 14.35 8.02 -3.87
N ALA A 62 14.51 9.18 -4.54
CA ALA A 62 14.05 9.40 -5.90
C ALA A 62 15.23 9.46 -6.88
N VAL A 63 16.41 9.94 -6.44
CA VAL A 63 17.59 9.96 -7.26
C VAL A 63 18.73 9.37 -6.43
N MET A 64 19.54 8.52 -7.05
CA MET A 64 20.70 7.95 -6.38
C MET A 64 21.80 7.81 -7.41
N GLU A 65 22.85 8.64 -7.28
CA GLU A 65 23.94 8.60 -8.25
C GLU A 65 25.28 8.74 -7.60
N LEU A 66 26.26 7.93 -8.00
CA LEU A 66 27.62 8.08 -7.52
C LEU A 66 28.38 8.97 -8.51
N PHE A 67 29.35 9.73 -8.02
CA PHE A 67 30.13 10.63 -8.88
C PHE A 67 31.47 10.92 -8.20
N ARG A 68 32.48 11.31 -8.98
CA ARG A 68 33.78 11.64 -8.39
C ARG A 68 34.27 13.02 -8.75
N PRO A 69 34.12 13.99 -7.84
CA PRO A 69 34.68 15.32 -8.11
C PRO A 69 36.20 15.27 -8.17
N LYS A 70 36.80 16.28 -8.82
CA LYS A 70 38.24 16.42 -8.90
C LYS A 70 38.77 16.67 -7.46
N GLY A 71 39.83 15.97 -7.07
CA GLY A 71 40.39 16.08 -5.73
C GLY A 71 39.91 15.01 -4.74
N GLU A 72 38.79 14.33 -5.05
CA GLU A 72 38.26 13.31 -4.17
C GLU A 72 38.93 11.95 -4.40
N SER A 73 39.32 11.26 -3.31
CA SER A 73 39.98 9.96 -3.38
C SER A 73 39.04 8.83 -3.80
N LYS A 74 37.74 8.97 -3.50
CA LYS A 74 36.75 7.97 -3.88
C LYS A 74 35.42 8.65 -4.24
N ASP A 75 34.45 7.89 -4.77
CA ASP A 75 33.15 8.47 -5.14
C ASP A 75 32.38 9.01 -3.96
N LEU A 76 31.59 10.05 -4.22
CA LEU A 76 30.61 10.56 -3.28
C LEU A 76 29.24 10.14 -3.84
N LEU A 77 28.21 10.15 -2.99
CA LEU A 77 26.88 9.75 -3.43
C LEU A 77 25.88 10.92 -3.39
N PHE A 78 25.15 11.16 -4.48
CA PHE A 78 24.11 12.17 -4.47
C PHE A 78 22.74 11.48 -4.28
N ILE A 79 21.93 11.97 -3.35
CA ILE A 79 20.58 11.46 -3.16
C ILE A 79 19.63 12.65 -3.22
N LEU A 80 18.49 12.47 -3.88
CA LEU A 80 17.40 13.42 -3.84
C LEU A 80 16.18 12.60 -3.37
N THR A 81 15.43 13.10 -2.39
CA THR A 81 14.23 12.43 -1.92
C THR A 81 12.98 12.95 -2.66
N ALA A 82 11.86 12.21 -2.57
CA ALA A 82 10.59 12.63 -3.17
C ALA A 82 10.09 13.94 -2.58
N LYS A 83 10.56 14.32 -1.36
CA LYS A 83 10.21 15.61 -0.76
C LYS A 83 11.25 16.72 -1.07
N TYR A 84 12.12 16.48 -2.07
CA TYR A 84 13.13 17.40 -2.58
C TYR A 84 14.28 17.67 -1.62
N ASN A 85 14.57 16.72 -0.72
CA ASN A 85 15.74 16.83 0.15
C ASN A 85 16.92 16.32 -0.65
N ALA A 86 17.90 17.18 -0.87
CA ALA A 86 19.08 16.83 -1.63
C ALA A 86 20.26 16.68 -0.68
N CYS A 87 21.17 15.76 -0.99
CA CYS A 87 22.35 15.59 -0.18
C CYS A 87 23.51 14.94 -0.92
N ILE A 88 24.72 15.19 -0.46
CA ILE A 88 25.91 14.57 -0.96
C ILE A 88 26.47 13.81 0.25
N LEU A 89 26.70 12.51 0.08
CA LEU A 89 27.14 11.62 1.16
C LEU A 89 28.50 11.06 0.90
N GLU A 90 29.21 10.76 1.99
CA GLU A 90 30.53 10.17 1.95
C GLU A 90 30.60 9.00 2.91
N TYR A 91 31.17 7.89 2.48
CA TYR A 91 31.33 6.73 3.34
C TYR A 91 32.62 6.90 4.15
N LYS A 92 32.53 6.79 5.47
CA LYS A 92 33.71 6.90 6.33
C LYS A 92 33.85 5.66 7.16
N GLN A 93 34.99 5.00 7.06
CA GLN A 93 35.25 3.81 7.86
C GLN A 93 36.57 3.92 8.61
N SER A 94 36.54 3.61 9.92
CA SER A 94 37.71 3.57 10.79
C SER A 94 37.57 2.24 11.54
N GLY A 95 38.38 1.25 11.18
CA GLY A 95 38.29 -0.07 11.81
C GLY A 95 36.97 -0.72 11.53
N GLU A 96 36.14 -0.91 12.57
CA GLU A 96 34.79 -1.45 12.40
C GLU A 96 33.69 -0.36 12.50
N SER A 97 34.07 0.91 12.72
CA SER A 97 33.10 2.00 12.83
C SER A 97 32.80 2.56 11.45
N ILE A 98 31.54 2.54 11.08
CA ILE A 98 31.10 3.00 9.78
C ILE A 98 30.09 4.09 9.90
N ASP A 99 30.41 5.26 9.35
CA ASP A 99 29.49 6.37 9.33
C ASP A 99 29.28 6.90 7.93
N ILE A 100 28.03 7.27 7.61
CA ILE A 100 27.73 7.91 6.35
C ILE A 100 27.68 9.40 6.72
N ILE A 101 28.61 10.20 6.23
CA ILE A 101 28.61 11.61 6.59
C ILE A 101 27.99 12.48 5.50
N THR A 102 27.32 13.53 5.94
CA THR A 102 26.66 14.46 5.02
C THR A 102 27.66 15.57 4.66
N ARG A 103 28.12 15.58 3.42
CA ARG A 103 29.05 16.61 2.93
C ARG A 103 28.31 17.91 2.62
N ALA A 104 27.09 17.78 2.09
CA ALA A 104 26.29 18.92 1.67
C ALA A 104 24.80 18.53 1.67
N HIS A 105 23.89 19.47 1.97
CA HIS A 105 22.46 19.18 1.99
C HIS A 105 21.64 20.43 1.80
N GLY A 106 20.43 20.26 1.32
CA GLY A 106 19.50 21.37 1.15
C GLY A 106 18.23 20.94 0.52
N ASN A 107 17.13 21.69 0.74
CA ASN A 107 15.87 21.34 0.10
C ASN A 107 15.76 22.13 -1.19
N VAL A 108 15.56 21.46 -2.34
CA VAL A 108 15.55 22.13 -3.64
C VAL A 108 14.16 22.30 -4.25
N GLN A 109 13.10 22.20 -3.46
CA GLN A 109 11.75 22.42 -3.97
C GLN A 109 11.61 23.93 -4.35
N ASP A 110 10.88 24.22 -5.42
CA ASP A 110 10.60 25.60 -5.80
C ASP A 110 9.21 25.93 -5.27
N ARG A 111 8.99 27.21 -4.85
CA ARG A 111 7.68 27.64 -4.33
C ARG A 111 6.56 27.33 -5.32
N ILE A 112 6.83 27.57 -6.58
CA ILE A 112 5.89 27.32 -7.65
C ILE A 112 6.55 26.42 -8.65
N GLY A 113 5.74 25.69 -9.40
CA GLY A 113 6.27 24.77 -10.39
C GLY A 113 5.35 23.60 -10.58
N ARG A 114 5.17 23.20 -11.83
CA ARG A 114 4.32 22.08 -12.17
C ARG A 114 5.17 20.82 -12.29
N PRO A 115 5.05 19.88 -11.32
CA PRO A 115 5.83 18.62 -11.38
C PRO A 115 5.65 17.92 -12.72
N SER A 116 6.75 17.54 -13.36
CA SER A 116 6.71 16.96 -14.69
C SER A 116 6.01 15.63 -14.82
N GLU A 117 5.37 15.41 -15.99
CA GLU A 117 4.66 14.19 -16.34
C GLU A 117 5.58 13.00 -16.30
N THR A 118 6.85 13.13 -16.75
CA THR A 118 7.77 11.99 -16.70
C THR A 118 8.63 11.96 -15.41
N GLY A 119 8.22 12.70 -14.37
CA GLY A 119 8.85 12.66 -13.06
C GLY A 119 10.19 13.32 -12.84
N ILE A 120 10.74 13.12 -11.65
CA ILE A 120 12.01 13.68 -11.23
C ILE A 120 13.15 13.01 -12.00
N ILE A 121 14.02 13.81 -12.60
CA ILE A 121 15.21 13.30 -13.27
C ILE A 121 16.40 14.05 -12.67
N GLY A 122 17.40 13.32 -12.19
CA GLY A 122 18.61 13.89 -11.64
C GLY A 122 19.79 13.32 -12.39
N ILE A 123 20.68 14.18 -12.89
CA ILE A 123 21.83 13.73 -13.69
C ILE A 123 23.06 14.56 -13.31
N ILE A 124 24.24 13.98 -13.49
CA ILE A 124 25.49 14.65 -13.17
C ILE A 124 26.38 14.59 -14.42
N ASP A 125 27.04 15.70 -14.76
CA ASP A 125 27.85 15.74 -15.98
C ASP A 125 29.16 14.95 -15.79
N PRO A 126 29.78 14.51 -16.91
CA PRO A 126 31.01 13.70 -16.81
C PRO A 126 32.16 14.36 -16.07
N GLU A 127 32.19 15.67 -16.06
CA GLU A 127 33.26 16.43 -15.40
C GLU A 127 32.91 16.81 -13.95
N CYS A 128 31.72 16.43 -13.46
CA CYS A 128 31.23 16.74 -12.11
C CYS A 128 31.23 18.24 -11.82
N ARG A 129 30.80 19.05 -12.77
CA ARG A 129 30.71 20.51 -12.55
C ARG A 129 29.38 20.82 -11.85
N MET A 130 28.31 20.05 -12.15
CA MET A 130 27.01 20.31 -11.60
C MET A 130 26.14 19.04 -11.44
N ILE A 131 25.08 19.19 -10.67
CA ILE A 131 23.98 18.25 -10.66
C ILE A 131 22.90 19.01 -11.46
N GLY A 132 22.28 18.33 -12.41
CA GLY A 132 21.18 18.90 -13.17
C GLY A 132 19.91 18.17 -12.74
N LEU A 133 18.86 18.91 -12.41
CA LEU A 133 17.61 18.33 -11.95
C LEU A 133 16.47 18.82 -12.81
N ARG A 134 15.66 17.90 -13.32
CA ARG A 134 14.45 18.25 -14.04
C ARG A 134 13.32 17.84 -13.07
N LEU A 135 12.79 18.81 -12.31
CA LEU A 135 11.74 18.64 -11.32
C LEU A 135 10.40 19.13 -11.85
N TYR A 136 10.41 20.26 -12.60
CA TYR A 136 9.22 20.94 -13.09
C TYR A 136 9.32 21.28 -14.57
N ASP A 137 8.16 21.44 -15.21
CA ASP A 137 8.09 21.81 -16.61
C ASP A 137 8.61 23.23 -16.80
N GLY A 138 9.39 23.43 -17.85
CA GLY A 138 9.94 24.73 -18.19
C GLY A 138 11.19 25.13 -17.44
N LEU A 139 11.71 24.27 -16.54
CA LEU A 139 12.89 24.63 -15.74
C LEU A 139 13.91 23.51 -15.63
N PHE A 140 15.18 23.90 -15.66
CA PHE A 140 16.27 22.95 -15.48
C PHE A 140 17.08 23.49 -14.30
N LYS A 141 17.06 22.78 -13.16
CA LYS A 141 17.76 23.25 -11.97
C LYS A 141 19.22 22.79 -11.99
N VAL A 142 20.16 23.73 -11.75
CA VAL A 142 21.57 23.44 -11.75
C VAL A 142 22.14 23.68 -10.37
N ILE A 143 22.77 22.66 -9.78
CA ILE A 143 23.42 22.79 -8.49
C ILE A 143 24.92 22.70 -8.77
N PRO A 144 25.63 23.83 -8.72
CA PRO A 144 27.08 23.78 -8.99
C PRO A 144 27.79 22.91 -7.95
N LEU A 145 28.66 22.02 -8.38
CA LEU A 145 29.39 21.13 -7.48
C LEU A 145 30.70 21.73 -6.97
N ASP A 146 30.66 23.01 -6.59
CA ASP A 146 31.82 23.68 -6.02
C ASP A 146 31.98 23.22 -4.57
N ARG A 147 33.23 23.12 -4.07
CA ARG A 147 33.51 22.66 -2.71
C ARG A 147 32.72 23.41 -1.65
N ASP A 148 32.61 24.72 -1.81
CA ASP A 148 31.94 25.65 -0.88
C ASP A 148 30.42 25.62 -0.96
N ASN A 149 29.84 24.96 -1.96
CA ASN A 149 28.38 24.91 -2.09
C ASN A 149 27.75 23.82 -1.19
N LYS A 150 27.99 23.92 0.14
CA LYS A 150 27.53 22.97 1.16
C LYS A 150 26.03 23.01 1.43
N GLU A 151 25.35 24.08 1.03
CA GLU A 151 23.92 24.17 1.14
C GLU A 151 23.20 23.79 -0.15
N LEU A 152 23.93 23.28 -1.16
CA LEU A 152 23.37 22.88 -2.45
C LEU A 152 22.50 23.96 -3.07
N LYS A 153 23.03 25.19 -3.05
CA LYS A 153 22.39 26.36 -3.66
C LYS A 153 22.35 26.12 -5.16
N ALA A 154 21.24 26.51 -5.77
CA ALA A 154 20.97 26.19 -7.15
C ALA A 154 20.43 27.37 -7.95
N PHE A 155 20.46 27.27 -9.27
CA PHE A 155 19.82 28.26 -10.13
C PHE A 155 18.99 27.54 -11.17
N ASN A 156 17.91 28.16 -11.62
CA ASN A 156 17.05 27.56 -12.61
C ASN A 156 17.34 28.18 -13.96
N ILE A 157 17.33 27.36 -14.99
CA ILE A 157 17.47 27.82 -16.36
C ILE A 157 16.16 27.47 -17.06
N ARG A 158 15.56 28.43 -17.73
CA ARG A 158 14.34 28.24 -18.48
C ARG A 158 14.55 27.28 -19.65
N LEU A 159 13.64 26.34 -19.78
CA LEU A 159 13.61 25.37 -20.86
C LEU A 159 12.36 25.74 -21.63
N GLU A 160 12.51 26.16 -22.89
CA GLU A 160 11.34 26.47 -23.71
C GLU A 160 10.47 25.20 -23.92
N GLU A 161 11.11 24.05 -24.08
CA GLU A 161 10.40 22.78 -24.27
C GLU A 161 9.77 22.32 -22.96
N LEU A 162 8.43 22.42 -22.88
CA LEU A 162 7.70 22.12 -21.65
C LEU A 162 7.39 20.64 -21.40
N HIS A 163 7.57 19.78 -22.41
CA HIS A 163 7.24 18.36 -22.24
C HIS A 163 8.47 17.51 -22.51
N VAL A 164 9.38 17.46 -21.56
CA VAL A 164 10.61 16.69 -21.70
C VAL A 164 10.39 15.26 -21.18
N ILE A 165 10.76 14.27 -22.01
CA ILE A 165 10.59 12.87 -21.69
C ILE A 165 11.80 12.28 -20.94
N ASP A 166 13.00 12.54 -21.43
CA ASP A 166 14.19 12.07 -20.77
C ASP A 166 15.35 12.99 -21.10
N VAL A 167 16.36 13.04 -20.23
CA VAL A 167 17.50 13.93 -20.47
C VAL A 167 18.76 13.33 -19.85
N LYS A 168 19.92 13.52 -20.53
CA LYS A 168 21.24 13.12 -20.05
C LYS A 168 22.27 14.18 -20.39
N PHE A 169 23.39 14.19 -19.66
CA PHE A 169 24.53 15.03 -20.03
C PHE A 169 25.34 14.18 -20.99
N LEU A 170 25.83 14.78 -22.08
CA LEU A 170 26.65 14.07 -23.05
C LEU A 170 28.10 14.06 -22.60
N TYR A 171 28.86 13.07 -23.12
CA TYR A 171 30.32 12.95 -22.92
C TYR A 171 31.02 13.62 -24.10
N GLY A 172 32.31 13.89 -23.94
CA GLY A 172 33.12 14.43 -25.02
C GLY A 172 32.77 15.81 -25.53
N CYS A 173 32.20 16.64 -24.68
CA CYS A 173 31.83 18.01 -25.05
C CYS A 173 32.73 19.01 -24.31
N GLN A 174 32.93 20.20 -24.90
CA GLN A 174 33.78 21.24 -24.28
C GLN A 174 33.14 21.89 -23.07
N ALA A 175 31.82 21.94 -23.03
CA ALA A 175 31.08 22.52 -21.91
C ALA A 175 29.99 21.54 -21.55
N PRO A 176 29.44 21.57 -20.32
CA PRO A 176 28.34 20.64 -19.99
C PRO A 176 27.19 20.78 -20.98
N THR A 177 26.79 19.66 -21.59
CA THR A 177 25.78 19.65 -22.64
C THR A 177 24.69 18.63 -22.35
N ILE A 178 23.44 19.04 -22.33
CA ILE A 178 22.34 18.10 -22.13
C ILE A 178 21.77 17.66 -23.48
N CYS A 179 21.21 16.46 -23.50
CA CYS A 179 20.59 15.89 -24.68
C CYS A 179 19.26 15.38 -24.16
N PHE A 180 18.14 15.79 -24.79
CA PHE A 180 16.85 15.35 -24.32
C PHE A 180 15.87 15.05 -25.43
N VAL A 181 14.89 14.19 -25.13
CA VAL A 181 13.77 13.90 -26.02
C VAL A 181 12.62 14.76 -25.47
N TYR A 182 11.86 15.38 -26.36
CA TYR A 182 10.73 16.19 -25.95
C TYR A 182 9.59 16.03 -26.95
N GLN A 183 8.36 16.35 -26.50
CA GLN A 183 7.21 16.29 -27.39
C GLN A 183 6.54 17.64 -27.50
N ASP A 184 6.13 17.99 -28.71
CA ASP A 184 5.39 19.23 -28.97
C ASP A 184 4.30 18.97 -30.06
N PRO A 185 3.47 19.96 -30.47
CA PRO A 185 2.46 19.69 -31.51
C PRO A 185 3.00 19.11 -32.82
N GLN A 186 4.26 19.39 -33.17
CA GLN A 186 4.83 18.86 -34.40
C GLN A 186 5.41 17.43 -34.28
N GLY A 187 5.29 16.80 -33.11
CA GLY A 187 5.75 15.44 -32.89
C GLY A 187 6.75 15.26 -31.77
N ARG A 188 7.58 14.21 -31.86
CA ARG A 188 8.57 13.93 -30.84
C ARG A 188 9.94 14.17 -31.43
N HIS A 189 10.82 14.86 -30.70
CA HIS A 189 12.13 15.27 -31.22
C HIS A 189 13.25 15.13 -30.18
N VAL A 190 14.51 15.25 -30.62
CA VAL A 190 15.68 15.23 -29.77
C VAL A 190 16.42 16.55 -29.94
N LYS A 191 16.90 17.12 -28.84
CA LYS A 191 17.60 18.40 -28.88
C LYS A 191 18.74 18.41 -27.88
N THR A 192 19.70 19.32 -28.08
CA THR A 192 20.79 19.50 -27.15
C THR A 192 20.94 20.97 -26.77
N TYR A 193 21.48 21.25 -25.58
CA TYR A 193 21.78 22.59 -25.11
C TYR A 193 23.12 22.55 -24.40
N GLU A 194 23.95 23.56 -24.56
CA GLU A 194 25.16 23.70 -23.78
C GLU A 194 24.79 24.56 -22.59
N VAL A 195 25.42 24.33 -21.45
CA VAL A 195 25.19 25.16 -20.27
C VAL A 195 26.34 26.13 -20.21
N SER A 196 26.05 27.42 -20.34
CA SER A 196 27.06 28.45 -20.19
C SER A 196 27.32 28.60 -18.70
N LEU A 197 28.50 28.23 -18.19
CA LEU A 197 28.81 28.35 -16.76
C LEU A 197 28.86 29.82 -16.32
N ARG A 198 29.39 30.69 -17.19
N ARG A 198 29.39 30.70 -17.19
CA ARG A 198 29.49 32.10 -16.89
CA ARG A 198 29.49 32.11 -16.90
C ARG A 198 28.11 32.77 -16.89
C ARG A 198 28.11 32.78 -16.89
N GLU A 199 27.28 32.52 -17.92
CA GLU A 199 25.98 33.14 -18.02
C GLU A 199 24.87 32.47 -17.26
N LYS A 200 25.02 31.19 -16.94
CA LYS A 200 24.01 30.42 -16.23
C LYS A 200 22.75 30.32 -17.07
N GLU A 201 22.95 30.03 -18.35
CA GLU A 201 21.91 29.94 -19.37
C GLU A 201 22.26 28.87 -20.37
N PHE A 202 21.27 28.44 -21.14
CA PHE A 202 21.54 27.51 -22.23
C PHE A 202 22.05 28.29 -23.45
N ASN A 203 22.99 27.70 -24.17
CA ASN A 203 23.45 28.15 -25.46
C ASN A 203 23.02 27.04 -26.42
N LYS A 204 23.01 27.34 -27.73
CA LYS A 204 22.64 26.32 -28.72
C LYS A 204 23.55 25.09 -28.64
N GLY A 205 22.92 23.93 -28.65
CA GLY A 205 23.65 22.67 -28.58
C GLY A 205 24.31 22.30 -29.90
N PRO A 206 25.22 21.31 -29.86
CA PRO A 206 25.94 20.91 -31.07
C PRO A 206 25.09 20.21 -32.13
N TRP A 207 23.95 19.61 -31.75
CA TRP A 207 23.10 18.94 -32.72
C TRP A 207 21.66 18.73 -32.22
N LYS A 208 20.75 18.45 -33.14
CA LYS A 208 19.37 18.13 -32.80
C LYS A 208 18.77 17.24 -33.90
N GLN A 209 17.60 16.65 -33.63
CA GLN A 209 16.93 15.82 -34.60
C GLN A 209 15.44 15.91 -34.38
N GLU A 210 14.74 16.58 -35.29
CA GLU A 210 13.30 16.65 -35.21
C GLU A 210 12.67 15.37 -35.77
N ASN A 211 11.46 15.07 -35.31
CA ASN A 211 10.65 13.94 -35.71
C ASN A 211 11.34 12.60 -35.56
N VAL A 212 11.81 12.31 -34.34
CA VAL A 212 12.34 10.99 -34.02
C VAL A 212 11.12 10.05 -33.88
N GLU A 213 11.31 8.78 -33.51
CA GLU A 213 10.20 7.83 -33.36
C GLU A 213 9.14 8.36 -32.41
N ALA A 214 7.85 8.18 -32.74
CA ALA A 214 6.74 8.65 -31.91
C ALA A 214 6.83 8.19 -30.47
N GLU A 215 7.50 7.05 -30.21
CA GLU A 215 7.63 6.53 -28.86
C GLU A 215 9.05 6.54 -28.31
N ALA A 216 9.93 7.42 -28.82
CA ALA A 216 11.31 7.57 -28.31
C ALA A 216 11.17 7.99 -26.83
N SER A 217 11.76 7.22 -25.90
N SER A 217 11.75 7.22 -25.91
CA SER A 217 11.58 7.52 -24.48
CA SER A 217 11.56 7.50 -24.48
C SER A 217 12.84 7.52 -23.65
C SER A 217 12.83 7.50 -23.65
N MET A 218 13.89 6.86 -24.13
CA MET A 218 15.11 6.73 -23.36
C MET A 218 16.32 7.34 -24.06
N VAL A 219 17.06 8.17 -23.33
CA VAL A 219 18.29 8.77 -23.78
C VAL A 219 19.44 8.06 -23.08
N ILE A 220 20.44 7.63 -23.87
CA ILE A 220 21.64 7.06 -23.31
C ILE A 220 22.82 7.90 -23.87
N ALA A 221 23.66 8.46 -22.99
CA ALA A 221 24.84 9.21 -23.41
C ALA A 221 25.98 8.22 -23.57
N VAL A 222 26.51 8.12 -24.79
CA VAL A 222 27.61 7.22 -25.09
C VAL A 222 28.93 7.88 -24.72
N PRO A 223 29.81 7.17 -24.02
CA PRO A 223 31.10 7.76 -23.64
C PRO A 223 32.06 7.96 -24.81
N GLU A 224 33.22 8.56 -24.54
CA GLU A 224 34.27 8.67 -25.54
C GLU A 224 34.83 7.23 -25.78
N PRO A 225 35.40 6.95 -26.97
CA PRO A 225 35.75 7.88 -28.05
C PRO A 225 34.60 8.37 -28.92
N PHE A 226 33.51 7.60 -29.02
CA PHE A 226 32.43 7.96 -29.93
C PHE A 226 31.51 9.13 -29.48
N GLY A 227 31.16 9.22 -28.20
CA GLY A 227 30.25 10.29 -27.75
C GLY A 227 28.86 10.13 -28.36
N GLY A 228 28.08 11.20 -28.35
CA GLY A 228 26.73 11.17 -28.93
C GLY A 228 25.72 10.51 -28.04
N ALA A 229 24.57 10.16 -28.61
CA ALA A 229 23.51 9.58 -27.84
C ALA A 229 22.73 8.50 -28.54
N ILE A 230 22.21 7.57 -27.76
CA ILE A 230 21.40 6.51 -28.28
C ILE A 230 19.99 6.78 -27.79
N ILE A 231 19.04 6.72 -28.71
CA ILE A 231 17.67 6.96 -28.36
C ILE A 231 16.85 5.70 -28.56
N ILE A 232 16.20 5.23 -27.51
CA ILE A 232 15.38 4.03 -27.60
C ILE A 232 13.90 4.33 -27.59
N GLY A 233 13.18 3.78 -28.56
CA GLY A 233 11.73 3.88 -28.63
C GLY A 233 11.06 2.52 -28.56
N GLN A 234 9.82 2.45 -29.04
CA GLN A 234 9.01 1.23 -29.05
C GLN A 234 9.53 0.20 -30.06
N GLU A 235 9.86 0.64 -31.27
CA GLU A 235 10.29 -0.25 -32.35
C GLU A 235 11.70 0.03 -32.86
N SER A 236 12.33 1.14 -32.45
CA SER A 236 13.63 1.48 -33.01
C SER A 236 14.65 1.94 -31.98
N ILE A 237 15.93 1.84 -32.36
CA ILE A 237 17.04 2.31 -31.57
C ILE A 237 17.86 3.16 -32.52
N THR A 238 18.10 4.43 -32.17
CA THR A 238 18.90 5.29 -33.05
C THR A 238 20.14 5.81 -32.35
N TYR A 239 21.16 6.15 -33.14
CA TYR A 239 22.37 6.77 -32.64
C TYR A 239 22.48 8.16 -33.31
N HIS A 240 22.93 9.16 -32.55
CA HIS A 240 23.09 10.50 -33.08
C HIS A 240 24.33 11.15 -32.52
N ASN A 241 25.02 11.90 -33.34
CA ASN A 241 26.12 12.76 -32.96
C ASN A 241 26.06 14.00 -33.93
N GLY A 242 27.01 14.93 -33.85
CA GLY A 242 27.00 16.14 -34.68
C GLY A 242 26.61 15.98 -36.14
N ASP A 243 27.00 14.87 -36.78
CA ASP A 243 26.72 14.56 -38.17
C ASP A 243 26.19 13.12 -38.37
N LYS A 244 26.74 12.16 -37.61
CA LYS A 244 26.41 10.75 -37.68
C LYS A 244 24.98 10.40 -37.23
N TYR A 245 24.37 9.45 -37.95
CA TYR A 245 23.03 8.98 -37.64
C TYR A 245 22.91 7.50 -38.03
N LEU A 246 22.56 6.64 -37.06
CA LEU A 246 22.37 5.20 -37.28
C LEU A 246 20.97 4.83 -36.78
N ALA A 247 20.28 3.92 -37.47
CA ALA A 247 18.96 3.49 -37.05
C ALA A 247 18.74 2.02 -37.28
N ILE A 248 18.21 1.34 -36.28
CA ILE A 248 17.86 -0.07 -36.40
C ILE A 248 16.45 -0.26 -35.87
N ALA A 249 15.73 -1.21 -36.45
CA ALA A 249 14.39 -1.55 -35.99
C ALA A 249 14.29 -3.06 -36.08
N PRO A 250 14.99 -3.79 -35.20
CA PRO A 250 14.99 -5.25 -35.30
C PRO A 250 13.74 -5.98 -34.82
N PRO A 251 13.37 -7.08 -35.51
CA PRO A 251 12.23 -7.89 -35.05
C PRO A 251 12.34 -8.39 -33.59
N ILE A 252 13.55 -8.56 -33.06
CA ILE A 252 13.75 -9.08 -31.71
C ILE A 252 13.16 -8.14 -30.64
N ILE A 253 13.02 -6.85 -30.93
CA ILE A 253 12.43 -5.90 -29.98
C ILE A 253 10.97 -5.56 -30.30
N LYS A 254 10.36 -6.12 -31.38
CA LYS A 254 8.95 -5.86 -31.76
C LYS A 254 7.96 -5.98 -30.60
N GLN A 255 8.00 -7.08 -29.84
CA GLN A 255 7.08 -7.27 -28.71
C GLN A 255 7.53 -6.57 -27.42
N SER A 256 8.63 -5.82 -27.44
CA SER A 256 9.15 -5.17 -26.24
C SER A 256 8.97 -3.68 -26.16
N THR A 257 8.74 -3.20 -24.93
CA THR A 257 8.83 -1.79 -24.61
C THR A 257 10.04 -1.76 -23.67
N ILE A 258 11.19 -1.27 -24.16
CA ILE A 258 12.41 -1.23 -23.37
C ILE A 258 12.32 -0.06 -22.40
N VAL A 259 12.47 -0.33 -21.09
CA VAL A 259 12.29 0.70 -20.05
C VAL A 259 13.48 0.86 -19.09
N CYS A 260 14.50 -0.02 -19.18
CA CYS A 260 15.70 0.19 -18.39
C CYS A 260 16.96 -0.21 -19.15
N HIS A 261 18.06 0.41 -18.79
CA HIS A 261 19.33 0.11 -19.42
C HIS A 261 20.49 0.25 -18.42
N ASN A 262 21.65 -0.23 -18.81
CA ASN A 262 22.88 -0.09 -18.06
C ASN A 262 24.04 -0.28 -19.03
N ARG A 263 25.11 0.46 -18.84
CA ARG A 263 26.30 0.34 -19.65
C ARG A 263 27.18 -0.76 -19.11
N VAL A 264 27.64 -1.67 -19.97
CA VAL A 264 28.50 -2.76 -19.55
C VAL A 264 29.97 -2.36 -19.43
N ASP A 265 30.54 -1.80 -20.49
N ASP A 265 30.53 -1.81 -20.51
CA ASP A 265 31.96 -1.44 -20.48
CA ASP A 265 31.94 -1.42 -20.64
C ASP A 265 32.16 0.07 -20.50
C ASP A 265 32.15 0.08 -20.50
N PRO A 266 33.30 0.54 -19.96
CA PRO A 266 33.55 1.99 -19.92
C PRO A 266 33.50 2.71 -21.27
N ASN A 267 33.90 2.05 -22.38
CA ASN A 267 33.86 2.73 -23.69
C ASN A 267 32.49 2.70 -24.39
N GLY A 268 31.48 2.10 -23.76
CA GLY A 268 30.13 2.09 -24.29
C GLY A 268 29.88 1.17 -25.47
N SER A 269 30.72 0.16 -25.66
N SER A 269 30.73 0.16 -25.65
CA SER A 269 30.54 -0.80 -26.74
CA SER A 269 30.55 -0.78 -26.75
C SER A 269 29.34 -1.71 -26.51
C SER A 269 29.34 -1.72 -26.51
N ARG A 270 28.94 -1.93 -25.23
CA ARG A 270 27.80 -2.81 -24.91
C ARG A 270 26.92 -2.25 -23.81
N TYR A 271 25.61 -2.40 -23.97
CA TYR A 271 24.58 -1.96 -23.03
C TYR A 271 23.61 -3.10 -22.79
N LEU A 272 23.11 -3.22 -21.57
CA LEU A 272 22.08 -4.19 -21.25
C LEU A 272 20.76 -3.42 -21.32
N LEU A 273 19.72 -4.03 -21.88
CA LEU A 273 18.40 -3.41 -21.97
C LEU A 273 17.36 -4.35 -21.41
N GLY A 274 16.41 -3.81 -20.66
CA GLY A 274 15.35 -4.63 -20.10
C GLY A 274 14.00 -4.11 -20.55
N ASP A 275 13.09 -5.00 -20.91
CA ASP A 275 11.77 -4.56 -21.33
C ASP A 275 10.77 -4.66 -20.13
N MET A 276 9.45 -4.52 -20.38
CA MET A 276 8.46 -4.56 -19.31
C MET A 276 8.09 -5.98 -18.90
N GLU A 277 8.62 -7.00 -19.57
CA GLU A 277 8.21 -8.37 -19.37
C GLU A 277 9.31 -9.35 -19.00
N GLY A 278 10.49 -8.87 -18.62
CA GLY A 278 11.56 -9.78 -18.23
C GLY A 278 12.57 -10.12 -19.30
N ARG A 279 12.42 -9.62 -20.54
CA ARG A 279 13.43 -9.92 -21.56
C ARG A 279 14.65 -9.06 -21.30
N LEU A 280 15.81 -9.66 -21.45
CA LEU A 280 17.06 -8.94 -21.26
C LEU A 280 17.79 -8.98 -22.62
N PHE A 281 18.26 -7.85 -23.08
CA PHE A 281 18.95 -7.73 -24.34
C PHE A 281 20.36 -7.16 -24.17
N MET A 282 21.25 -7.42 -25.14
CA MET A 282 22.54 -6.75 -25.20
C MET A 282 22.49 -5.89 -26.46
N LEU A 283 22.78 -4.59 -26.33
CA LEU A 283 22.86 -3.68 -27.44
C LEU A 283 24.35 -3.48 -27.65
N LEU A 284 24.80 -3.72 -28.88
CA LEU A 284 26.20 -3.63 -29.22
C LEU A 284 26.43 -2.51 -30.22
N LEU A 285 27.46 -1.69 -29.97
CA LEU A 285 27.82 -0.59 -30.87
C LEU A 285 28.98 -1.09 -31.72
N GLU A 286 28.71 -1.38 -32.98
CA GLU A 286 29.70 -1.95 -33.89
C GLU A 286 30.58 -0.90 -34.52
N LYS A 287 31.89 -1.14 -34.51
CA LYS A 287 32.85 -0.18 -35.07
C LYS A 287 33.54 -0.70 -36.33
N GLU A 288 34.05 0.22 -37.16
CA GLU A 288 34.75 -0.08 -38.40
C GLU A 288 35.94 0.87 -38.58
CA VAL A 295 37.78 3.28 -35.74
C VAL A 295 36.58 4.23 -35.64
N THR A 296 35.53 3.96 -36.42
CA THR A 296 34.31 4.78 -36.34
C THR A 296 33.08 3.91 -35.99
N LEU A 297 31.98 4.53 -35.54
CA LEU A 297 30.76 3.80 -35.22
C LEU A 297 29.97 3.48 -36.48
N LYS A 298 29.96 2.21 -36.89
CA LYS A 298 29.30 1.80 -38.12
C LYS A 298 27.85 1.33 -37.97
N ASP A 299 27.52 0.54 -36.92
CA ASP A 299 26.16 0.02 -36.80
C ASP A 299 25.75 -0.32 -35.36
N LEU A 300 24.48 -0.69 -35.16
CA LEU A 300 23.92 -1.11 -33.89
C LEU A 300 23.37 -2.50 -34.05
N ARG A 301 23.48 -3.32 -33.02
CA ARG A 301 22.98 -4.67 -33.07
C ARG A 301 22.38 -5.05 -31.71
N VAL A 302 21.22 -5.70 -31.72
CA VAL A 302 20.57 -6.17 -30.50
C VAL A 302 20.51 -7.69 -30.48
N GLU A 303 20.81 -8.29 -29.32
N GLU A 303 20.83 -8.28 -29.32
CA GLU A 303 20.72 -9.73 -29.16
CA GLU A 303 20.78 -9.73 -29.11
C GLU A 303 19.88 -10.03 -27.92
C GLU A 303 19.84 -9.99 -27.93
N LEU A 304 18.97 -11.00 -28.02
CA LEU A 304 18.09 -11.35 -26.89
C LEU A 304 18.90 -12.33 -26.04
N LEU A 305 19.18 -11.99 -24.77
CA LEU A 305 19.97 -12.82 -23.84
C LEU A 305 19.15 -13.87 -23.12
N GLY A 306 17.91 -13.57 -22.86
CA GLY A 306 17.03 -14.48 -22.14
C GLY A 306 16.09 -13.74 -21.21
N GLU A 307 15.59 -14.45 -20.21
CA GLU A 307 14.59 -13.93 -19.31
C GLU A 307 15.09 -13.76 -17.87
N THR A 308 14.76 -12.61 -17.29
CA THR A 308 15.11 -12.33 -15.90
C THR A 308 13.76 -12.01 -15.22
N SER A 309 13.79 -11.61 -13.92
CA SER A 309 12.61 -11.03 -13.29
C SER A 309 12.34 -9.74 -14.04
N ILE A 310 11.10 -9.27 -14.06
CA ILE A 310 10.76 -7.97 -14.65
C ILE A 310 11.62 -6.89 -13.98
N ALA A 311 12.50 -6.27 -14.76
CA ALA A 311 13.51 -5.39 -14.23
C ALA A 311 13.08 -3.96 -14.16
N GLU A 312 13.19 -3.41 -12.97
CA GLU A 312 13.00 -1.99 -12.78
C GLU A 312 14.34 -1.31 -13.17
N CYS A 313 15.46 -1.92 -12.77
CA CYS A 313 16.79 -1.38 -12.98
C CYS A 313 17.77 -2.53 -13.14
N LEU A 314 18.88 -2.27 -13.83
CA LEU A 314 19.91 -3.28 -14.11
C LEU A 314 21.25 -2.66 -13.82
N THR A 315 22.21 -3.47 -13.40
CA THR A 315 23.56 -2.97 -13.19
C THR A 315 24.55 -4.12 -13.40
N TYR A 316 25.48 -3.94 -14.36
CA TYR A 316 26.53 -4.92 -14.60
C TYR A 316 27.50 -4.78 -13.43
N LEU A 317 27.98 -5.89 -12.87
CA LEU A 317 28.89 -5.83 -11.72
C LEU A 317 30.30 -6.12 -12.21
N ASP A 318 30.63 -7.38 -12.35
CA ASP A 318 31.89 -7.83 -12.89
C ASP A 318 31.74 -9.32 -13.12
N ASN A 319 32.70 -9.94 -13.83
CA ASN A 319 32.69 -11.39 -14.02
C ASN A 319 31.46 -11.90 -14.73
N GLY A 320 30.87 -11.07 -15.60
CA GLY A 320 29.67 -11.46 -16.31
C GLY A 320 28.43 -11.50 -15.44
N VAL A 321 28.48 -10.90 -14.24
CA VAL A 321 27.34 -10.91 -13.32
C VAL A 321 26.57 -9.58 -13.36
N VAL A 322 25.26 -9.68 -13.41
CA VAL A 322 24.35 -8.53 -13.48
C VAL A 322 23.39 -8.59 -12.31
N PHE A 323 23.16 -7.43 -11.69
CA PHE A 323 22.15 -7.32 -10.67
C PHE A 323 20.90 -6.84 -11.37
N VAL A 324 19.79 -7.55 -11.15
CA VAL A 324 18.50 -7.19 -11.70
C VAL A 324 17.69 -6.72 -10.49
N GLY A 325 17.39 -5.43 -10.43
CA GLY A 325 16.57 -4.86 -9.36
C GLY A 325 15.13 -4.94 -9.81
N SER A 326 14.28 -5.61 -9.03
CA SER A 326 12.88 -5.77 -9.44
C SER A 326 11.91 -5.11 -8.45
N ARG A 327 10.86 -4.53 -8.98
CA ARG A 327 9.76 -3.98 -8.20
C ARG A 327 8.59 -4.99 -8.18
N LEU A 328 8.41 -5.76 -9.26
CA LEU A 328 7.26 -6.68 -9.40
C LEU A 328 7.55 -8.12 -9.03
N GLY A 329 8.82 -8.49 -8.93
CA GLY A 329 9.18 -9.85 -8.55
C GLY A 329 10.45 -9.84 -7.73
N ASP A 330 11.03 -11.00 -7.53
CA ASP A 330 12.30 -11.09 -6.80
C ASP A 330 13.42 -10.42 -7.56
N SER A 331 14.33 -9.74 -6.83
CA SER A 331 15.52 -9.22 -7.48
C SER A 331 16.47 -10.41 -7.71
N GLN A 332 17.51 -10.25 -8.57
CA GLN A 332 18.40 -11.37 -8.86
C GLN A 332 19.84 -10.95 -9.12
N LEU A 333 20.72 -11.95 -9.07
CA LEU A 333 22.05 -11.92 -9.63
C LEU A 333 21.92 -12.91 -10.79
N VAL A 334 22.23 -12.45 -12.01
CA VAL A 334 22.22 -13.35 -13.18
C VAL A 334 23.63 -13.37 -13.78
N LYS A 335 23.99 -14.49 -14.42
CA LYS A 335 25.29 -14.65 -15.05
C LYS A 335 25.14 -14.69 -16.57
N LEU A 336 25.83 -13.81 -17.26
CA LEU A 336 25.81 -13.78 -18.70
C LEU A 336 26.89 -14.75 -19.13
N ASN A 337 26.53 -16.02 -19.41
CA ASN A 337 27.52 -16.98 -19.88
C ASN A 337 28.02 -16.57 -21.27
N VAL A 338 27.13 -15.94 -22.09
CA VAL A 338 27.45 -15.39 -23.39
N ASN A 341 30.29 -18.36 -28.89
CA ASN A 341 30.73 -19.13 -30.06
C ASN A 341 29.86 -20.38 -30.31
N GLU A 342 29.95 -21.43 -29.47
CA GLU A 342 29.14 -22.64 -29.59
C GLU A 342 27.64 -22.33 -29.42
N GLN A 343 27.34 -21.35 -28.60
CA GLN A 343 25.98 -20.94 -28.35
C GLN A 343 25.88 -19.43 -28.51
N GLY A 344 24.64 -18.95 -28.55
CA GLY A 344 24.43 -17.51 -28.56
C GLY A 344 24.69 -16.94 -27.17
N SER A 345 24.60 -15.63 -27.04
CA SER A 345 24.74 -14.99 -25.74
C SER A 345 23.45 -15.30 -24.96
N TYR A 346 23.59 -15.67 -23.70
CA TYR A 346 22.44 -15.94 -22.86
C TYR A 346 22.73 -15.70 -21.37
N VAL A 347 21.68 -15.57 -20.55
CA VAL A 347 21.81 -15.39 -19.12
C VAL A 347 21.23 -16.54 -18.33
N VAL A 348 21.83 -16.83 -17.16
CA VAL A 348 21.42 -17.87 -16.22
C VAL A 348 21.25 -17.21 -14.85
N ALA A 349 20.13 -17.45 -14.13
CA ALA A 349 19.97 -16.88 -12.78
C ALA A 349 20.92 -17.57 -11.82
N MET A 350 21.62 -16.83 -10.95
CA MET A 350 22.56 -17.38 -9.96
C MET A 350 21.93 -17.29 -8.55
N GLU A 351 21.30 -16.16 -8.26
CA GLU A 351 20.78 -15.89 -6.94
C GLU A 351 19.47 -15.08 -7.02
N THR A 352 18.59 -15.29 -6.05
CA THR A 352 17.30 -14.67 -5.95
C THR A 352 17.22 -13.92 -4.61
N PHE A 353 16.63 -12.73 -4.63
CA PHE A 353 16.46 -11.95 -3.42
C PHE A 353 14.98 -11.73 -3.24
N THR A 354 14.44 -12.12 -2.09
CA THR A 354 13.01 -11.96 -1.82
C THR A 354 12.46 -10.53 -2.03
N ASN A 355 11.35 -10.45 -2.78
CA ASN A 355 10.60 -9.21 -2.89
C ASN A 355 9.15 -9.58 -2.65
N LEU A 356 8.55 -9.03 -1.61
CA LEU A 356 7.13 -9.27 -1.34
C LEU A 356 6.18 -8.34 -2.13
N GLY A 357 6.73 -7.28 -2.73
CA GLY A 357 5.93 -6.30 -3.40
C GLY A 357 5.59 -6.55 -4.86
N PRO A 358 4.53 -5.88 -5.35
CA PRO A 358 3.50 -5.16 -4.57
C PRO A 358 2.69 -6.17 -3.74
N ILE A 359 2.34 -5.82 -2.51
CA ILE A 359 1.42 -6.64 -1.72
C ILE A 359 0.04 -6.06 -2.06
N VAL A 360 -0.76 -6.79 -2.87
CA VAL A 360 -2.05 -6.25 -3.30
C VAL A 360 -3.20 -6.68 -2.39
N ASP A 361 -3.01 -7.78 -1.64
CA ASP A 361 -3.96 -8.29 -0.66
C ASP A 361 -3.19 -9.18 0.29
N MET A 362 -3.77 -9.44 1.44
CA MET A 362 -3.19 -10.35 2.41
C MET A 362 -4.22 -10.82 3.43
N CYS A 363 -3.91 -11.95 4.08
CA CYS A 363 -4.74 -12.50 5.14
C CYS A 363 -3.86 -13.15 6.21
N VAL A 364 -4.42 -13.31 7.39
CA VAL A 364 -3.75 -13.94 8.52
C VAL A 364 -4.37 -15.31 8.77
N VAL A 365 -3.49 -16.26 9.04
CA VAL A 365 -3.85 -17.62 9.37
C VAL A 365 -3.35 -17.84 10.79
N ASP A 366 -4.23 -18.37 11.64
CA ASP A 366 -4.08 -18.67 13.09
C ASP A 366 -4.29 -17.50 14.05
N LEU A 367 -4.18 -17.78 15.34
CA LEU A 367 -4.40 -16.79 16.40
C LEU A 367 -3.92 -17.29 17.74
C GLY A 373 0.90 -16.52 11.81
N GLN A 374 0.45 -16.94 10.64
CA GLN A 374 1.17 -16.60 9.43
C GLN A 374 0.44 -15.59 8.59
N LEU A 375 1.19 -14.74 7.94
CA LEU A 375 0.64 -13.78 7.02
C LEU A 375 0.82 -14.39 5.64
N VAL A 376 -0.23 -14.35 4.82
CA VAL A 376 -0.16 -14.83 3.45
C VAL A 376 -0.49 -13.64 2.55
N THR A 377 0.45 -13.27 1.67
CA THR A 377 0.21 -12.16 0.77
C THR A 377 -0.01 -12.63 -0.66
N CYS A 378 -0.72 -11.78 -1.44
CA CYS A 378 -0.85 -11.81 -2.88
C CYS A 378 0.24 -10.84 -3.28
N SER A 379 1.34 -11.36 -3.81
CA SER A 379 2.53 -10.59 -4.14
C SER A 379 2.84 -10.63 -5.59
N GLY A 380 3.53 -9.59 -6.07
CA GLY A 380 3.99 -9.47 -7.43
C GLY A 380 2.89 -9.19 -8.43
N ALA A 381 3.23 -9.34 -9.71
CA ALA A 381 2.31 -9.16 -10.82
C ALA A 381 2.82 -9.88 -12.04
N PHE A 382 1.89 -10.26 -12.93
CA PHE A 382 2.21 -10.91 -14.19
C PHE A 382 2.96 -12.22 -13.95
N LYS A 383 4.04 -12.54 -14.69
CA LYS A 383 4.77 -13.80 -14.49
C LYS A 383 5.42 -13.91 -13.10
N GLU A 384 5.57 -12.77 -12.38
CA GLU A 384 6.16 -12.74 -11.03
C GLU A 384 5.14 -12.96 -9.91
N GLY A 385 3.85 -13.04 -10.25
CA GLY A 385 2.78 -13.21 -9.29
C GLY A 385 2.98 -14.42 -8.40
N SER A 386 2.75 -14.26 -7.09
CA SER A 386 2.97 -15.34 -6.15
C SER A 386 2.16 -15.19 -4.89
N LEU A 387 2.12 -16.25 -4.07
CA LEU A 387 1.72 -16.13 -2.71
C LEU A 387 3.02 -16.14 -1.90
N ARG A 388 3.07 -15.38 -0.79
CA ARG A 388 4.22 -15.46 0.11
C ARG A 388 3.64 -15.80 1.47
N ILE A 389 4.12 -16.90 2.05
CA ILE A 389 3.68 -17.39 3.34
C ILE A 389 4.76 -17.00 4.36
N ILE A 390 4.41 -16.09 5.25
CA ILE A 390 5.36 -15.52 6.18
C ILE A 390 5.10 -15.93 7.61
N ARG A 391 6.13 -16.45 8.27
CA ARG A 391 6.06 -16.75 9.69
C ARG A 391 7.39 -16.51 10.38
N ASN A 392 7.34 -16.07 11.62
CA ASN A 392 8.50 -15.83 12.43
C ASN A 392 8.84 -17.14 13.14
N GLY A 393 10.11 -17.37 13.42
CA GLY A 393 10.52 -18.58 14.13
C GLY A 393 11.95 -18.95 13.94
N ILE A 394 12.33 -20.07 14.52
CA ILE A 394 13.68 -20.58 14.44
C ILE A 394 13.68 -21.71 13.43
N GLY A 395 14.44 -21.51 12.36
CA GLY A 395 14.57 -22.53 11.33
C GLY A 395 15.56 -23.61 11.73
N ILE A 396 15.49 -24.74 11.03
CA ILE A 396 16.39 -25.86 11.22
C ILE A 396 17.01 -26.17 9.87
N HIS A 397 18.34 -26.19 9.77
N HIS A 397 18.34 -26.19 9.78
CA HIS A 397 19.00 -26.54 8.51
CA HIS A 397 19.04 -26.55 8.54
C HIS A 397 19.10 -28.06 8.50
C HIS A 397 19.07 -28.08 8.54
N GLU A 398 18.28 -28.73 7.68
CA GLU A 398 18.27 -30.19 7.62
C GLU A 398 19.45 -30.73 6.82
N HIS A 399 20.20 -31.67 7.42
CA HIS A 399 21.37 -32.27 6.80
C HIS A 399 21.13 -33.71 6.34
N ALA A 400 20.25 -34.43 7.03
CA ALA A 400 20.00 -35.83 6.73
C ALA A 400 18.56 -36.20 7.01
N SER A 401 18.06 -37.21 6.32
CA SER A 401 16.72 -37.72 6.51
C SER A 401 16.75 -39.26 6.43
N ILE A 402 16.09 -39.95 7.38
CA ILE A 402 16.02 -41.41 7.43
C ILE A 402 14.56 -41.87 7.55
N ASP A 403 14.15 -42.73 6.61
CA ASP A 403 12.81 -43.28 6.57
C ASP A 403 12.78 -44.43 7.59
N LEU A 404 12.23 -44.13 8.77
CA LEU A 404 12.12 -45.07 9.89
C LEU A 404 10.86 -44.71 10.68
N PRO A 405 9.73 -45.33 10.36
CA PRO A 405 8.48 -44.95 11.03
C PRO A 405 8.26 -45.50 12.43
N GLY A 406 7.37 -44.86 13.18
CA GLY A 406 6.97 -45.31 14.50
C GLY A 406 7.92 -45.05 15.65
N ILE A 407 8.85 -44.11 15.48
CA ILE A 407 9.80 -43.77 16.55
C ILE A 407 9.05 -43.24 17.79
N LYS A 408 9.38 -43.81 18.94
CA LYS A 408 8.78 -43.46 20.23
C LYS A 408 9.77 -42.79 21.20
N GLY A 409 11.00 -42.55 20.76
CA GLY A 409 12.04 -41.96 21.60
C GLY A 409 13.37 -41.92 20.91
N LEU A 410 14.23 -40.98 21.32
CA LEU A 410 15.55 -40.76 20.69
C LEU A 410 16.59 -40.47 21.76
N TRP A 411 17.78 -41.08 21.67
CA TRP A 411 18.82 -40.78 22.65
C TRP A 411 20.21 -40.78 22.03
N PRO A 412 21.00 -39.72 22.29
CA PRO A 412 22.39 -39.73 21.81
C PRO A 412 23.27 -40.57 22.75
N LEU A 413 24.38 -41.08 22.22
CA LEU A 413 25.24 -41.93 22.99
C LEU A 413 26.69 -41.86 22.48
N ARG A 414 27.65 -41.96 23.40
CA ARG A 414 29.07 -42.00 23.07
C ARG A 414 29.54 -43.42 23.38
N SER A 415 29.59 -44.31 22.39
CA SER A 415 30.02 -45.70 22.61
C SER A 415 31.53 -45.86 22.87
N ASP A 416 32.30 -44.79 22.70
CA ASP A 416 33.75 -44.77 22.88
C ASP A 416 34.06 -43.85 24.06
N PRO A 417 34.58 -44.41 25.16
CA PRO A 417 34.92 -43.57 26.32
C PRO A 417 36.09 -42.61 26.12
N ASN A 418 36.86 -42.77 25.03
CA ASN A 418 37.99 -41.87 24.76
C ASN A 418 37.64 -40.75 23.76
N ARG A 419 36.34 -40.54 23.48
CA ARG A 419 35.87 -39.48 22.61
C ARG A 419 34.72 -38.71 23.28
N GLU A 420 34.74 -37.37 23.19
CA GLU A 420 33.69 -36.56 23.81
C GLU A 420 32.44 -36.40 22.95
N THR A 421 32.51 -36.80 21.69
CA THR A 421 31.46 -36.62 20.73
C THR A 421 30.55 -37.86 20.64
N ASP A 422 29.27 -37.65 20.32
CA ASP A 422 28.31 -38.75 20.15
C ASP A 422 28.62 -39.49 18.86
N ASP A 423 28.43 -40.79 18.87
CA ASP A 423 28.60 -41.63 17.68
C ASP A 423 27.43 -42.62 17.51
N THR A 424 26.39 -42.51 18.34
CA THR A 424 25.31 -43.45 18.35
C THR A 424 24.01 -42.73 18.62
N LEU A 425 22.95 -43.16 17.91
CA LEU A 425 21.61 -42.67 18.12
C LEU A 425 20.79 -43.92 18.45
N VAL A 426 20.16 -43.97 19.60
CA VAL A 426 19.32 -45.09 19.98
C VAL A 426 17.87 -44.68 19.83
N LEU A 427 17.10 -45.48 19.12
CA LEU A 427 15.70 -45.18 18.83
C LEU A 427 14.80 -46.23 19.44
N SER A 428 13.70 -45.80 20.09
CA SER A 428 12.75 -46.78 20.60
C SER A 428 11.51 -46.81 19.69
N PHE A 429 10.84 -47.93 19.68
CA PHE A 429 9.64 -48.22 18.91
C PHE A 429 8.72 -48.96 19.87
N VAL A 430 7.44 -49.18 19.50
CA VAL A 430 6.51 -49.91 20.37
C VAL A 430 7.04 -51.33 20.58
N GLY A 431 7.43 -51.64 21.82
CA GLY A 431 8.00 -52.93 22.18
C GLY A 431 9.29 -53.28 21.44
N GLN A 432 10.12 -52.26 21.10
CA GLN A 432 11.36 -52.49 20.36
C GLN A 432 12.37 -51.33 20.51
N THR A 433 13.69 -51.61 20.35
CA THR A 433 14.77 -50.63 20.42
C THR A 433 15.77 -50.94 19.31
N ARG A 434 16.18 -49.90 18.57
CA ARG A 434 17.14 -49.99 17.48
C ARG A 434 18.33 -49.04 17.72
N VAL A 435 19.51 -49.41 17.24
CA VAL A 435 20.71 -48.61 17.45
C VAL A 435 21.32 -48.21 16.10
N LEU A 436 21.61 -46.93 15.91
CA LEU A 436 22.24 -46.43 14.69
C LEU A 436 23.62 -45.90 15.01
N MET A 437 24.65 -46.36 14.30
CA MET A 437 25.99 -45.83 14.49
C MET A 437 26.25 -44.71 13.45
N LEU A 438 27.03 -43.70 13.86
CA LEU A 438 27.36 -42.56 13.03
C LEU A 438 28.88 -42.51 12.82
N ASN A 439 29.30 -42.39 11.56
CA ASN A 439 30.71 -42.27 11.17
C ASN A 439 30.68 -41.22 10.08
N GLY A 440 30.96 -39.96 10.45
CA GLY A 440 30.82 -38.84 9.53
C GLY A 440 29.34 -38.66 9.24
N GLU A 441 28.97 -38.60 7.95
CA GLU A 441 27.54 -38.52 7.59
C GLU A 441 26.94 -39.90 7.20
N GLU A 442 27.67 -40.99 7.48
CA GLU A 442 27.24 -42.34 7.19
C GLU A 442 26.58 -42.92 8.42
N VAL A 443 25.27 -43.17 8.34
CA VAL A 443 24.51 -43.78 9.42
C VAL A 443 24.32 -45.24 9.07
N GLU A 444 24.57 -46.14 10.03
CA GLU A 444 24.43 -47.56 9.78
C GLU A 444 23.85 -48.21 10.99
N GLU A 445 22.75 -48.93 10.83
CA GLU A 445 22.15 -49.65 11.94
C GLU A 445 23.06 -50.77 12.40
N THR A 446 23.22 -50.89 13.71
CA THR A 446 24.08 -51.90 14.32
C THR A 446 23.33 -52.53 15.54
N GLU A 447 24.05 -53.28 16.35
CA GLU A 447 23.58 -53.83 17.61
C GLU A 447 24.47 -53.20 18.70
N LEU A 448 23.97 -53.18 19.93
CA LEU A 448 24.76 -52.67 21.04
C LEU A 448 24.83 -53.78 22.07
N MET A 449 25.99 -54.42 22.22
CA MET A 449 26.14 -55.52 23.19
C MET A 449 25.87 -55.00 24.61
N GLY A 450 24.90 -55.60 25.26
CA GLY A 450 24.47 -55.17 26.58
C GLY A 450 23.08 -54.58 26.57
N PHE A 451 22.64 -54.04 25.41
CA PHE A 451 21.31 -53.47 25.26
C PHE A 451 20.38 -54.50 24.64
N VAL A 452 19.14 -54.56 25.11
CA VAL A 452 18.15 -55.46 24.53
C VAL A 452 17.41 -54.73 23.39
N ASP A 453 17.13 -55.43 22.30
CA ASP A 453 16.42 -54.88 21.15
C ASP A 453 14.92 -55.21 21.17
N ASP A 454 14.45 -56.05 22.11
CA ASP A 454 13.08 -56.55 22.17
C ASP A 454 12.21 -55.89 23.23
N GLN A 455 12.65 -54.77 23.79
CA GLN A 455 11.89 -54.02 24.78
C GLN A 455 11.93 -52.55 24.37
N GLN A 456 10.84 -51.81 24.65
CA GLN A 456 10.81 -50.39 24.35
C GLN A 456 11.69 -49.68 25.37
N THR A 457 12.54 -48.77 24.90
CA THR A 457 13.42 -48.03 25.80
C THR A 457 12.72 -46.75 26.25
N PHE A 458 12.76 -46.48 27.56
CA PHE A 458 12.22 -45.24 28.11
C PHE A 458 13.33 -44.18 28.28
N PHE A 459 14.60 -44.63 28.39
CA PHE A 459 15.80 -43.82 28.54
C PHE A 459 17.04 -44.68 28.33
N CYS A 460 18.07 -44.10 27.74
CA CYS A 460 19.39 -44.70 27.63
C CYS A 460 20.45 -43.60 27.46
N GLY A 461 21.69 -43.89 27.86
CA GLY A 461 22.75 -42.92 27.68
C GLY A 461 24.02 -43.19 28.47
N ASN A 462 24.97 -42.24 28.42
CA ASN A 462 26.21 -42.37 29.15
C ASN A 462 25.98 -42.01 30.60
N VAL A 463 26.47 -42.87 31.50
CA VAL A 463 26.38 -42.66 32.94
C VAL A 463 27.79 -42.74 33.61
N ALA A 464 27.89 -42.38 34.91
CA ALA A 464 29.13 -42.38 35.70
C ALA A 464 29.87 -43.70 35.65
N HIS A 465 31.21 -43.64 35.87
CA HIS A 465 32.12 -44.78 35.89
C HIS A 465 32.30 -45.44 34.53
N GLN A 466 32.34 -44.62 33.44
CA GLN A 466 32.54 -45.09 32.06
C GLN A 466 31.54 -46.20 31.69
N GLN A 467 30.26 -45.97 31.97
CA GLN A 467 29.23 -46.96 31.71
C GLN A 467 28.08 -46.39 30.86
N LEU A 468 27.21 -47.27 30.38
CA LEU A 468 26.00 -46.94 29.64
C LEU A 468 24.81 -47.51 30.39
N ILE A 469 23.65 -46.90 30.23
CA ILE A 469 22.43 -47.40 30.88
C ILE A 469 21.31 -47.56 29.85
N GLN A 470 20.44 -48.54 30.06
CA GLN A 470 19.28 -48.74 29.22
C GLN A 470 18.11 -49.08 30.13
N ILE A 471 17.14 -48.18 30.22
CA ILE A 471 15.97 -48.40 31.05
C ILE A 471 14.81 -48.72 30.12
N THR A 472 14.26 -49.92 30.26
CA THR A 472 13.15 -50.41 29.46
C THR A 472 11.92 -50.65 30.41
N SER A 473 10.79 -51.12 29.87
CA SER A 473 9.63 -51.51 30.65
C SER A 473 10.01 -52.70 31.56
N ALA A 474 10.83 -53.63 31.06
CA ALA A 474 11.26 -54.77 31.85
C ALA A 474 12.27 -54.45 32.96
N SER A 475 13.37 -53.72 32.66
CA SER A 475 14.41 -53.49 33.68
C SER A 475 15.33 -52.28 33.44
N VAL A 476 16.30 -52.06 34.37
CA VAL A 476 17.35 -51.04 34.26
C VAL A 476 18.64 -51.83 34.02
N ARG A 477 19.29 -51.63 32.86
CA ARG A 477 20.48 -52.37 32.47
C ARG A 477 21.74 -51.49 32.46
N LEU A 478 22.75 -51.87 33.25
CA LEU A 478 24.03 -51.16 33.29
C LEU A 478 25.02 -51.92 32.41
N VAL A 479 25.73 -51.21 31.51
CA VAL A 479 26.65 -51.79 30.54
C VAL A 479 28.03 -51.13 30.62
N SER A 480 29.12 -51.92 30.60
CA SER A 480 30.47 -51.35 30.61
C SER A 480 30.87 -50.84 29.19
N GLN A 481 31.79 -49.86 29.11
CA GLN A 481 32.20 -49.28 27.83
C GLN A 481 33.24 -50.09 27.04
N GLU A 482 34.44 -50.38 27.61
CA GLU A 482 35.49 -51.12 26.90
C GLU A 482 34.96 -52.52 26.52
N PRO A 483 34.78 -53.50 27.45
CA PRO A 483 34.11 -54.74 27.04
C PRO A 483 32.59 -54.47 27.09
N LYS A 484 31.94 -54.30 25.93
CA LYS A 484 30.50 -54.03 25.91
C LYS A 484 29.76 -55.27 26.40
N ALA A 485 29.19 -55.18 27.62
CA ALA A 485 28.46 -56.28 28.26
C ALA A 485 27.62 -55.77 29.42
N LEU A 486 26.55 -56.50 29.76
CA LEU A 486 25.68 -56.17 30.89
C LEU A 486 26.45 -56.50 32.18
N VAL A 487 26.51 -55.57 33.13
CA VAL A 487 27.25 -55.80 34.37
C VAL A 487 26.33 -55.83 35.60
N SER A 488 25.18 -55.15 35.54
CA SER A 488 24.22 -55.12 36.65
C SER A 488 22.83 -54.82 36.09
N GLU A 489 21.80 -55.52 36.61
CA GLU A 489 20.44 -55.32 36.13
C GLU A 489 19.46 -55.19 37.29
N TRP A 490 18.61 -54.16 37.25
CA TRP A 490 17.62 -53.95 38.31
C TRP A 490 16.22 -54.28 37.79
N LYS A 491 15.45 -55.03 38.57
CA LYS A 491 14.07 -55.39 38.21
C LYS A 491 13.14 -55.13 39.41
N GLU A 492 11.83 -54.95 39.14
CA GLU A 492 10.84 -54.77 40.20
C GLU A 492 10.75 -56.09 41.00
N PRO A 493 10.66 -56.03 42.34
CA PRO A 493 10.63 -57.28 43.13
C PRO A 493 9.57 -58.32 42.74
N GLN A 494 8.48 -57.90 42.09
CA GLN A 494 7.45 -58.86 41.67
C GLN A 494 7.37 -59.02 40.14
N ALA A 495 8.46 -58.65 39.42
CA ALA A 495 8.60 -58.67 37.95
C ALA A 495 7.62 -57.75 37.22
N LYS A 496 7.09 -56.73 37.92
CA LYS A 496 6.17 -55.78 37.31
C LYS A 496 6.88 -54.83 36.36
N ASN A 497 6.14 -54.23 35.42
CA ASN A 497 6.71 -53.34 34.43
C ASN A 497 6.89 -51.92 34.92
N ILE A 498 8.01 -51.32 34.53
CA ILE A 498 8.32 -49.94 34.78
C ILE A 498 7.36 -49.11 33.91
N SER A 499 6.72 -48.10 34.48
CA SER A 499 5.76 -47.27 33.76
C SER A 499 6.38 -45.94 33.36
N VAL A 500 7.16 -45.33 34.26
CA VAL A 500 7.83 -44.06 34.03
C VAL A 500 9.31 -44.22 34.38
N ALA A 501 10.19 -43.52 33.65
CA ALA A 501 11.62 -43.61 33.92
C ALA A 501 12.33 -42.26 33.83
N SER A 502 13.21 -42.00 34.79
CA SER A 502 14.03 -40.81 34.83
C SER A 502 15.46 -41.21 35.23
N CYS A 503 16.46 -40.56 34.67
CA CYS A 503 17.85 -40.92 34.93
C CYS A 503 18.79 -39.74 34.67
N ASN A 504 19.91 -39.73 35.39
CA ASN A 504 20.98 -38.76 35.19
C ASN A 504 22.34 -39.52 35.21
N SER A 505 23.49 -38.84 35.33
CA SER A 505 24.78 -39.53 35.35
C SER A 505 24.92 -40.55 36.47
N SER A 506 24.37 -40.27 37.66
CA SER A 506 24.53 -41.17 38.81
C SER A 506 23.25 -41.66 39.48
N GLN A 507 22.08 -41.17 39.07
CA GLN A 507 20.83 -41.58 39.71
C GLN A 507 19.79 -42.07 38.72
N VAL A 508 18.95 -43.00 39.17
CA VAL A 508 17.88 -43.58 38.38
C VAL A 508 16.62 -43.57 39.23
N VAL A 509 15.56 -42.86 38.83
CA VAL A 509 14.31 -42.89 39.58
C VAL A 509 13.23 -43.46 38.66
N VAL A 510 12.83 -44.70 38.94
CA VAL A 510 11.84 -45.41 38.15
C VAL A 510 10.51 -45.47 38.87
N ALA A 511 9.42 -45.54 38.12
CA ALA A 511 8.09 -45.62 38.70
C ALA A 511 7.39 -46.88 38.23
N VAL A 512 6.76 -47.62 39.15
CA VAL A 512 6.02 -48.83 38.82
C VAL A 512 4.57 -48.59 39.21
N GLY A 513 3.84 -47.95 38.30
CA GLY A 513 2.45 -47.57 38.51
C GLY A 513 2.38 -46.45 39.54
N ARG A 514 1.96 -46.79 40.76
CA ARG A 514 1.89 -45.82 41.87
C ARG A 514 3.21 -45.81 42.66
N ALA A 515 3.87 -46.98 42.79
CA ALA A 515 5.14 -47.13 43.51
C ALA A 515 6.31 -46.42 42.81
N LEU A 516 7.37 -46.10 43.57
CA LEU A 516 8.55 -45.41 43.04
C LEU A 516 9.82 -46.05 43.62
N TYR A 517 10.91 -46.13 42.82
CA TYR A 517 12.16 -46.74 43.27
C TYR A 517 13.36 -45.89 42.89
N TYR A 518 14.22 -45.57 43.86
CA TYR A 518 15.42 -44.77 43.61
C TYR A 518 16.69 -45.61 43.67
N LEU A 519 17.37 -45.76 42.53
CA LEU A 519 18.62 -46.51 42.42
C LEU A 519 19.81 -45.58 42.11
N GLN A 520 21.01 -45.98 42.52
CA GLN A 520 22.21 -45.18 42.26
C GLN A 520 23.21 -45.96 41.41
N ILE A 521 23.90 -45.27 40.50
CA ILE A 521 24.86 -45.89 39.59
C ILE A 521 26.27 -45.92 40.16
N HIS A 522 26.77 -47.13 40.43
CA HIS A 522 28.10 -47.36 40.99
C HIS A 522 28.93 -48.29 40.06
N PRO A 523 30.27 -48.43 40.23
CA PRO A 523 31.04 -49.30 39.34
C PRO A 523 30.52 -50.74 39.34
N GLN A 524 30.01 -51.19 38.18
CA GLN A 524 29.44 -52.52 37.94
C GLN A 524 28.23 -52.82 38.82
N GLU A 525 27.53 -51.78 39.32
CA GLU A 525 26.40 -51.99 40.22
C GLU A 525 25.31 -50.94 40.16
N LEU A 526 24.05 -51.38 40.32
CA LEU A 526 22.87 -50.55 40.44
C LEU A 526 22.23 -50.92 41.80
N ARG A 527 22.40 -50.08 42.84
CA ARG A 527 21.85 -50.40 44.16
C ARG A 527 20.57 -49.63 44.49
N GLN A 528 19.52 -50.36 44.87
CA GLN A 528 18.21 -49.80 45.24
C GLN A 528 18.29 -49.17 46.62
N ILE A 529 18.10 -47.86 46.71
CA ILE A 529 18.18 -47.15 47.98
C ILE A 529 16.80 -46.92 48.62
N SER A 530 15.85 -46.32 47.89
CA SER A 530 14.53 -46.02 48.45
C SER A 530 13.34 -46.65 47.69
N HIS A 531 12.14 -46.62 48.31
CA HIS A 531 10.90 -47.17 47.77
C HIS A 531 9.70 -46.49 48.45
N THR A 532 8.84 -45.81 47.67
CA THR A 532 7.68 -45.13 48.24
C THR A 532 6.45 -45.22 47.31
N GLU A 533 5.26 -45.49 47.86
CA GLU A 533 4.05 -45.56 47.05
C GLU A 533 3.30 -44.22 47.07
N MET A 534 2.96 -43.69 45.89
CA MET A 534 2.27 -42.41 45.80
C MET A 534 0.77 -42.56 46.05
CA GLU A 537 -0.58 -43.19 39.52
C GLU A 537 0.48 -42.17 39.08
N VAL A 538 1.69 -42.64 38.77
CA VAL A 538 2.75 -41.75 38.32
C VAL A 538 2.62 -41.53 36.82
N ALA A 539 2.62 -40.27 36.39
CA ALA A 539 2.47 -39.93 34.98
C ALA A 539 3.81 -39.51 34.35
N CYS A 540 4.59 -38.68 35.07
CA CYS A 540 5.88 -38.22 34.57
C CYS A 540 6.92 -38.07 35.69
N LEU A 541 8.21 -38.16 35.35
CA LEU A 541 9.28 -38.03 36.34
C LEU A 541 10.45 -37.20 35.81
N ASP A 542 11.30 -36.69 36.72
CA ASP A 542 12.49 -35.92 36.39
C ASP A 542 13.45 -35.79 37.56
N ILE A 543 14.76 -35.96 37.30
CA ILE A 543 15.77 -35.83 38.33
C ILE A 543 16.99 -35.06 37.81
N THR A 544 16.76 -33.99 37.04
CA THR A 544 17.87 -33.18 36.52
C THR A 544 18.59 -32.43 37.64
N PRO A 545 19.89 -32.68 37.82
CA PRO A 545 20.62 -32.00 38.90
C PRO A 545 20.89 -30.52 38.61
N LEU A 546 20.40 -29.63 39.49
CA LEU A 546 20.60 -28.20 39.32
C LEU A 546 21.44 -27.63 40.49
N GLY A 551 27.54 -34.85 40.82
CA GLY A 551 26.36 -34.31 40.16
C GLY A 551 25.08 -35.01 40.59
N LEU A 552 24.84 -35.08 41.91
CA LEU A 552 23.67 -35.74 42.46
C LEU A 552 22.54 -34.77 42.79
N SER A 553 21.38 -34.92 42.13
CA SER A 553 20.19 -34.11 42.35
C SER A 553 19.51 -34.43 43.67
N PRO A 554 19.36 -33.44 44.56
CA PRO A 554 18.68 -33.71 45.84
C PRO A 554 17.15 -33.67 45.78
N LEU A 555 16.57 -33.28 44.62
CA LEU A 555 15.13 -33.18 44.42
C LEU A 555 14.63 -34.07 43.27
N CYS A 556 13.31 -34.32 43.23
CA CYS A 556 12.70 -35.17 42.22
C CYS A 556 11.33 -34.62 41.79
N ALA A 557 11.21 -34.18 40.53
CA ALA A 557 9.94 -33.67 40.00
C ALA A 557 9.04 -34.86 39.62
N ILE A 558 7.74 -34.75 39.92
CA ILE A 558 6.80 -35.84 39.63
C ILE A 558 5.42 -35.32 39.20
N GLY A 559 4.71 -36.11 38.40
CA GLY A 559 3.37 -35.79 37.95
C GLY A 559 2.42 -36.92 38.31
N LEU A 560 1.20 -36.61 38.73
CA LEU A 560 0.24 -37.64 39.14
C LEU A 560 -1.05 -37.66 38.34
N TRP A 561 -1.77 -38.81 38.37
CA TRP A 561 -3.03 -39.01 37.64
C TRP A 561 -4.29 -38.59 38.43
N THR A 562 -4.43 -39.04 39.69
CA THR A 562 -5.62 -38.74 40.48
C THR A 562 -5.78 -37.26 40.83
N ASP A 563 -4.77 -36.65 41.48
CA ASP A 563 -4.86 -35.24 41.86
C ASP A 563 -4.53 -34.27 40.73
N ILE A 564 -3.86 -34.74 39.66
CA ILE A 564 -3.43 -33.94 38.51
C ILE A 564 -2.54 -32.79 38.97
N SER A 565 -1.55 -33.10 39.80
CA SER A 565 -0.64 -32.11 40.37
C SER A 565 0.84 -32.40 40.06
N ALA A 566 1.69 -31.38 40.21
CA ALA A 566 3.14 -31.50 40.01
C ALA A 566 3.79 -31.34 41.38
N ARG A 567 4.46 -32.39 41.88
CA ARG A 567 5.07 -32.35 43.20
C ARG A 567 6.59 -32.47 43.14
N ILE A 568 7.29 -31.78 44.04
CA ILE A 568 8.74 -31.83 44.11
C ILE A 568 9.19 -32.59 45.36
N LEU A 569 9.47 -33.89 45.22
CA LEU A 569 9.90 -34.73 46.33
C LEU A 569 11.40 -34.60 46.67
N LYS A 570 11.81 -35.07 47.86
CA LYS A 570 13.20 -35.02 48.28
C LYS A 570 13.93 -36.34 47.98
N LEU A 571 15.26 -36.32 47.94
CA LEU A 571 16.03 -37.54 47.68
C LEU A 571 17.13 -37.70 48.72
N PRO A 572 17.28 -38.90 49.30
CA PRO A 572 16.54 -40.14 49.02
C PRO A 572 15.31 -40.40 49.89
N SER A 573 14.87 -39.41 50.69
CA SER A 573 13.75 -39.55 51.62
C SER A 573 12.36 -39.65 51.01
N PHE A 574 12.15 -39.07 49.81
CA PHE A 574 10.86 -39.02 49.09
C PHE A 574 9.80 -38.21 49.86
N GLU A 575 10.23 -37.21 50.64
CA GLU A 575 9.33 -36.36 51.41
C GLU A 575 8.83 -35.20 50.54
N LEU A 576 7.52 -34.94 50.57
CA LEU A 576 6.90 -33.90 49.75
C LEU A 576 7.29 -32.49 50.19
N LEU A 577 8.05 -31.77 49.35
CA LEU A 577 8.43 -30.39 49.67
C LEU A 577 7.38 -29.39 49.16
N HIS A 578 6.71 -29.70 48.04
CA HIS A 578 5.69 -28.83 47.47
C HIS A 578 4.67 -29.62 46.64
N LYS A 579 3.41 -29.18 46.64
CA LYS A 579 2.33 -29.81 45.88
C LYS A 579 1.58 -28.72 45.11
N GLU A 580 1.68 -28.74 43.77
CA GLU A 580 1.01 -27.73 42.95
C GLU A 580 -0.09 -28.34 42.08
N MET A 581 -1.35 -28.17 42.50
CA MET A 581 -2.52 -28.69 41.78
C MET A 581 -2.74 -27.90 40.49
N LEU A 582 -2.73 -28.58 39.34
CA LEU A 582 -2.92 -27.92 38.05
C LEU A 582 -4.40 -27.74 37.70
N GLY A 583 -5.24 -28.69 38.10
CA GLY A 583 -6.67 -28.66 37.83
C GLY A 583 -7.06 -29.23 36.49
N GLY A 584 -8.33 -29.53 36.32
CA GLY A 584 -8.86 -30.08 35.08
C GLY A 584 -8.78 -31.59 35.01
N GLU A 585 -9.10 -32.16 33.83
CA GLU A 585 -9.07 -33.61 33.65
C GLU A 585 -7.85 -34.11 32.87
N ILE A 586 -7.11 -33.21 32.20
CA ILE A 586 -5.93 -33.60 31.41
C ILE A 586 -4.77 -33.98 32.32
N ILE A 587 -4.28 -35.21 32.20
CA ILE A 587 -3.15 -35.69 33.01
C ILE A 587 -1.82 -35.11 32.51
N PRO A 588 -0.86 -34.82 33.41
CA PRO A 588 0.43 -34.27 32.94
C PRO A 588 1.21 -35.28 32.12
N ARG A 589 1.88 -34.84 31.04
CA ARG A 589 2.63 -35.74 30.18
C ARG A 589 4.15 -35.68 30.40
N SER A 590 4.69 -34.48 30.65
CA SER A 590 6.13 -34.33 30.82
C SER A 590 6.49 -33.32 31.91
N ILE A 591 7.50 -33.63 32.74
CA ILE A 591 7.96 -32.69 33.78
C ILE A 591 9.48 -32.49 33.66
N LEU A 592 9.98 -31.28 33.97
CA LEU A 592 11.40 -30.99 33.84
C LEU A 592 11.90 -29.92 34.81
N MET A 593 13.09 -30.11 35.39
CA MET A 593 13.74 -29.13 36.26
C MET A 593 14.91 -28.61 35.44
N THR A 594 14.90 -27.33 35.09
CA THR A 594 15.95 -26.74 34.26
C THR A 594 16.33 -25.33 34.72
N THR A 595 17.55 -24.88 34.39
CA THR A 595 17.99 -23.54 34.77
C THR A 595 18.27 -22.66 33.57
N PHE A 596 17.74 -21.44 33.62
CA PHE A 596 17.91 -20.44 32.57
C PHE A 596 18.51 -19.19 33.22
N GLU A 597 19.75 -18.81 32.85
CA GLU A 597 20.46 -17.63 33.37
C GLU A 597 20.60 -17.64 34.90
N SER A 598 21.17 -18.73 35.45
CA SER A 598 21.38 -18.98 36.88
C SER A 598 20.10 -19.11 37.71
N SER A 599 18.93 -18.79 37.12
CA SER A 599 17.64 -18.90 37.79
C SER A 599 17.07 -20.30 37.55
N HIS A 600 16.57 -20.97 38.59
CA HIS A 600 16.04 -22.32 38.47
C HIS A 600 14.52 -22.32 38.23
N TYR A 601 14.08 -23.18 37.32
CA TYR A 601 12.66 -23.29 36.96
C TYR A 601 12.21 -24.78 36.96
N LEU A 602 10.90 -25.00 36.96
CA LEU A 602 10.31 -26.32 36.87
C LEU A 602 9.18 -26.23 35.84
N LEU A 603 9.41 -26.80 34.66
CA LEU A 603 8.40 -26.79 33.61
C LEU A 603 7.52 -28.03 33.70
N CYS A 604 6.25 -27.91 33.30
CA CYS A 604 5.33 -29.04 33.32
C CYS A 604 4.34 -28.98 32.18
N ALA A 605 4.43 -29.94 31.27
CA ALA A 605 3.55 -30.02 30.12
C ALA A 605 2.40 -30.98 30.40
N LEU A 606 1.19 -30.60 29.99
CA LEU A 606 -0.01 -31.40 30.17
C LEU A 606 -0.40 -32.17 28.88
N GLY A 607 -1.40 -33.04 28.98
CA GLY A 607 -1.88 -33.82 27.84
C GLY A 607 -2.66 -33.04 26.81
N ASP A 608 -2.91 -31.74 27.06
CA ASP A 608 -3.64 -30.91 26.11
C ASP A 608 -2.78 -29.83 25.42
N GLY A 609 -1.48 -29.83 25.69
CA GLY A 609 -0.56 -28.87 25.10
C GLY A 609 -0.30 -27.64 25.95
N ALA A 610 -0.66 -27.69 27.23
CA ALA A 610 -0.44 -26.56 28.13
C ALA A 610 0.89 -26.70 28.85
N LEU A 611 1.62 -25.59 29.01
CA LEU A 611 2.90 -25.62 29.72
C LEU A 611 2.84 -24.72 30.94
N PHE A 612 2.91 -25.31 32.12
CA PHE A 612 2.88 -24.57 33.37
C PHE A 612 4.29 -24.38 33.87
N TYR A 613 4.85 -23.17 33.73
CA TYR A 613 6.21 -22.90 34.18
C TYR A 613 6.23 -22.17 35.51
N PHE A 614 6.96 -22.74 36.48
CA PHE A 614 7.03 -22.18 37.82
C PHE A 614 8.49 -21.97 38.24
N GLY A 615 8.74 -20.94 39.05
CA GLY A 615 10.07 -20.71 39.59
C GLY A 615 10.39 -21.78 40.63
N LEU A 616 11.66 -22.16 40.79
CA LEU A 616 12.01 -23.21 41.74
C LEU A 616 13.26 -22.91 42.54
N ASN A 617 13.30 -23.33 43.81
CA ASN A 617 14.48 -23.13 44.67
C ASN A 617 15.15 -24.50 44.82
N ILE A 618 16.44 -24.61 44.50
CA ILE A 618 17.14 -25.89 44.62
C ILE A 618 17.26 -26.39 46.06
N GLU A 619 17.16 -25.48 47.05
CA GLU A 619 17.26 -25.82 48.47
C GLU A 619 15.89 -25.98 49.15
N THR A 620 14.97 -25.03 48.92
CA THR A 620 13.63 -25.10 49.51
C THR A 620 12.72 -26.04 48.72
N GLY A 621 12.65 -25.85 47.41
CA GLY A 621 11.86 -26.70 46.51
C GLY A 621 10.41 -26.28 46.34
N LEU A 622 10.14 -24.96 46.22
CA LEU A 622 8.77 -24.48 46.08
C LEU A 622 8.53 -23.64 44.81
N LEU A 623 7.27 -23.55 44.37
CA LEU A 623 6.88 -22.79 43.18
C LEU A 623 6.86 -21.30 43.48
N SER A 624 7.89 -20.57 43.04
CA SER A 624 8.07 -19.13 43.25
C SER A 624 6.98 -18.25 42.64
N ASP A 625 6.66 -18.47 41.36
CA ASP A 625 5.63 -17.72 40.64
C ASP A 625 5.07 -18.64 39.55
N ARG A 626 3.77 -18.68 39.41
CA ARG A 626 3.16 -19.59 38.46
C ARG A 626 2.51 -18.94 37.25
N LYS A 627 2.92 -19.41 36.07
CA LYS A 627 2.41 -18.90 34.81
C LYS A 627 2.06 -20.07 33.87
N LYS A 628 1.05 -19.87 33.01
CA LYS A 628 0.62 -20.92 32.08
C LYS A 628 0.68 -20.45 30.64
N VAL A 629 1.16 -21.32 29.75
CA VAL A 629 1.27 -21.02 28.32
C VAL A 629 0.60 -22.11 27.48
N THR A 630 0.28 -21.80 26.22
CA THR A 630 -0.32 -22.78 25.32
C THR A 630 0.67 -23.03 24.20
N LEU A 631 1.20 -24.27 24.11
CA LEU A 631 2.18 -24.62 23.10
C LEU A 631 1.69 -25.68 22.12
N GLY A 632 0.41 -25.63 21.78
CA GLY A 632 -0.18 -26.58 20.85
C GLY A 632 -1.40 -27.29 21.39
N THR A 633 -2.00 -28.17 20.57
CA THR A 633 -3.17 -28.96 20.96
C THR A 633 -2.80 -30.40 21.34
N GLN A 634 -1.64 -30.90 20.84
CA GLN A 634 -1.11 -32.23 21.11
C GLN A 634 -0.28 -32.21 22.41
N PRO A 635 -0.15 -33.35 23.13
CA PRO A 635 0.67 -33.35 24.36
C PRO A 635 2.12 -32.94 24.07
N THR A 636 2.73 -32.18 24.99
CA THR A 636 4.09 -31.68 24.79
C THR A 636 5.15 -32.53 25.50
N VAL A 637 6.30 -32.79 24.83
CA VAL A 637 7.43 -33.55 25.40
C VAL A 637 8.60 -32.57 25.56
N LEU A 638 9.19 -32.46 26.76
CA LEU A 638 10.29 -31.51 27.00
C LEU A 638 11.67 -32.18 26.95
N ARG A 639 12.64 -31.54 26.30
N ARG A 639 12.64 -31.54 26.30
CA ARG A 639 13.99 -32.07 26.21
CA ARG A 639 13.99 -32.06 26.21
C ARG A 639 15.04 -30.96 26.32
C ARG A 639 15.03 -30.95 26.34
N THR A 640 16.01 -31.12 27.23
CA THR A 640 17.06 -30.13 27.41
C THR A 640 18.10 -30.24 26.28
N PHE A 641 18.65 -29.10 25.88
CA PHE A 641 19.72 -29.05 24.90
C PHE A 641 20.51 -27.77 25.14
N ARG A 642 21.77 -27.75 24.75
CA ARG A 642 22.59 -26.59 24.98
C ARG A 642 22.90 -25.80 23.75
N SER A 643 22.66 -24.49 23.84
CA SER A 643 22.97 -23.57 22.76
C SER A 643 23.99 -22.65 23.39
N LEU A 644 25.12 -22.47 22.73
CA LEU A 644 26.23 -21.65 23.22
C LEU A 644 26.62 -22.21 24.60
N SER A 645 26.79 -21.34 25.58
CA SER A 645 27.11 -21.82 26.91
C SER A 645 25.85 -21.98 27.76
N THR A 646 24.71 -21.57 27.19
CA THR A 646 23.42 -21.63 27.87
C THR A 646 22.61 -22.92 27.65
N THR A 647 21.49 -23.04 28.36
CA THR A 647 20.63 -24.19 28.25
C THR A 647 19.24 -23.79 27.76
N ASN A 648 18.71 -24.54 26.79
CA ASN A 648 17.39 -24.28 26.21
C ASN A 648 16.55 -25.54 26.31
N VAL A 649 15.24 -25.40 26.15
CA VAL A 649 14.34 -26.56 26.20
C VAL A 649 13.55 -26.69 24.91
N PHE A 650 13.59 -27.87 24.28
CA PHE A 650 12.83 -28.13 23.06
C PHE A 650 11.52 -28.78 23.48
N ALA A 651 10.42 -28.19 23.05
CA ALA A 651 9.08 -28.65 23.37
C ALA A 651 8.50 -29.31 22.12
N CYS A 652 8.28 -30.61 22.19
CA CYS A 652 7.76 -31.35 21.06
C CYS A 652 6.27 -31.50 21.14
N SER A 653 5.62 -31.16 20.04
CA SER A 653 4.17 -31.22 19.84
C SER A 653 3.89 -30.85 18.40
N ASP A 654 2.64 -30.53 18.13
CA ASP A 654 2.20 -30.08 16.82
C ASP A 654 2.86 -28.75 16.44
N ARG A 655 3.09 -27.88 17.41
CA ARG A 655 3.80 -26.65 17.18
C ARG A 655 5.06 -26.73 18.02
N PRO A 656 6.15 -27.23 17.45
CA PRO A 656 7.38 -27.36 18.22
C PRO A 656 7.87 -26.00 18.66
N THR A 657 8.36 -25.92 19.89
CA THR A 657 8.80 -24.66 20.46
C THR A 657 10.15 -24.74 21.15
N VAL A 658 10.95 -23.69 21.03
CA VAL A 658 12.22 -23.63 21.73
C VAL A 658 12.06 -22.60 22.85
N ILE A 659 12.13 -23.06 24.09
CA ILE A 659 11.99 -22.25 25.28
C ILE A 659 13.37 -21.78 25.69
N TYR A 660 13.53 -20.47 25.89
CA TYR A 660 14.81 -19.88 26.28
C TYR A 660 14.59 -18.73 27.29
N SER A 661 15.65 -18.00 27.70
CA SER A 661 15.47 -16.89 28.65
C SER A 661 16.26 -15.64 28.28
N SER A 662 15.55 -14.51 28.20
CA SER A 662 16.14 -13.20 27.93
C SER A 662 15.83 -12.30 29.13
N ASN A 663 16.89 -11.80 29.79
CA ASN A 663 16.78 -10.93 30.97
C ASN A 663 16.03 -11.58 32.13
N HIS A 664 16.30 -12.87 32.39
CA HIS A 664 15.67 -13.66 33.45
C HIS A 664 14.16 -13.83 33.28
N LYS A 665 13.71 -13.83 32.01
CA LYS A 665 12.30 -13.99 31.66
C LYS A 665 12.21 -15.02 30.53
N LEU A 666 11.32 -16.01 30.68
CA LEU A 666 11.16 -17.04 29.66
C LEU A 666 10.56 -16.50 28.38
N VAL A 667 11.12 -16.91 27.24
CA VAL A 667 10.68 -16.53 25.90
C VAL A 667 10.43 -17.84 25.14
N PHE A 668 9.29 -17.93 24.47
CA PHE A 668 8.87 -19.15 23.79
C PHE A 668 8.83 -18.93 22.30
N SER A 669 9.89 -19.33 21.58
CA SER A 669 9.93 -19.13 20.13
C SER A 669 9.41 -20.34 19.36
N ASN A 670 8.80 -20.09 18.20
CA ASN A 670 8.27 -21.17 17.35
C ASN A 670 9.39 -21.81 16.57
N VAL A 671 9.29 -23.12 16.32
CA VAL A 671 10.25 -23.81 15.47
C VAL A 671 9.61 -23.88 14.09
N ASN A 672 10.33 -23.48 13.04
CA ASN A 672 9.85 -23.50 11.67
C ASN A 672 9.81 -24.93 11.08
N LEU A 673 8.96 -25.77 11.65
CA LEU A 673 8.79 -27.16 11.25
C LEU A 673 7.38 -27.62 11.60
N LYS A 674 6.87 -28.62 10.87
CA LYS A 674 5.58 -29.21 11.19
C LYS A 674 5.75 -30.11 12.46
N GLU A 675 4.83 -31.06 12.73
CA GLU A 675 4.89 -31.89 13.93
C GLU A 675 6.23 -32.59 14.19
N VAL A 676 6.80 -32.38 15.38
CA VAL A 676 8.01 -33.03 15.84
C VAL A 676 7.57 -33.76 17.09
N ASN A 677 7.63 -35.09 17.10
CA ASN A 677 7.20 -35.89 18.24
C ASN A 677 8.29 -36.06 19.26
N TYR A 678 9.55 -36.30 18.81
CA TYR A 678 10.70 -36.52 19.69
C TYR A 678 11.92 -35.76 19.18
N MET A 679 12.81 -35.40 20.10
CA MET A 679 14.05 -34.75 19.74
C MET A 679 15.13 -35.07 20.74
N CYS A 680 16.38 -34.98 20.30
CA CYS A 680 17.52 -35.09 21.16
C CYS A 680 18.66 -34.28 20.55
N PRO A 681 19.48 -33.64 21.40
CA PRO A 681 20.69 -32.99 20.84
C PRO A 681 21.65 -34.09 20.34
N LEU A 682 22.46 -33.80 19.32
CA LEU A 682 23.38 -34.75 18.75
C LEU A 682 24.66 -34.01 18.42
N ASN A 683 25.78 -34.39 19.02
CA ASN A 683 27.04 -33.70 18.78
C ASN A 683 28.02 -34.73 18.26
N SER A 684 27.96 -35.04 16.97
CA SER A 684 28.85 -36.02 16.38
C SER A 684 29.90 -35.38 15.46
N ASP A 685 30.90 -36.17 15.01
CA ASP A 685 31.94 -35.69 14.11
C ASP A 685 31.36 -35.12 12.82
N GLY A 686 30.35 -35.79 12.27
CA GLY A 686 29.74 -35.34 11.02
C GLY A 686 28.69 -34.27 11.24
N TYR A 687 28.03 -34.30 12.41
CA TYR A 687 26.97 -33.35 12.78
C TYR A 687 27.29 -32.68 14.12
N PRO A 688 28.26 -31.74 14.16
CA PRO A 688 28.58 -31.08 15.43
C PRO A 688 27.47 -30.15 15.88
N ASP A 689 27.19 -30.09 17.20
CA ASP A 689 26.20 -29.18 17.80
C ASP A 689 24.87 -29.19 17.03
N SER A 690 24.39 -30.38 16.78
CA SER A 690 23.20 -30.62 15.98
C SER A 690 22.06 -31.19 16.82
N LEU A 691 20.98 -31.57 16.18
CA LEU A 691 19.86 -32.20 16.82
C LEU A 691 19.29 -33.32 15.92
N ALA A 692 18.60 -34.25 16.54
CA ALA A 692 17.93 -35.33 15.86
C ALA A 692 16.44 -35.12 16.17
N LEU A 693 15.61 -35.17 15.14
CA LEU A 693 14.19 -34.94 15.29
C LEU A 693 13.43 -36.10 14.71
N ALA A 694 12.28 -36.44 15.29
CA ALA A 694 11.48 -37.52 14.78
C ALA A 694 10.03 -37.16 14.72
N ASN A 695 9.40 -37.50 13.60
CA ASN A 695 7.97 -37.40 13.44
C ASN A 695 7.46 -38.88 13.25
N ASN A 696 6.20 -39.07 12.87
CA ASN A 696 5.62 -40.41 12.72
C ASN A 696 6.28 -41.30 11.68
N SER A 697 7.00 -40.72 10.72
CA SER A 697 7.61 -41.54 9.67
C SER A 697 9.09 -41.34 9.42
N THR A 698 9.66 -40.25 9.91
CA THR A 698 11.02 -39.87 9.54
C THR A 698 11.89 -39.40 10.71
N LEU A 699 13.19 -39.72 10.64
CA LEU A 699 14.21 -39.23 11.56
C LEU A 699 14.99 -38.18 10.74
N THR A 700 15.17 -36.96 11.29
CA THR A 700 15.89 -35.89 10.60
C THR A 700 17.06 -35.46 11.46
N ILE A 701 18.21 -35.19 10.83
CA ILE A 701 19.35 -34.65 11.54
C ILE A 701 19.54 -33.24 11.03
N GLY A 702 19.54 -32.28 11.94
CA GLY A 702 19.66 -30.88 11.56
C GLY A 702 20.40 -30.02 12.57
N THR A 703 20.59 -28.76 12.23
CA THR A 703 21.27 -27.79 13.08
C THR A 703 20.33 -26.60 13.24
N ILE A 704 20.10 -26.19 14.47
CA ILE A 704 19.20 -25.09 14.75
C ILE A 704 19.84 -23.73 14.41
N ASP A 705 19.05 -22.81 13.84
CA ASP A 705 19.56 -21.47 13.53
C ASP A 705 19.91 -20.75 14.82
N GLU A 706 20.95 -19.92 14.78
CA GLU A 706 21.40 -19.22 15.98
C GLU A 706 20.30 -18.31 16.54
N ILE A 707 19.62 -17.57 15.68
CA ILE A 707 18.58 -16.65 16.11
C ILE A 707 17.30 -16.70 15.23
N GLN A 708 16.21 -16.09 15.73
CA GLN A 708 14.93 -15.99 15.04
C GLN A 708 15.02 -15.10 13.81
N LYS A 709 14.27 -15.44 12.78
CA LYS A 709 14.19 -14.67 11.55
C LYS A 709 12.86 -14.97 10.85
N LEU A 710 12.47 -14.15 9.88
CA LEU A 710 11.23 -14.40 9.16
C LEU A 710 11.45 -15.50 8.15
N HIS A 711 10.57 -16.48 8.12
CA HIS A 711 10.70 -17.53 7.16
C HIS A 711 9.61 -17.34 6.14
N ILE A 712 10.03 -17.22 4.90
CA ILE A 712 9.10 -16.98 3.84
C ILE A 712 9.10 -18.07 2.79
N ARG A 713 7.94 -18.61 2.55
CA ARG A 713 7.76 -19.61 1.52
C ARG A 713 7.13 -18.91 0.32
N THR A 714 7.72 -19.08 -0.87
CA THR A 714 7.18 -18.49 -2.10
C THR A 714 6.43 -19.54 -2.87
N VAL A 715 5.21 -19.22 -3.32
CA VAL A 715 4.37 -20.08 -4.15
C VAL A 715 4.19 -19.33 -5.47
N PRO A 716 5.05 -19.61 -6.47
CA PRO A 716 4.92 -18.93 -7.76
C PRO A 716 3.60 -19.31 -8.43
N LEU A 717 2.92 -18.33 -9.00
CA LEU A 717 1.68 -18.58 -9.71
C LEU A 717 1.82 -18.31 -11.20
N TYR A 718 2.86 -17.52 -11.61
CA TYR A 718 3.12 -17.10 -13.00
C TYR A 718 1.99 -16.29 -13.63
N GLU A 719 1.14 -15.73 -12.78
CA GLU A 719 0.03 -14.88 -13.15
C GLU A 719 -0.25 -13.99 -11.92
N SER A 720 -1.09 -12.97 -12.08
CA SER A 720 -1.36 -12.04 -10.98
C SER A 720 -2.34 -12.49 -9.95
N PRO A 721 -1.89 -12.68 -8.69
CA PRO A 721 -2.86 -12.85 -7.59
C PRO A 721 -3.45 -11.47 -7.23
N ARG A 722 -4.73 -11.42 -6.95
CA ARG A 722 -5.43 -10.16 -6.70
C ARG A 722 -6.08 -10.07 -5.33
N LYS A 723 -6.78 -11.15 -4.93
N LYS A 723 -6.75 -11.16 -4.93
CA LYS A 723 -7.46 -11.22 -3.64
CA LYS A 723 -7.44 -11.26 -3.65
C LYS A 723 -7.26 -12.59 -3.01
C LYS A 723 -7.20 -12.60 -3.02
N ILE A 724 -7.24 -12.66 -1.68
CA ILE A 724 -7.07 -13.94 -1.00
C ILE A 724 -7.94 -14.04 0.24
N CYS A 725 -8.49 -15.21 0.49
N CYS A 725 -8.52 -15.23 0.48
CA CYS A 725 -9.22 -15.49 1.72
CA CYS A 725 -9.32 -15.55 1.67
C CYS A 725 -8.85 -16.89 2.18
C CYS A 725 -8.90 -16.91 2.17
N TYR A 726 -8.81 -17.10 3.47
CA TYR A 726 -8.46 -18.41 4.03
C TYR A 726 -9.78 -19.14 4.45
N GLN A 727 -9.95 -20.42 4.07
CA GLN A 727 -11.12 -21.19 4.44
C GLN A 727 -10.64 -22.34 5.34
N GLU A 728 -10.64 -22.11 6.65
CA GLU A 728 -10.13 -23.07 7.62
C GLU A 728 -10.79 -24.44 7.56
N VAL A 729 -12.12 -24.52 7.43
CA VAL A 729 -12.80 -25.82 7.38
C VAL A 729 -12.40 -26.66 6.16
N SER A 730 -12.00 -26.01 5.07
CA SER A 730 -11.56 -26.70 3.87
C SER A 730 -10.02 -26.82 3.75
N GLN A 731 -9.26 -26.24 4.70
N GLN A 731 -9.25 -26.28 4.70
CA GLN A 731 -7.80 -26.24 4.73
CA GLN A 731 -7.79 -26.31 4.71
C GLN A 731 -7.20 -25.73 3.41
C GLN A 731 -7.21 -25.75 3.39
N CYS A 732 -7.75 -24.62 2.93
CA CYS A 732 -7.32 -24.05 1.67
C CYS A 732 -7.49 -22.55 1.66
N PHE A 733 -6.94 -21.93 0.63
CA PHE A 733 -7.09 -20.52 0.35
C PHE A 733 -7.84 -20.39 -0.96
N GLY A 734 -8.67 -19.39 -1.03
CA GLY A 734 -9.31 -18.99 -2.26
C GLY A 734 -8.54 -17.77 -2.72
N VAL A 735 -8.15 -17.76 -4.01
CA VAL A 735 -7.38 -16.66 -4.56
C VAL A 735 -7.99 -16.20 -5.87
N LEU A 736 -8.38 -14.91 -5.97
CA LEU A 736 -8.76 -14.36 -7.26
C LEU A 736 -7.45 -14.06 -8.01
N SER A 737 -7.37 -14.48 -9.27
CA SER A 737 -6.20 -14.18 -10.08
C SER A 737 -6.61 -13.80 -11.50
N SER A 738 -5.69 -13.20 -12.22
CA SER A 738 -5.91 -12.89 -13.63
C SER A 738 -4.66 -13.24 -14.39
N ARG A 739 -4.84 -13.67 -15.63
CA ARG A 739 -3.71 -13.91 -16.51
C ARG A 739 -3.98 -13.16 -17.81
N ILE A 740 -2.91 -12.75 -18.49
CA ILE A 740 -3.02 -12.07 -19.77
C ILE A 740 -2.97 -13.12 -20.91
N GLU A 741 -3.89 -13.01 -21.85
CA GLU A 741 -3.90 -13.87 -23.03
C GLU A 741 -3.90 -12.93 -24.26
N VAL A 742 -3.42 -13.42 -25.41
CA VAL A 742 -3.38 -12.56 -26.60
C VAL A 742 -4.29 -13.10 -27.70
N GLN A 743 -4.82 -12.20 -28.55
CA GLN A 743 -5.69 -12.63 -29.66
C GLN A 743 -4.86 -13.43 -30.64
N ASP A 744 -5.16 -14.72 -30.77
CA ASP A 744 -4.43 -15.58 -31.69
C ASP A 744 -5.02 -15.48 -33.11
N THR A 745 -4.20 -15.77 -34.13
CA THR A 745 -4.64 -15.71 -35.54
C THR A 745 -5.69 -16.78 -35.86
N SER A 746 -5.58 -17.96 -35.23
CA SER A 746 -6.53 -19.05 -35.48
C SER A 746 -7.61 -19.06 -34.40
N GLY A 747 -8.31 -17.93 -34.27
CA GLY A 747 -9.36 -17.72 -33.29
C GLY A 747 -10.46 -18.76 -33.27
N THR A 749 -8.33 -16.60 -27.89
CA THR A 749 -7.13 -16.04 -27.23
C THR A 749 -6.24 -17.14 -26.65
N THR A 750 -4.90 -16.92 -26.69
CA THR A 750 -3.96 -17.90 -26.17
C THR A 750 -3.07 -17.32 -25.05
N ALA A 751 -2.82 -18.13 -24.01
CA ALA A 751 -1.99 -17.71 -22.90
C ALA A 751 -0.50 -17.61 -23.30
N LEU A 752 0.23 -16.69 -22.69
CA LEU A 752 1.66 -16.47 -23.00
C LEU A 752 2.62 -17.48 -22.34
N ARG A 753 2.12 -18.26 -21.38
CA ARG A 753 2.90 -19.20 -20.61
C ARG A 753 1.94 -20.01 -19.74
N PRO A 754 2.35 -21.19 -19.27
CA PRO A 754 1.51 -21.92 -18.30
C PRO A 754 1.51 -21.16 -16.95
N SER A 755 0.37 -21.15 -16.26
CA SER A 755 0.26 -20.47 -14.95
C SER A 755 -0.74 -21.21 -14.06
N ALA A 756 -0.85 -20.84 -12.78
CA ALA A 756 -1.73 -21.53 -11.82
C ALA A 756 -3.15 -21.85 -12.33
N SER A 757 -3.76 -20.89 -13.03
CA SER A 757 -5.12 -21.06 -13.54
C SER A 757 -5.23 -22.00 -14.72
N THR A 758 -4.12 -22.30 -15.40
CA THR A 758 -4.12 -23.25 -16.51
C THR A 758 -3.46 -24.62 -16.10
N GLN A 759 -2.93 -24.75 -14.87
N GLN A 759 -2.94 -24.73 -14.86
CA GLN A 759 -2.28 -26.00 -14.45
CA GLN A 759 -2.23 -25.90 -14.36
C GLN A 759 -2.90 -26.60 -13.19
C GLN A 759 -2.86 -26.45 -13.07
N ALA A 760 -4.16 -26.24 -12.87
CA ALA A 760 -4.84 -26.75 -11.66
C ALA A 760 -5.13 -28.24 -11.79
N LEU A 761 -5.24 -28.96 -10.66
CA LEU A 761 -5.54 -30.41 -10.69
C LEU A 761 -6.90 -30.65 -11.37
N SER A 762 -7.89 -29.82 -11.04
N SER A 762 -7.90 -29.86 -10.97
CA SER A 762 -9.19 -29.86 -11.73
CA SER A 762 -9.25 -29.89 -11.53
C SER A 762 -9.61 -28.43 -12.11
C SER A 762 -9.62 -28.47 -11.97
N SER A 763 -10.43 -28.30 -13.14
N SER A 763 -10.44 -28.33 -13.02
CA SER A 763 -10.85 -26.99 -13.60
CA SER A 763 -10.86 -27.01 -13.49
C SER A 763 -12.34 -26.93 -13.90
C SER A 763 -12.34 -26.94 -13.84
N SER A 764 -12.89 -25.72 -13.82
CA SER A 764 -14.29 -25.46 -14.16
C SER A 764 -14.36 -24.11 -14.86
N VAL A 765 -15.41 -23.91 -15.64
CA VAL A 765 -15.66 -22.67 -16.35
C VAL A 765 -17.06 -22.18 -16.03
N SER A 766 -17.27 -20.87 -16.17
CA SER A 766 -18.57 -20.28 -15.93
C SER A 766 -19.52 -20.56 -17.10
N SER A 767 -18.98 -20.65 -18.32
CA SER A 767 -19.69 -21.02 -19.54
C SER A 767 -18.75 -21.87 -20.37
N SER A 768 -19.15 -23.11 -20.68
C PHE A 782 -3.59 -7.72 -32.88
N GLY A 783 -3.70 -8.92 -32.33
CA GLY A 783 -2.84 -9.37 -31.23
C GLY A 783 -3.05 -8.61 -29.92
N GLU A 784 -4.27 -8.13 -29.68
CA GLU A 784 -4.56 -7.39 -28.45
C GLU A 784 -4.65 -8.32 -27.21
N GLU A 785 -4.31 -7.79 -26.06
CA GLU A 785 -4.35 -8.53 -24.82
C GLU A 785 -5.73 -8.56 -24.19
N VAL A 786 -6.06 -9.67 -23.56
CA VAL A 786 -7.29 -9.82 -22.81
C VAL A 786 -6.92 -10.34 -21.41
N GLU A 787 -7.68 -9.95 -20.39
CA GLU A 787 -7.48 -10.45 -19.05
C GLU A 787 -8.50 -11.54 -18.81
N VAL A 788 -8.03 -12.70 -18.34
CA VAL A 788 -8.91 -13.82 -18.00
C VAL A 788 -8.87 -13.98 -16.50
N HIS A 789 -10.04 -13.87 -15.84
CA HIS A 789 -10.13 -13.91 -14.39
C HIS A 789 -10.50 -15.30 -13.89
N ASN A 790 -9.96 -15.67 -12.72
CA ASN A 790 -10.08 -16.99 -12.15
C ASN A 790 -10.18 -16.96 -10.65
N LEU A 791 -10.80 -18.01 -10.08
CA LEU A 791 -10.83 -18.28 -8.65
C LEU A 791 -9.99 -19.53 -8.47
N LEU A 792 -8.88 -19.42 -7.75
CA LEU A 792 -8.01 -20.54 -7.50
C LEU A 792 -8.29 -21.12 -6.14
N ILE A 793 -8.26 -22.44 -6.02
CA ILE A 793 -8.35 -23.09 -4.71
C ILE A 793 -6.96 -23.66 -4.44
N ILE A 794 -6.30 -23.20 -3.39
CA ILE A 794 -4.94 -23.62 -3.10
C ILE A 794 -4.80 -24.30 -1.75
N ASP A 795 -4.27 -25.52 -1.73
CA ASP A 795 -4.07 -26.31 -0.52
C ASP A 795 -3.18 -25.55 0.50
N GLN A 796 -3.61 -25.46 1.78
CA GLN A 796 -2.85 -24.67 2.75
C GLN A 796 -1.55 -25.31 3.22
N HIS A 797 -1.35 -26.61 2.97
CA HIS A 797 -0.17 -27.31 3.44
C HIS A 797 0.83 -27.56 2.30
N THR A 798 0.34 -28.03 1.16
CA THR A 798 1.22 -28.30 0.03
C THR A 798 1.29 -27.12 -0.97
N PHE A 799 0.32 -26.20 -0.92
CA PHE A 799 0.19 -25.05 -1.84
C PHE A 799 -0.09 -25.47 -3.30
N GLU A 800 -0.58 -26.69 -3.48
CA GLU A 800 -0.97 -27.19 -4.78
C GLU A 800 -2.23 -26.43 -5.22
N VAL A 801 -2.34 -26.16 -6.53
CA VAL A 801 -3.52 -25.53 -7.10
C VAL A 801 -4.52 -26.68 -7.33
N LEU A 802 -5.40 -26.90 -6.35
CA LEU A 802 -6.38 -27.98 -6.39
C LEU A 802 -7.46 -27.73 -7.44
N HIS A 803 -7.86 -26.47 -7.60
CA HIS A 803 -8.90 -26.14 -8.55
C HIS A 803 -8.78 -24.72 -9.12
N ALA A 804 -9.20 -24.53 -10.38
CA ALA A 804 -9.25 -23.21 -10.97
C ALA A 804 -10.59 -23.05 -11.66
N HIS A 805 -11.33 -22.02 -11.30
CA HIS A 805 -12.62 -21.73 -11.94
C HIS A 805 -12.43 -20.46 -12.78
N GLN A 806 -12.72 -20.55 -14.05
CA GLN A 806 -12.59 -19.43 -14.95
C GLN A 806 -13.91 -18.67 -15.06
N PHE A 807 -13.87 -17.35 -14.85
CA PHE A 807 -15.05 -16.49 -14.97
C PHE A 807 -15.43 -16.25 -16.45
N LEU A 808 -16.57 -15.57 -16.70
CA LEU A 808 -17.05 -15.30 -18.06
C LEU A 808 -16.09 -14.39 -18.83
N GLN A 809 -16.18 -14.42 -20.16
CA GLN A 809 -15.35 -13.56 -21.02
C GLN A 809 -15.70 -12.08 -20.70
N ASN A 810 -14.70 -11.21 -20.51
CA ASN A 810 -14.91 -9.80 -20.14
C ASN A 810 -15.43 -9.61 -18.68
N GLU A 811 -15.49 -10.68 -17.89
CA GLU A 811 -15.92 -10.59 -16.51
C GLU A 811 -14.68 -10.37 -15.64
N TYR A 812 -14.75 -9.34 -14.82
CA TYR A 812 -13.70 -8.94 -13.92
C TYR A 812 -14.08 -9.36 -12.51
N ALA A 813 -13.32 -10.23 -11.84
CA ALA A 813 -13.62 -10.61 -10.47
C ALA A 813 -12.99 -9.53 -9.55
N LEU A 814 -13.81 -8.85 -8.72
CA LEU A 814 -13.32 -7.75 -7.89
C LEU A 814 -13.16 -8.07 -6.43
N SER A 815 -14.12 -8.84 -5.86
CA SER A 815 -14.13 -9.03 -4.41
C SER A 815 -14.34 -10.48 -4.06
N LEU A 816 -13.89 -10.87 -2.88
CA LEU A 816 -13.90 -12.24 -2.46
C LEU A 816 -14.09 -12.35 -0.95
N VAL A 817 -14.96 -13.24 -0.49
CA VAL A 817 -15.12 -13.50 0.94
C VAL A 817 -15.22 -15.02 1.14
N SER A 818 -14.89 -15.51 2.33
CA SER A 818 -15.12 -16.91 2.67
C SER A 818 -15.94 -16.83 3.95
N CYS A 819 -17.16 -17.35 3.93
CA CYS A 819 -18.01 -17.26 5.11
C CYS A 819 -19.18 -18.22 5.10
N LYS A 820 -19.83 -18.32 6.24
CA LYS A 820 -21.09 -19.02 6.43
C LYS A 820 -22.15 -17.93 6.40
N LEU A 821 -23.34 -18.24 5.91
CA LEU A 821 -24.45 -17.30 5.88
C LEU A 821 -25.70 -17.95 6.45
N GLY A 822 -26.54 -17.14 7.08
CA GLY A 822 -27.81 -17.56 7.66
C GLY A 822 -27.72 -18.76 8.57
N LYS A 823 -28.64 -19.73 8.39
CA LYS A 823 -28.63 -20.95 9.19
C LYS A 823 -27.96 -22.12 8.45
N ASP A 824 -27.24 -21.84 7.33
CA ASP A 824 -26.63 -22.87 6.50
C ASP A 824 -25.26 -23.20 7.09
N PRO A 825 -25.00 -24.49 7.44
CA PRO A 825 -23.71 -24.83 8.09
C PRO A 825 -22.49 -24.83 7.14
N ASN A 826 -22.73 -24.81 5.83
CA ASN A 826 -21.67 -24.79 4.83
C ASN A 826 -20.89 -23.47 4.81
N THR A 827 -19.58 -23.56 4.52
CA THR A 827 -18.76 -22.37 4.35
C THR A 827 -18.54 -22.22 2.86
N TYR A 828 -18.75 -21.01 2.33
CA TYR A 828 -18.64 -20.75 0.91
C TYR A 828 -17.56 -19.76 0.55
N PHE A 829 -17.11 -19.81 -0.71
CA PHE A 829 -16.29 -18.78 -1.31
C PHE A 829 -17.27 -17.93 -2.11
N ILE A 830 -17.32 -16.63 -1.86
CA ILE A 830 -18.26 -15.74 -2.56
C ILE A 830 -17.49 -14.68 -3.36
N VAL A 831 -17.80 -14.53 -4.64
CA VAL A 831 -17.08 -13.61 -5.54
C VAL A 831 -18.01 -12.58 -6.13
N GLY A 832 -17.58 -11.32 -6.10
CA GLY A 832 -18.32 -10.21 -6.67
C GLY A 832 -17.61 -9.77 -7.94
N THR A 833 -18.34 -9.62 -9.04
CA THR A 833 -17.74 -9.30 -10.34
C THR A 833 -18.31 -8.01 -10.97
N ALA A 834 -17.72 -7.60 -12.11
CA ALA A 834 -18.22 -6.56 -12.98
C ALA A 834 -18.01 -7.07 -14.41
N MET A 835 -18.95 -6.79 -15.31
CA MET A 835 -18.77 -7.05 -16.72
C MET A 835 -18.09 -5.79 -17.30
N VAL A 836 -16.94 -5.96 -17.93
CA VAL A 836 -16.16 -4.85 -18.43
C VAL A 836 -16.07 -4.80 -19.96
N TYR A 837 -16.53 -3.71 -20.58
CA TYR A 837 -16.44 -3.52 -22.03
C TYR A 837 -15.74 -2.20 -22.29
N PRO A 838 -14.82 -2.18 -23.28
CA PRO A 838 -14.08 -0.93 -23.56
C PRO A 838 -14.96 0.27 -23.92
N GLU A 839 -16.07 0.01 -24.60
CA GLU A 839 -16.99 1.05 -25.03
C GLU A 839 -17.86 1.62 -23.90
N GLU A 840 -17.91 0.95 -22.71
CA GLU A 840 -18.72 1.48 -21.62
C GLU A 840 -17.87 1.86 -20.43
N ALA A 841 -17.96 3.12 -20.06
CA ALA A 841 -17.19 3.65 -18.96
C ALA A 841 -17.66 3.08 -17.62
N GLU A 842 -18.96 3.12 -17.39
CA GLU A 842 -19.54 2.68 -16.13
C GLU A 842 -20.05 1.25 -16.20
N PRO A 843 -19.65 0.40 -15.24
CA PRO A 843 -20.18 -0.97 -15.21
C PRO A 843 -21.69 -1.01 -14.96
N LYS A 844 -22.40 -1.68 -15.86
CA LYS A 844 -23.86 -1.83 -15.81
C LYS A 844 -24.30 -3.26 -15.46
N GLN A 845 -23.36 -4.20 -15.38
CA GLN A 845 -23.68 -5.58 -15.09
C GLN A 845 -22.59 -6.16 -14.23
N GLY A 846 -22.96 -7.13 -13.44
CA GLY A 846 -22.05 -7.90 -12.61
C GLY A 846 -22.83 -8.93 -11.86
N ARG A 847 -22.14 -9.77 -11.09
CA ARG A 847 -22.85 -10.75 -10.27
C ARG A 847 -22.11 -11.09 -8.99
N ILE A 848 -22.82 -11.76 -8.09
CA ILE A 848 -22.27 -12.32 -6.89
C ILE A 848 -22.44 -13.83 -7.08
N VAL A 849 -21.35 -14.58 -6.99
CA VAL A 849 -21.39 -16.01 -7.20
C VAL A 849 -21.02 -16.69 -5.92
N VAL A 850 -21.84 -17.64 -5.48
CA VAL A 850 -21.61 -18.41 -4.26
C VAL A 850 -21.10 -19.78 -4.64
N PHE A 851 -19.89 -20.12 -4.21
CA PHE A 851 -19.28 -21.38 -4.53
C PHE A 851 -19.08 -22.20 -3.27
N GLN A 852 -19.08 -23.50 -3.43
CA GLN A 852 -18.75 -24.38 -2.33
C GLN A 852 -17.63 -25.29 -2.78
N TYR A 853 -16.60 -25.43 -1.96
CA TYR A 853 -15.53 -26.34 -2.29
C TYR A 853 -15.74 -27.61 -1.46
N SER A 854 -16.12 -28.68 -2.12
CA SER A 854 -16.39 -29.95 -1.47
C SER A 854 -15.69 -31.01 -2.29
N ASP A 855 -15.19 -32.03 -1.59
CA ASP A 855 -14.38 -33.10 -2.20
C ASP A 855 -13.21 -32.33 -2.82
N GLY A 856 -12.99 -32.49 -4.12
CA GLY A 856 -11.92 -31.78 -4.78
C GLY A 856 -12.38 -30.74 -5.76
N LYS A 857 -13.65 -30.41 -5.75
CA LYS A 857 -14.16 -29.48 -6.73
C LYS A 857 -14.98 -28.31 -6.21
N LEU A 858 -15.08 -27.32 -7.07
CA LEU A 858 -15.83 -26.13 -6.78
C LEU A 858 -17.16 -26.22 -7.50
N GLN A 859 -18.24 -26.09 -6.74
CA GLN A 859 -19.57 -26.13 -7.31
C GLN A 859 -20.17 -24.72 -7.15
N THR A 860 -20.92 -24.25 -8.15
CA THR A 860 -21.61 -22.99 -8.07
C THR A 860 -22.93 -23.33 -7.36
N VAL A 861 -23.14 -22.80 -6.18
CA VAL A 861 -24.35 -23.04 -5.39
C VAL A 861 -25.44 -22.07 -5.81
N ALA A 862 -25.08 -20.79 -6.01
CA ALA A 862 -26.06 -19.77 -6.37
C ALA A 862 -25.37 -18.57 -7.01
N GLU A 863 -26.11 -17.77 -7.76
CA GLU A 863 -25.60 -16.52 -8.29
C GLU A 863 -26.69 -15.49 -8.24
N LYS A 864 -26.30 -14.25 -8.18
CA LYS A 864 -27.21 -13.15 -8.11
C LYS A 864 -26.75 -12.11 -9.12
N GLU A 865 -27.61 -11.73 -10.05
CA GLU A 865 -27.29 -10.68 -11.01
C GLU A 865 -27.51 -9.37 -10.37
N VAL A 866 -26.56 -8.48 -10.52
CA VAL A 866 -26.67 -7.13 -10.05
C VAL A 866 -26.46 -6.25 -11.29
N LYS A 867 -26.84 -5.00 -11.21
CA LYS A 867 -26.71 -4.10 -12.32
C LYS A 867 -25.57 -3.16 -12.06
N GLY A 868 -24.38 -3.72 -11.83
CA GLY A 868 -23.20 -2.91 -11.59
C GLY A 868 -22.02 -3.70 -11.08
N ALA A 869 -20.93 -3.00 -10.74
CA ALA A 869 -19.73 -3.65 -10.26
C ALA A 869 -19.80 -3.97 -8.77
N VAL A 870 -19.48 -5.21 -8.36
CA VAL A 870 -19.47 -5.56 -6.93
C VAL A 870 -18.05 -5.29 -6.41
N TYR A 871 -17.77 -4.01 -6.11
CA TYR A 871 -16.45 -3.55 -5.67
C TYR A 871 -15.98 -4.19 -4.39
N SER A 872 -16.88 -4.40 -3.45
CA SER A 872 -16.52 -4.97 -2.14
C SER A 872 -17.65 -5.77 -1.58
N MET A 873 -17.32 -6.69 -0.68
CA MET A 873 -18.27 -7.52 0.04
C MET A 873 -17.73 -7.83 1.44
N VAL A 874 -18.61 -7.95 2.41
N VAL A 874 -18.61 -7.90 2.43
CA VAL A 874 -18.23 -8.34 3.76
CA VAL A 874 -18.26 -8.22 3.81
C VAL A 874 -19.34 -9.20 4.35
C VAL A 874 -19.34 -9.14 4.39
N GLU A 875 -18.96 -10.20 5.15
CA GLU A 875 -19.97 -11.01 5.85
C GLU A 875 -20.41 -10.08 7.03
N PHE A 876 -21.72 -9.91 7.23
CA PHE A 876 -22.25 -8.97 8.19
C PHE A 876 -23.34 -9.60 9.02
N ASN A 877 -23.00 -10.08 10.23
CA ASN A 877 -23.94 -10.74 11.13
C ASN A 877 -24.76 -11.85 10.45
N GLY A 878 -24.09 -12.72 9.68
CA GLY A 878 -24.75 -13.84 9.00
C GLY A 878 -25.41 -13.51 7.68
N LYS A 879 -25.27 -12.25 7.25
CA LYS A 879 -25.81 -11.78 5.98
C LYS A 879 -24.65 -11.34 5.09
N LEU A 880 -24.91 -11.07 3.81
CA LEU A 880 -23.88 -10.63 2.91
C LEU A 880 -24.10 -9.17 2.57
N LEU A 881 -23.12 -8.33 2.91
CA LEU A 881 -23.19 -6.91 2.64
C LEU A 881 -22.33 -6.66 1.41
N ALA A 882 -22.87 -6.00 0.40
CA ALA A 882 -22.13 -5.76 -0.83
C ALA A 882 -22.22 -4.33 -1.27
N SER A 883 -21.15 -3.81 -1.86
CA SER A 883 -21.18 -2.46 -2.41
C SER A 883 -21.19 -2.58 -3.94
N ILE A 884 -22.30 -2.17 -4.58
CA ILE A 884 -22.56 -2.26 -6.02
C ILE A 884 -22.70 -0.88 -6.59
N ASN A 885 -21.70 -0.43 -7.39
CA ASN A 885 -21.64 0.94 -7.92
C ASN A 885 -21.71 1.95 -6.73
N SER A 886 -22.77 2.78 -6.63
N SER A 886 -22.79 2.77 -6.67
CA SER A 886 -22.88 3.73 -5.54
CA SER A 886 -22.99 3.76 -5.62
C SER A 886 -23.81 3.27 -4.41
C SER A 886 -24.05 3.32 -4.62
N THR A 887 -24.22 2.00 -4.41
CA THR A 887 -25.15 1.50 -3.43
C THR A 887 -24.48 0.48 -2.51
N VAL A 888 -25.05 0.35 -1.31
CA VAL A 888 -24.67 -0.65 -0.35
C VAL A 888 -25.92 -1.52 -0.18
N ARG A 889 -25.79 -2.83 -0.34
CA ARG A 889 -26.94 -3.72 -0.35
C ARG A 889 -26.72 -4.84 0.65
N LEU A 890 -27.77 -5.20 1.39
CA LEU A 890 -27.68 -6.29 2.35
C LEU A 890 -28.51 -7.48 1.84
N TYR A 891 -27.91 -8.66 1.80
CA TYR A 891 -28.59 -9.86 1.34
C TYR A 891 -28.72 -10.85 2.43
N GLU A 892 -29.82 -11.54 2.44
CA GLU A 892 -30.06 -12.65 3.34
C GLU A 892 -29.92 -13.93 2.55
N TRP A 893 -29.36 -14.97 3.17
CA TRP A 893 -29.17 -16.27 2.56
C TRP A 893 -30.33 -17.16 3.07
N THR A 894 -31.23 -17.57 2.19
CA THR A 894 -32.41 -18.34 2.57
C THR A 894 -32.18 -19.84 2.55
N THR A 895 -33.14 -20.63 3.11
CA THR A 895 -33.08 -22.09 3.11
C THR A 895 -33.16 -22.64 1.68
N GLU A 896 -33.66 -21.87 0.71
CA GLU A 896 -33.67 -22.29 -0.68
C GLU A 896 -32.28 -22.06 -1.36
N LYS A 897 -31.28 -21.57 -0.59
CA LYS A 897 -29.90 -21.29 -1.02
C LYS A 897 -29.87 -20.25 -2.13
N GLU A 898 -30.47 -19.10 -1.84
CA GLU A 898 -30.52 -17.94 -2.71
C GLU A 898 -30.20 -16.69 -1.88
N LEU A 899 -29.66 -15.68 -2.55
CA LEU A 899 -29.41 -14.40 -1.92
C LEU A 899 -30.64 -13.57 -2.17
N ARG A 900 -31.24 -13.02 -1.12
N ARG A 900 -31.21 -13.00 -1.12
CA ARG A 900 -32.43 -12.18 -1.25
CA ARG A 900 -32.40 -12.19 -1.21
C ARG A 900 -32.19 -10.83 -0.62
C ARG A 900 -32.16 -10.81 -0.62
N THR A 901 -32.38 -9.76 -1.39
CA THR A 901 -32.16 -8.38 -0.93
C THR A 901 -33.07 -7.96 0.22
N GLU A 902 -32.46 -7.57 1.32
CA GLU A 902 -33.18 -7.07 2.46
C GLU A 902 -33.36 -5.56 2.29
N CYS A 903 -32.27 -4.83 2.08
CA CYS A 903 -32.32 -3.38 1.96
C CYS A 903 -31.13 -2.87 1.11
N ASN A 904 -31.27 -1.64 0.64
CA ASN A 904 -30.29 -1.05 -0.26
C ASN A 904 -30.19 0.42 0.10
N HIS A 905 -28.97 0.92 0.31
CA HIS A 905 -28.72 2.32 0.62
C HIS A 905 -28.07 3.01 -0.57
N TYR A 906 -28.70 4.06 -1.10
CA TYR A 906 -28.15 4.81 -2.22
C TYR A 906 -27.24 5.87 -1.67
N ASN A 907 -25.95 5.84 -2.02
CA ASN A 907 -25.01 6.85 -1.55
C ASN A 907 -24.75 7.84 -2.69
N ASN A 908 -24.25 9.00 -2.34
CA ASN A 908 -23.84 9.99 -3.33
C ASN A 908 -22.36 9.81 -3.72
N ILE A 909 -21.75 8.65 -3.40
CA ILE A 909 -20.37 8.28 -3.71
C ILE A 909 -20.38 6.82 -4.14
N MET A 910 -19.33 6.42 -4.83
N MET A 910 -19.33 6.40 -4.84
CA MET A 910 -19.17 5.03 -5.20
CA MET A 910 -19.19 5.00 -5.23
C MET A 910 -18.78 4.28 -3.92
C MET A 910 -18.75 4.25 -3.97
N ALA A 911 -19.46 3.18 -3.61
CA ALA A 911 -19.15 2.42 -2.41
C ALA A 911 -18.03 1.46 -2.73
N LEU A 912 -16.80 1.99 -2.77
CA LEU A 912 -15.60 1.29 -3.16
C LEU A 912 -14.97 0.48 -2.03
N TYR A 913 -14.88 1.10 -0.85
CA TYR A 913 -14.34 0.47 0.32
C TYR A 913 -15.51 0.16 1.25
N LEU A 914 -15.43 -0.99 1.93
CA LEU A 914 -16.48 -1.49 2.81
C LEU A 914 -15.81 -2.17 3.95
N LYS A 915 -16.10 -1.73 5.17
CA LYS A 915 -15.55 -2.36 6.37
C LYS A 915 -16.69 -2.33 7.40
N THR A 916 -16.75 -3.33 8.30
CA THR A 916 -17.82 -3.34 9.30
C THR A 916 -17.33 -3.71 10.69
N LYS A 917 -18.06 -3.24 11.72
CA LYS A 917 -17.84 -3.60 13.10
C LYS A 917 -19.22 -3.57 13.76
N GLY A 918 -19.70 -4.72 14.22
CA GLY A 918 -21.02 -4.80 14.83
C GLY A 918 -22.07 -4.50 13.79
N ASP A 919 -22.95 -3.55 14.08
CA ASP A 919 -23.95 -3.12 13.12
C ASP A 919 -23.50 -1.87 12.33
N PHE A 920 -22.25 -1.41 12.52
CA PHE A 920 -21.73 -0.22 11.86
C PHE A 920 -21.01 -0.57 10.57
N ILE A 921 -21.09 0.30 9.59
CA ILE A 921 -20.51 0.11 8.28
C ILE A 921 -19.78 1.37 7.83
N LEU A 922 -18.52 1.23 7.48
CA LEU A 922 -17.70 2.31 6.96
C LEU A 922 -17.64 2.12 5.43
N VAL A 923 -18.04 3.16 4.68
CA VAL A 923 -18.08 3.22 3.23
C VAL A 923 -17.08 4.31 2.79
N GLY A 924 -16.30 4.03 1.75
CA GLY A 924 -15.33 4.99 1.25
C GLY A 924 -15.21 4.95 -0.24
N ASP A 925 -14.80 6.07 -0.85
CA ASP A 925 -14.58 6.08 -2.30
C ASP A 925 -13.09 6.36 -2.60
N LEU A 926 -12.69 6.38 -3.89
CA LEU A 926 -11.32 6.66 -4.28
C LEU A 926 -10.86 8.07 -3.88
N MET A 927 -11.81 8.98 -3.60
CA MET A 927 -11.48 10.35 -3.28
C MET A 927 -11.58 10.68 -1.82
N ARG A 928 -11.44 9.67 -0.94
CA ARG A 928 -11.39 9.91 0.49
C ARG A 928 -12.72 10.43 1.09
N SER A 929 -13.83 10.20 0.38
CA SER A 929 -15.15 10.51 0.92
C SER A 929 -15.43 9.35 1.85
N VAL A 930 -15.75 9.65 3.11
CA VAL A 930 -15.98 8.62 4.13
C VAL A 930 -17.41 8.73 4.60
N LEU A 931 -18.06 7.59 4.79
CA LEU A 931 -19.46 7.52 5.17
C LEU A 931 -19.64 6.46 6.23
N LEU A 932 -20.36 6.78 7.29
CA LEU A 932 -20.65 5.81 8.33
C LEU A 932 -22.15 5.52 8.33
N LEU A 933 -22.52 4.25 8.19
CA LEU A 933 -23.92 3.80 8.21
C LEU A 933 -24.11 2.85 9.40
N ALA A 934 -25.33 2.75 9.86
CA ALA A 934 -25.68 1.78 10.89
C ALA A 934 -26.87 0.99 10.37
N TYR A 935 -26.83 -0.33 10.50
CA TYR A 935 -27.96 -1.16 10.15
C TYR A 935 -28.88 -1.11 11.36
N LYS A 936 -30.18 -0.95 11.10
CA LYS A 936 -31.20 -0.86 12.13
C LYS A 936 -32.04 -2.12 12.11
N PRO A 937 -31.77 -3.07 13.01
CA PRO A 937 -32.52 -4.34 13.01
C PRO A 937 -34.04 -4.24 13.09
N MET A 938 -34.53 -3.28 13.86
CA MET A 938 -35.97 -3.10 13.98
C MET A 938 -36.60 -2.41 12.78
N GLU A 939 -35.79 -1.79 11.89
CA GLU A 939 -36.28 -1.13 10.68
C GLU A 939 -35.93 -1.90 9.39
N GLY A 940 -34.97 -2.83 9.46
CA GLY A 940 -34.53 -3.62 8.32
C GLY A 940 -33.97 -2.73 7.22
N ASN A 941 -33.25 -1.67 7.61
N ASN A 941 -33.25 -1.68 7.61
CA ASN A 941 -32.66 -0.70 6.69
CA ASN A 941 -32.64 -0.72 6.69
C ASN A 941 -31.43 -0.01 7.31
C ASN A 941 -31.38 -0.06 7.30
N PHE A 942 -30.72 0.83 6.54
CA PHE A 942 -29.55 1.56 7.03
C PHE A 942 -29.94 2.98 7.37
N GLU A 943 -29.18 3.58 8.28
CA GLU A 943 -29.31 4.97 8.69
C GLU A 943 -27.88 5.56 8.54
N GLU A 944 -27.75 6.71 7.87
CA GLU A 944 -26.46 7.36 7.75
C GLU A 944 -26.19 8.05 9.09
N ILE A 945 -25.04 7.77 9.69
CA ILE A 945 -24.66 8.29 11.01
C ILE A 945 -23.76 9.52 10.86
N ALA A 946 -22.74 9.41 10.02
CA ALA A 946 -21.77 10.50 9.85
C ALA A 946 -21.15 10.43 8.46
N ARG A 947 -20.52 11.55 8.03
CA ARG A 947 -19.84 11.60 6.75
C ARG A 947 -18.78 12.69 6.74
N ASP A 948 -17.83 12.56 5.80
CA ASP A 948 -16.78 13.54 5.63
C ASP A 948 -16.25 13.52 4.20
N PHE A 949 -16.24 14.67 3.55
CA PHE A 949 -15.70 14.83 2.22
C PHE A 949 -14.43 15.65 2.38
N ASN A 950 -13.31 15.14 1.92
CA ASN A 950 -12.06 15.86 1.95
C ASN A 950 -11.30 15.30 0.77
N PRO A 951 -11.56 15.81 -0.45
CA PRO A 951 -11.01 15.18 -1.66
C PRO A 951 -9.50 14.97 -1.69
N ASN A 952 -9.13 13.70 -1.87
CA ASN A 952 -7.76 13.21 -1.99
C ASN A 952 -7.79 11.73 -2.42
N TRP A 953 -6.75 11.20 -3.09
CA TRP A 953 -6.75 9.77 -3.44
C TRP A 953 -6.63 8.91 -2.20
N MET A 954 -7.55 7.96 -2.03
CA MET A 954 -7.55 7.08 -0.89
C MET A 954 -7.38 5.65 -1.41
N SER A 955 -6.41 4.91 -0.85
CA SER A 955 -6.05 3.59 -1.32
C SER A 955 -6.51 2.43 -0.45
N ALA A 956 -6.89 2.70 0.79
CA ALA A 956 -7.32 1.66 1.72
C ALA A 956 -7.96 2.32 2.94
N VAL A 957 -8.80 1.60 3.66
CA VAL A 957 -9.45 2.13 4.84
C VAL A 957 -9.71 0.97 5.83
N GLU A 958 -9.80 1.29 7.13
CA GLU A 958 -10.03 0.26 8.15
C GLU A 958 -10.72 0.88 9.37
N ILE A 959 -11.54 0.09 10.08
CA ILE A 959 -12.18 0.51 11.31
C ILE A 959 -11.24 0.12 12.47
N LEU A 960 -10.78 1.09 13.25
CA LEU A 960 -9.91 0.79 14.40
C LEU A 960 -10.75 0.36 15.61
N ASP A 961 -11.79 1.12 15.88
CA ASP A 961 -12.75 0.87 16.95
C ASP A 961 -14.10 1.50 16.55
N ASP A 962 -15.11 1.48 17.43
CA ASP A 962 -16.43 2.03 17.10
C ASP A 962 -16.42 3.49 16.64
N ASP A 963 -15.45 4.28 17.15
CA ASP A 963 -15.38 5.70 16.87
C ASP A 963 -14.24 6.16 15.98
N ASN A 964 -13.27 5.28 15.65
CA ASN A 964 -12.09 5.70 14.88
C ASN A 964 -11.85 4.88 13.64
N PHE A 965 -11.49 5.57 12.56
CA PHE A 965 -11.35 4.97 11.24
C PHE A 965 -9.99 5.42 10.65
N LEU A 966 -9.20 4.46 10.16
CA LEU A 966 -7.86 4.68 9.64
C LEU A 966 -7.87 4.57 8.12
N GLY A 967 -7.21 5.48 7.43
CA GLY A 967 -7.11 5.39 5.99
C GLY A 967 -5.73 5.69 5.49
N ALA A 968 -5.49 5.32 4.23
CA ALA A 968 -4.24 5.62 3.57
C ALA A 968 -4.59 6.55 2.41
N GLU A 969 -3.89 7.69 2.30
CA GLU A 969 -4.18 8.68 1.27
C GLU A 969 -2.93 9.33 0.67
N ASN A 970 -3.10 9.95 -0.49
CA ASN A 970 -2.02 10.64 -1.21
C ASN A 970 -1.38 11.76 -0.35
N ALA A 971 -0.05 11.93 -0.38
CA ALA A 971 0.89 11.02 -1.05
C ALA A 971 1.58 10.24 0.04
N PHE A 972 1.33 8.93 0.14
CA PHE A 972 1.98 8.01 1.08
C PHE A 972 1.67 8.38 2.54
N ASN A 973 0.45 8.84 2.80
CA ASN A 973 0.06 9.23 4.16
C ASN A 973 -0.94 8.26 4.78
N LEU A 974 -1.09 8.38 6.08
CA LEU A 974 -2.10 7.74 6.87
C LEU A 974 -2.90 8.86 7.54
N PHE A 975 -4.20 8.63 7.73
CA PHE A 975 -5.05 9.54 8.46
C PHE A 975 -5.96 8.76 9.39
N VAL A 976 -6.45 9.42 10.42
CA VAL A 976 -7.41 8.84 11.33
C VAL A 976 -8.52 9.86 11.52
N CYS A 977 -9.75 9.41 11.34
N CYS A 977 -9.75 9.45 11.29
CA CYS A 977 -10.95 10.20 11.54
CA CYS A 977 -10.90 10.29 11.57
C CYS A 977 -11.75 9.61 12.69
C CYS A 977 -11.79 9.64 12.63
N GLN A 978 -12.40 10.49 13.44
CA GLN A 978 -13.20 10.07 14.56
C GLN A 978 -14.59 10.68 14.62
N LYS A 979 -15.55 9.92 15.13
CA LYS A 979 -16.89 10.47 15.25
C LYS A 979 -17.02 11.05 16.65
N ASP A 980 -17.35 12.34 16.69
CA ASP A 980 -17.48 13.16 17.91
C ASP A 980 -18.49 12.71 18.97
C THR A 984 -26.77 17.78 20.30
N THR A 985 -26.01 17.56 19.21
CA THR A 985 -26.14 18.37 17.99
C THR A 985 -26.07 17.46 16.77
N ASP A 986 -27.07 17.56 15.86
CA ASP A 986 -27.09 16.73 14.66
C ASP A 986 -25.87 16.99 13.77
N GLU A 987 -25.53 18.27 13.51
CA GLU A 987 -24.39 18.65 12.69
C GLU A 987 -23.05 18.19 13.30
N GLU A 988 -22.96 18.23 14.64
CA GLU A 988 -21.74 17.80 15.32
C GLU A 988 -21.61 16.27 15.33
N ARG A 989 -22.74 15.56 15.47
CA ARG A 989 -22.78 14.10 15.48
C ARG A 989 -22.47 13.51 14.10
N GLN A 990 -22.86 14.19 13.03
CA GLN A 990 -22.62 13.75 11.67
C GLN A 990 -21.25 14.15 11.11
N HIS A 991 -20.42 14.82 11.91
CA HIS A 991 -19.10 15.33 11.51
C HIS A 991 -17.98 14.40 11.98
N LEU A 992 -17.15 13.94 11.04
CA LEU A 992 -16.00 13.13 11.38
C LEU A 992 -14.84 14.08 11.61
N GLN A 993 -14.17 13.96 12.74
CA GLN A 993 -13.07 14.85 13.09
C GLN A 993 -11.72 14.25 12.72
N GLU A 994 -10.85 15.04 12.13
CA GLU A 994 -9.51 14.60 11.79
C GLU A 994 -8.69 14.56 13.07
N VAL A 995 -8.23 13.38 13.48
CA VAL A 995 -7.44 13.26 14.71
C VAL A 995 -6.03 12.74 14.50
N GLY A 996 -5.73 12.24 13.31
CA GLY A 996 -4.42 11.70 13.01
C GLY A 996 -4.04 11.94 11.57
N LEU A 997 -2.78 12.30 11.35
CA LEU A 997 -2.16 12.56 10.05
C LEU A 997 -0.72 12.11 10.20
N PHE A 998 -0.19 11.38 9.21
CA PHE A 998 1.21 10.93 9.30
C PHE A 998 1.72 10.60 7.91
N HIS A 999 2.93 11.04 7.56
CA HIS A 999 3.50 10.65 6.27
C HIS A 999 4.26 9.34 6.51
N LEU A 1000 3.66 8.24 6.05
CA LEU A 1000 4.20 6.89 6.20
C LEU A 1000 5.37 6.64 5.24
N GLY A 1001 5.27 7.15 4.02
CA GLY A 1001 6.30 6.92 3.02
C GLY A 1001 6.09 5.66 2.22
N GLU A 1002 4.95 4.94 2.45
CA GLU A 1002 4.58 3.75 1.72
C GLU A 1002 3.13 3.90 1.24
N PHE A 1003 2.74 3.14 0.20
CA PHE A 1003 1.42 3.15 -0.41
C PHE A 1003 0.70 1.92 0.10
N VAL A 1004 -0.31 2.10 0.95
CA VAL A 1004 -1.02 0.96 1.51
C VAL A 1004 -2.10 0.42 0.57
N ASN A 1005 -2.05 -0.89 0.27
CA ASN A 1005 -3.11 -1.52 -0.53
C ASN A 1005 -4.10 -2.24 0.35
N VAL A 1006 -3.66 -2.76 1.50
CA VAL A 1006 -4.52 -3.56 2.35
C VAL A 1006 -4.24 -3.34 3.83
N PHE A 1007 -5.32 -3.27 4.61
CA PHE A 1007 -5.29 -3.29 6.07
C PHE A 1007 -6.01 -4.54 6.48
N CYS A 1008 -5.53 -5.18 7.53
CA CYS A 1008 -6.26 -6.28 8.12
C CYS A 1008 -5.98 -6.42 9.61
N HIS A 1009 -7.00 -6.76 10.38
CA HIS A 1009 -6.83 -6.97 11.82
C HIS A 1009 -6.14 -8.30 11.96
N GLY A 1010 -5.08 -8.33 12.75
CA GLY A 1010 -4.41 -9.58 12.94
C GLY A 1010 -3.26 -9.59 13.88
N SER A 1011 -3.05 -10.73 14.51
N SER A 1011 -3.04 -10.73 14.54
CA SER A 1011 -1.92 -10.91 15.38
CA SER A 1011 -1.93 -10.87 15.45
C SER A 1011 -0.89 -11.80 14.70
C SER A 1011 -0.86 -11.84 14.90
N LEU A 1012 0.33 -11.32 14.62
CA LEU A 1012 1.42 -12.11 14.09
C LEU A 1012 2.32 -12.56 15.24
N VAL A 1013 2.44 -11.75 16.31
CA VAL A 1013 3.27 -12.13 17.46
C VAL A 1013 2.40 -12.57 18.66
N MET A 1014 3.01 -13.26 19.63
CA PRO A 1023 1.13 -1.02 26.73
C PRO A 1023 0.49 -0.47 25.46
N THR A 1024 0.07 -1.37 24.54
CA THR A 1024 -0.60 -1.00 23.28
C THR A 1024 -1.88 -1.83 23.08
N GLN A 1025 -2.87 -1.31 22.35
CA GLN A 1025 -4.13 -2.04 22.17
C GLN A 1025 -4.50 -2.21 20.70
N GLY A 1026 -4.84 -3.43 20.33
CA GLY A 1026 -5.25 -3.72 18.97
C GLY A 1026 -4.08 -3.97 18.06
N SER A 1027 -4.39 -4.44 16.86
CA SER A 1027 -3.39 -4.76 15.89
C SER A 1027 -3.99 -4.69 14.51
N VAL A 1028 -3.54 -3.72 13.74
CA VAL A 1028 -3.95 -3.57 12.36
C VAL A 1028 -2.68 -3.64 11.54
N LEU A 1029 -2.61 -4.62 10.65
CA LEU A 1029 -1.47 -4.81 9.78
C LEU A 1029 -1.73 -4.16 8.45
N PHE A 1030 -0.66 -3.75 7.76
CA PHE A 1030 -0.82 -3.21 6.41
C PHE A 1030 0.25 -3.72 5.47
N GLY A 1031 -0.16 -3.92 4.23
CA GLY A 1031 0.71 -4.37 3.16
C GLY A 1031 0.80 -3.29 2.10
N THR A 1032 2.00 -3.12 1.54
CA THR A 1032 2.23 -2.02 0.65
C THR A 1032 2.79 -2.41 -0.76
N VAL A 1033 2.84 -1.43 -1.68
CA VAL A 1033 3.40 -1.57 -3.03
C VAL A 1033 4.88 -1.97 -2.99
N ASN A 1034 5.65 -1.41 -2.03
CA ASN A 1034 7.07 -1.75 -1.94
C ASN A 1034 7.37 -3.04 -1.18
N GLY A 1035 6.35 -3.77 -0.71
CA GLY A 1035 6.57 -5.02 0.01
C GLY A 1035 6.82 -4.84 1.51
N MET A 1036 6.72 -3.59 1.98
CA MET A 1036 6.86 -3.27 3.39
C MET A 1036 5.56 -3.70 4.08
N ILE A 1037 5.67 -4.18 5.30
CA ILE A 1037 4.54 -4.57 6.09
C ILE A 1037 4.66 -3.80 7.41
N GLY A 1038 3.57 -3.20 7.81
CA GLY A 1038 3.54 -2.43 9.04
C GLY A 1038 2.41 -2.80 9.96
N LEU A 1039 2.44 -2.22 11.16
CA LEU A 1039 1.48 -2.46 12.22
C LEU A 1039 1.05 -1.10 12.78
N VAL A 1040 -0.25 -0.95 13.00
CA VAL A 1040 -0.81 0.19 13.67
C VAL A 1040 -1.47 -0.37 14.96
N THR A 1041 -1.14 0.24 16.10
CA THR A 1041 -1.74 -0.15 17.36
C THR A 1041 -2.10 1.11 18.16
N SER A 1042 -3.09 1.03 19.02
CA SER A 1042 -3.55 2.19 19.79
C SER A 1042 -2.79 2.38 21.08
N LEU A 1043 -2.71 3.62 21.51
CA LEU A 1043 -2.05 3.97 22.76
C LEU A 1043 -3.04 4.77 23.59
N SER A 1044 -2.86 4.77 24.90
CA SER A 1044 -3.63 5.68 25.77
C SER A 1044 -3.03 7.09 25.55
N GLU A 1045 -3.73 8.14 26.02
CA GLU A 1045 -3.23 9.51 25.88
C GLU A 1045 -1.91 9.68 26.63
N SER A 1046 -1.77 9.04 27.79
CA SER A 1046 -0.58 9.13 28.64
C SER A 1046 0.66 8.54 27.94
N TRP A 1047 0.49 7.37 27.29
CA TRP A 1047 1.60 6.77 26.55
C TRP A 1047 1.98 7.60 25.35
N TYR A 1048 0.97 8.14 24.64
CA TYR A 1048 1.17 9.00 23.48
C TYR A 1048 1.98 10.25 23.89
N ASN A 1049 1.59 10.92 24.99
CA ASN A 1049 2.29 12.10 25.46
C ASN A 1049 3.76 11.79 25.81
N LEU A 1050 4.01 10.66 26.49
CA LEU A 1050 5.39 10.30 26.83
C LEU A 1050 6.20 10.03 25.56
N LEU A 1051 5.67 9.21 24.63
CA LEU A 1051 6.38 8.85 23.40
C LEU A 1051 6.56 10.03 22.46
N LEU A 1052 5.60 10.97 22.46
CA LEU A 1052 5.73 12.17 21.62
C LEU A 1052 6.88 13.02 22.14
N ASP A 1053 6.95 13.19 23.46
N ASP A 1053 6.96 13.21 23.47
CA ASP A 1053 8.01 13.93 24.12
CA ASP A 1053 8.05 13.95 24.10
C ASP A 1053 9.36 13.26 23.84
C ASP A 1053 9.38 13.26 23.81
N MET A 1054 9.39 11.93 23.95
CA MET A 1054 10.57 11.11 23.68
C MET A 1054 11.04 11.27 22.24
N GLN A 1055 10.11 11.37 21.27
CA GLN A 1055 10.49 11.60 19.85
C GLN A 1055 11.24 12.89 19.67
N ASN A 1056 10.71 13.98 20.26
CA ASN A 1056 11.33 15.29 20.18
C ASN A 1056 12.74 15.29 20.73
N ARG A 1057 12.95 14.58 21.83
CA ARG A 1057 14.25 14.43 22.45
C ARG A 1057 15.21 13.55 21.65
N LEU A 1058 14.72 12.41 21.12
CA LEU A 1058 15.53 11.52 20.30
C LEU A 1058 15.97 12.23 19.01
N ASN A 1059 15.10 13.08 18.43
CA ASN A 1059 15.43 13.81 17.21
C ASN A 1059 16.62 14.77 17.37
N LYS A 1060 16.92 15.16 18.61
CA LYS A 1060 18.08 16.01 18.88
C LYS A 1060 19.38 15.20 18.98
N VAL A 1061 19.32 13.87 19.13
CA VAL A 1061 20.52 13.06 19.28
C VAL A 1061 20.75 12.10 18.09
N ILE A 1062 19.72 11.66 17.36
CA ILE A 1062 19.90 10.73 16.24
C ILE A 1062 20.49 11.46 15.02
N LYS A 1063 21.58 10.92 14.44
CA LYS A 1063 22.19 11.52 13.24
C LYS A 1063 21.32 11.16 12.05
N SER A 1064 20.84 12.17 11.32
CA SER A 1064 19.98 11.91 10.17
C SER A 1064 20.82 11.93 8.89
N VAL A 1065 20.77 10.86 8.08
CA VAL A 1065 21.51 10.78 6.80
C VAL A 1065 20.93 11.85 5.86
N GLY A 1066 21.78 12.76 5.39
CA GLY A 1066 21.34 13.88 4.58
C GLY A 1066 20.83 15.06 5.38
N LYS A 1067 20.89 14.98 6.73
CA LYS A 1067 20.43 15.98 7.69
C LYS A 1067 18.97 16.40 7.45
N ILE A 1068 18.11 15.42 7.21
CA ILE A 1068 16.69 15.67 7.05
C ILE A 1068 16.04 15.62 8.44
N GLU A 1069 15.19 16.58 8.78
CA GLU A 1069 14.50 16.57 10.06
C GLU A 1069 13.39 15.52 10.06
N HIS A 1070 13.29 14.76 11.16
CA HIS A 1070 12.25 13.75 11.31
C HIS A 1070 10.85 14.35 11.19
N SER A 1071 10.62 15.55 11.76
N SER A 1071 10.62 15.55 11.77
CA SER A 1071 9.30 16.19 11.69
CA SER A 1071 9.30 16.22 11.72
C SER A 1071 8.91 16.54 10.28
C SER A 1071 8.90 16.62 10.31
N PHE A 1072 9.88 16.96 9.48
CA PHE A 1072 9.61 17.31 8.09
C PHE A 1072 9.25 16.02 7.33
N TRP A 1073 10.02 14.95 7.54
CA TRP A 1073 9.76 13.66 6.90
C TRP A 1073 8.37 13.13 7.24
N ARG A 1074 7.99 13.14 8.53
CA ARG A 1074 6.70 12.61 8.92
C ARG A 1074 5.53 13.55 8.68
N SER A 1075 5.78 14.81 8.28
CA SER A 1075 4.67 15.74 8.01
C SER A 1075 3.83 15.23 6.88
N PHE A 1076 2.48 15.24 7.07
CA PHE A 1076 1.46 14.87 6.09
C PHE A 1076 1.76 15.67 4.82
N HIS A 1077 1.87 14.97 3.71
CA HIS A 1077 2.36 15.55 2.49
C HIS A 1077 1.53 15.32 1.25
N THR A 1078 1.39 16.39 0.48
CA THR A 1078 0.89 16.38 -0.90
C THR A 1078 1.85 17.32 -1.70
N GLU A 1079 1.77 17.35 -3.05
CA GLU A 1079 2.63 18.22 -3.83
C GLU A 1079 2.44 19.70 -3.45
N ARG A 1080 1.18 20.08 -3.16
CA ARG A 1080 0.79 21.44 -2.81
C ARG A 1080 0.82 21.81 -1.31
N LYS A 1081 0.78 20.83 -0.37
CA LYS A 1081 0.69 21.16 1.05
C LYS A 1081 1.47 20.23 1.98
N THR A 1082 1.80 20.76 3.16
CA THR A 1082 2.54 20.08 4.21
C THR A 1082 1.93 20.47 5.55
N GLU A 1083 1.63 19.48 6.40
CA GLU A 1083 1.07 19.70 7.72
C GLU A 1083 1.81 18.83 8.72
N PRO A 1084 2.12 19.32 9.93
CA PRO A 1084 2.81 18.44 10.91
C PRO A 1084 2.02 17.17 11.21
N ALA A 1085 2.73 16.05 11.51
CA ALA A 1085 2.05 14.81 11.84
C ALA A 1085 1.32 14.99 13.18
N THR A 1086 0.22 14.28 13.36
CA THR A 1086 -0.55 14.36 14.60
C THR A 1086 -1.15 13.01 14.92
N GLY A 1087 -1.29 12.71 16.19
CA GLY A 1087 -1.89 11.47 16.65
C GLY A 1087 -1.20 10.18 16.26
N PHE A 1088 0.06 10.26 15.78
CA PHE A 1088 0.82 9.07 15.42
C PHE A 1088 2.23 9.12 16.03
N ILE A 1089 2.66 8.01 16.60
CA ILE A 1089 3.99 7.83 17.12
C ILE A 1089 4.75 6.95 16.12
N ASP A 1090 5.96 7.34 15.74
CA ASP A 1090 6.82 6.61 14.84
C ASP A 1090 7.60 5.59 15.66
N GLY A 1091 7.10 4.36 15.67
CA GLY A 1091 7.70 3.24 16.37
C GLY A 1091 9.13 2.92 15.96
N ASP A 1092 9.44 3.11 14.68
CA ASP A 1092 10.79 2.92 14.16
C ASP A 1092 11.77 3.90 14.83
N LEU A 1093 11.34 5.14 15.04
CA LEU A 1093 12.17 6.15 15.71
C LEU A 1093 12.28 5.79 17.19
N ILE A 1094 11.14 5.48 17.85
CA ILE A 1094 11.17 5.11 19.26
C ILE A 1094 12.15 3.95 19.56
N GLU A 1095 12.13 2.89 18.72
CA GLU A 1095 13.00 1.73 18.88
C GLU A 1095 14.47 2.06 18.72
N SER A 1096 14.81 3.06 17.92
CA SER A 1096 16.20 3.47 17.75
C SER A 1096 16.83 3.96 19.07
N PHE A 1097 16.01 4.30 20.08
CA PHE A 1097 16.50 4.68 21.42
C PHE A 1097 17.43 3.59 22.00
N LEU A 1098 17.15 2.30 21.70
CA LEU A 1098 17.92 1.17 22.21
C LEU A 1098 19.35 1.11 21.67
N ASP A 1099 19.62 1.76 20.53
CA ASP A 1099 20.93 1.72 19.91
C ASP A 1099 21.81 2.94 20.16
N ILE A 1100 21.36 3.89 20.98
CA ILE A 1100 22.17 5.07 21.27
C ILE A 1100 23.02 4.83 22.53
N SER A 1101 24.07 5.66 22.71
CA SER A 1101 24.94 5.47 23.86
C SER A 1101 24.20 5.72 25.20
N ARG A 1102 24.70 5.16 26.30
CA ARG A 1102 24.15 5.37 27.63
C ARG A 1102 24.03 6.88 28.00
N PRO A 1103 25.07 7.73 27.77
CA PRO A 1103 24.91 9.17 28.08
C PRO A 1103 23.80 9.83 27.25
N LYS A 1104 23.65 9.42 25.98
CA LYS A 1104 22.62 9.97 25.11
C LYS A 1104 21.23 9.50 25.56
N MET A 1105 21.11 8.28 26.11
CA MET A 1105 19.84 7.76 26.66
C MET A 1105 19.45 8.62 27.84
N GLN A 1106 20.42 8.94 28.72
CA GLN A 1106 20.13 9.77 29.88
C GLN A 1106 19.74 11.18 29.45
N GLU A 1107 20.37 11.71 28.41
CA GLU A 1107 20.02 13.03 27.86
C GLU A 1107 18.58 13.02 27.31
N VAL A 1108 18.18 11.94 26.61
CA VAL A 1108 16.83 11.81 26.06
C VAL A 1108 15.77 11.77 27.18
N VAL A 1109 16.06 11.02 28.27
CA VAL A 1109 15.06 10.86 29.33
C VAL A 1109 15.10 11.96 30.41
N ALA A 1110 16.12 12.83 30.40
CA ALA A 1110 16.33 13.88 31.41
C ALA A 1110 15.07 14.67 31.75
N ASN A 1111 14.34 15.15 30.73
CA ASN A 1111 13.14 15.92 31.01
C ASN A 1111 11.84 15.18 30.70
N LEU A 1112 11.90 13.85 30.54
CA LEU A 1112 10.69 13.05 30.35
C LEU A 1112 10.05 12.84 31.71
N GLN A 1113 8.72 12.89 31.75
CA GLN A 1113 7.98 12.65 32.96
C GLN A 1113 7.39 11.26 32.82
N TYR A 1114 7.92 10.32 33.59
CA TYR A 1114 7.43 8.95 33.56
C TYR A 1114 6.25 8.80 34.48
N ASP A 1115 5.25 8.06 34.03
CA ASP A 1115 4.05 7.79 34.79
C ASP A 1115 3.98 6.26 34.97
N ASP A 1116 4.17 5.78 36.20
CA ASP A 1116 4.13 4.34 36.46
C ASP A 1116 2.71 3.84 36.84
N GLY A 1117 1.68 4.48 36.31
CA GLY A 1117 0.30 4.06 36.49
C GLY A 1117 -0.51 4.69 37.60
N SER A 1118 0.01 5.75 38.25
CA SER A 1118 -0.69 6.38 39.35
C SER A 1118 -1.00 7.87 39.15
N GLY A 1119 -0.45 8.48 38.10
CA GLY A 1119 -0.61 9.91 37.89
C GLY A 1119 0.51 10.71 38.54
N MET A 1120 1.15 10.13 39.57
CA MET A 1120 2.28 10.71 40.27
C MET A 1120 3.51 10.60 39.36
N LYS A 1121 3.69 11.58 38.48
CA LYS A 1121 4.80 11.55 37.56
C LYS A 1121 6.11 11.92 38.22
N ARG A 1122 7.17 11.26 37.78
CA ARG A 1122 8.51 11.52 38.28
C ARG A 1122 9.49 11.38 37.15
N GLU A 1123 10.72 11.90 37.31
CA GLU A 1123 11.75 11.81 36.30
C GLU A 1123 11.95 10.36 35.80
N ALA A 1124 11.94 10.19 34.49
CA ALA A 1124 12.15 8.87 33.90
C ALA A 1124 13.65 8.57 33.96
N THR A 1125 14.01 7.30 34.13
CA THR A 1125 15.41 6.88 34.06
C THR A 1125 15.65 6.21 32.69
N ALA A 1126 16.94 6.05 32.31
CA ALA A 1126 17.29 5.33 31.09
C ALA A 1126 16.77 3.87 31.20
N ASP A 1127 16.94 3.22 32.38
CA ASP A 1127 16.46 1.85 32.58
C ASP A 1127 14.93 1.72 32.46
N ASP A 1128 14.16 2.75 32.85
CA ASP A 1128 12.70 2.73 32.69
C ASP A 1128 12.36 2.67 31.21
N LEU A 1129 12.93 3.58 30.40
CA LEU A 1129 12.64 3.64 28.98
C LEU A 1129 13.17 2.45 28.23
N ILE A 1130 14.30 1.88 28.66
CA ILE A 1130 14.86 0.69 28.01
C ILE A 1130 13.85 -0.46 28.07
N LYS A 1131 13.25 -0.73 29.24
CA LYS A 1131 12.28 -1.81 29.35
C LYS A 1131 10.95 -1.52 28.63
N VAL A 1132 10.52 -0.25 28.60
CA VAL A 1132 9.33 0.15 27.88
C VAL A 1132 9.56 -0.08 26.35
N VAL A 1133 10.74 0.34 25.85
CA VAL A 1133 11.02 0.23 24.43
C VAL A 1133 11.29 -1.22 24.04
N GLU A 1134 11.91 -2.02 24.93
CA GLU A 1134 12.09 -3.45 24.65
C GLU A 1134 10.73 -4.13 24.57
N GLU A 1135 9.79 -3.79 25.45
CA GLU A 1135 8.43 -4.31 25.40
C GLU A 1135 7.77 -3.93 24.06
N LEU A 1136 7.93 -2.67 23.61
CA LEU A 1136 7.40 -2.22 22.32
C LEU A 1136 7.98 -3.03 21.16
N THR A 1137 9.27 -3.37 21.20
CA THR A 1137 9.87 -4.18 20.12
C THR A 1137 9.26 -5.57 19.99
N ARG A 1138 8.73 -6.12 21.09
CA ARG A 1138 8.14 -7.46 21.07
C ARG A 1138 6.73 -7.53 20.41
N ILE A 1139 6.17 -6.39 20.00
CA ILE A 1139 4.84 -6.40 19.35
C ILE A 1139 4.88 -6.72 17.84
N HIS A 1140 6.07 -6.76 17.25
CA HIS A 1140 6.23 -7.05 15.82
C HIS A 1140 7.50 -7.85 15.60
N TRP A 1141 7.63 -8.45 14.41
CA TRP A 1141 8.82 -9.21 14.00
C TRP A 1141 10.05 -8.32 13.98
N SER A 1142 11.17 -8.86 14.43
N SER A 1142 11.18 -8.87 14.41
CA SER A 1142 12.43 -8.11 14.45
CA SER A 1142 12.44 -8.13 14.45
C SER A 1142 13.05 -7.99 13.05
C SER A 1142 13.09 -8.02 13.06
N HIS A 1143 13.91 -6.99 12.86
CA HIS A 1143 14.58 -6.78 11.59
C HIS A 1143 15.92 -7.49 11.57
N PRO A 1144 16.24 -8.20 10.47
CA PRO A 1144 17.54 -8.88 10.40
C PRO A 1144 18.71 -7.90 10.30
N GLN A 1145 19.87 -8.30 10.83
CA GLN A 1145 21.07 -7.49 10.71
C GLN A 1145 21.53 -7.63 9.26
N PHE A 1146 21.86 -6.51 8.62
CA PHE A 1146 22.28 -6.51 7.23
C PHE A 1146 23.71 -7.07 7.03
N GLU A 1147 24.68 -6.45 7.66
CA GLU A 1147 26.09 -6.83 7.51
C GLU A 1147 26.48 -7.99 8.43
N LYS A 1148 27.59 -8.67 8.13
CA LYS A 1148 28.09 -9.73 9.01
C LYS A 1148 28.67 -9.02 10.24
N ASN B 10 -29.37 25.21 -36.95
CA ASN B 10 -28.42 26.12 -37.57
C ASN B 10 -28.71 27.56 -37.16
N ILE B 11 -27.68 28.31 -36.75
CA ILE B 11 -27.85 29.71 -36.39
C ILE B 11 -27.39 30.57 -37.55
N ILE B 12 -28.31 31.27 -38.19
CA ILE B 12 -28.03 32.10 -39.36
C ILE B 12 -28.42 33.54 -39.08
N ASN B 13 -27.50 34.48 -39.35
CA ASN B 13 -27.70 35.92 -39.17
C ASN B 13 -27.96 36.31 -37.70
N PHE B 14 -27.32 35.57 -36.79
CA PHE B 14 -27.32 35.87 -35.36
C PHE B 14 -25.89 35.67 -34.85
N ASP B 15 -25.29 36.74 -34.38
CA ASP B 15 -23.95 36.72 -33.85
C ASP B 15 -23.98 36.11 -32.44
N THR B 16 -23.54 34.85 -32.28
CA THR B 16 -23.55 34.18 -30.98
C THR B 16 -22.63 34.85 -29.94
N SER B 17 -21.82 35.84 -30.35
CA SER B 17 -20.98 36.59 -29.42
C SER B 17 -21.78 37.74 -28.78
N LEU B 18 -22.94 38.13 -29.36
CA LEU B 18 -23.81 39.20 -28.87
C LEU B 18 -24.37 38.99 -27.45
N PRO B 19 -24.99 37.84 -27.08
CA PRO B 19 -25.55 37.71 -25.72
C PRO B 19 -24.57 37.96 -24.56
N THR B 20 -23.32 37.49 -24.68
CA THR B 20 -22.34 37.67 -23.61
C THR B 20 -21.80 39.11 -23.49
N SER B 21 -22.02 39.95 -24.52
N SER B 21 -22.02 39.95 -24.52
CA SER B 21 -21.59 41.35 -24.44
CA SER B 21 -21.61 41.34 -24.45
C SER B 21 -22.60 42.22 -23.68
C SER B 21 -22.61 42.20 -23.65
N HIS B 22 -23.85 41.71 -23.44
CA HIS B 22 -24.91 42.43 -22.72
C HIS B 22 -25.12 43.84 -23.30
N THR B 23 -25.26 43.92 -24.63
CA THR B 23 -25.41 45.20 -25.34
C THR B 23 -26.62 45.99 -24.84
N TYR B 24 -27.65 45.30 -24.32
CA TYR B 24 -28.84 45.94 -23.76
C TYR B 24 -28.49 46.85 -22.56
N LEU B 25 -27.31 46.69 -21.93
CA LEU B 25 -26.90 47.56 -20.85
C LEU B 25 -26.48 48.97 -21.36
N GLY B 26 -26.26 49.13 -22.67
CA GLY B 26 -25.95 50.43 -23.23
C GLY B 26 -24.53 50.65 -23.75
N ALA B 27 -24.16 51.93 -23.87
CA ALA B 27 -22.86 52.40 -24.34
C ALA B 27 -21.70 51.70 -23.60
N ASP B 28 -20.48 51.76 -24.18
CA ASP B 28 -19.24 51.17 -23.66
C ASP B 28 -19.01 51.42 -22.15
N MET B 29 -18.53 50.41 -21.43
CA MET B 29 -18.26 50.50 -20.01
C MET B 29 -16.76 50.53 -19.72
N GLU B 30 -16.35 51.20 -18.63
CA GLU B 30 -14.95 51.22 -18.22
C GLU B 30 -14.54 49.81 -17.79
N GLU B 31 -13.39 49.33 -18.24
CA GLU B 31 -12.94 47.99 -17.89
C GLU B 31 -11.89 48.03 -16.80
N PHE B 32 -11.86 47.00 -15.96
CA PHE B 32 -10.89 46.88 -14.88
C PHE B 32 -10.20 45.55 -15.05
N HIS B 33 -8.88 45.55 -15.00
CA HIS B 33 -8.12 44.33 -15.25
C HIS B 33 -7.40 43.76 -14.03
N GLY B 34 -7.36 44.51 -12.93
CA GLY B 34 -6.72 44.02 -11.70
C GLY B 34 -7.42 42.79 -11.14
N ARG B 35 -6.67 41.89 -10.50
CA ARG B 35 -7.24 40.67 -9.97
C ARG B 35 -6.94 40.45 -8.49
N THR B 36 -7.98 40.37 -7.66
CA THR B 36 -7.81 40.13 -6.23
C THR B 36 -8.18 38.70 -5.90
N LEU B 37 -7.24 37.96 -5.32
CA LEU B 37 -7.50 36.62 -4.86
C LEU B 37 -7.14 36.56 -3.39
N HIS B 38 -8.01 35.97 -2.59
CA HIS B 38 -7.82 35.83 -1.15
C HIS B 38 -7.23 34.46 -0.87
N ASP B 39 -6.33 34.39 0.12
CA ASP B 39 -5.65 33.16 0.51
C ASP B 39 -6.64 32.06 0.86
N ASP B 40 -6.25 30.80 0.66
CA ASP B 40 -7.09 29.66 1.03
C ASP B 40 -7.28 29.63 2.54
N ASP B 41 -8.51 29.33 2.98
CA ASP B 41 -8.92 29.23 4.39
C ASP B 41 -8.84 30.55 5.17
N SER B 42 -8.47 31.66 4.50
CA SER B 42 -8.42 32.96 5.16
C SER B 42 -9.81 33.48 5.43
N CYS B 43 -9.97 34.25 6.51
N CYS B 43 -9.97 34.25 6.51
CA CYS B 43 -11.26 34.83 6.85
CA CYS B 43 -11.24 34.85 6.86
C CYS B 43 -11.31 36.27 6.34
C CYS B 43 -11.28 36.27 6.30
N GLN B 44 -12.37 36.62 5.58
CA GLN B 44 -12.51 37.97 4.98
C GLN B 44 -13.88 38.58 5.25
N VAL B 45 -13.97 39.91 5.28
CA VAL B 45 -15.25 40.60 5.42
C VAL B 45 -15.57 41.27 4.09
N ILE B 46 -16.65 40.84 3.45
CA ILE B 46 -16.99 41.31 2.11
C ILE B 46 -18.46 41.80 2.03
N PRO B 47 -18.74 42.95 1.39
CA PRO B 47 -20.14 43.42 1.30
C PRO B 47 -21.02 42.56 0.41
N VAL B 48 -22.31 42.49 0.74
CA VAL B 48 -23.32 41.74 0.01
C VAL B 48 -24.30 42.73 -0.61
N LEU B 49 -24.60 42.60 -1.90
CA LEU B 49 -25.58 43.45 -2.55
C LEU B 49 -26.96 42.93 -2.09
N PRO B 50 -27.79 43.83 -1.53
CA PRO B 50 -29.05 43.40 -0.89
C PRO B 50 -30.10 42.67 -1.73
N GLN B 51 -30.30 43.08 -3.00
CA GLN B 51 -31.33 42.48 -3.82
C GLN B 51 -30.88 41.31 -4.70
N VAL B 52 -29.56 41.05 -4.76
CA VAL B 52 -28.99 39.93 -5.54
C VAL B 52 -29.44 38.61 -4.92
N MET B 53 -30.06 37.73 -5.73
CA MET B 53 -30.60 36.45 -5.28
C MET B 53 -30.02 35.20 -5.97
N MET B 54 -29.31 35.40 -7.05
CA MET B 54 -28.69 34.37 -7.87
C MET B 54 -27.58 33.56 -7.14
N ILE B 55 -27.35 32.30 -7.55
CA ILE B 55 -26.26 31.49 -6.98
C ILE B 55 -25.12 31.52 -7.99
N LEU B 56 -24.07 32.26 -7.68
CA LEU B 56 -22.96 32.45 -8.58
C LEU B 56 -21.93 31.30 -8.62
N ILE B 57 -21.51 30.96 -9.84
CA ILE B 57 -20.48 29.96 -10.03
C ILE B 57 -19.17 30.69 -10.34
N PRO B 58 -18.01 30.25 -9.80
CA PRO B 58 -16.73 30.86 -10.21
C PRO B 58 -16.55 30.83 -11.74
N GLY B 59 -16.04 31.95 -12.29
CA GLY B 59 -15.85 32.13 -13.73
C GLY B 59 -17.08 32.62 -14.46
N GLN B 60 -18.23 32.66 -13.79
CA GLN B 60 -19.50 33.06 -14.38
C GLN B 60 -19.71 34.59 -14.34
N THR B 61 -20.16 35.16 -15.46
N THR B 61 -20.17 35.16 -15.46
CA THR B 61 -20.46 36.58 -15.51
CA THR B 61 -20.43 36.59 -15.55
C THR B 61 -21.80 36.88 -14.86
C THR B 61 -21.82 36.95 -15.01
N LEU B 62 -21.89 38.01 -14.19
CA LEU B 62 -23.08 38.47 -13.55
C LEU B 62 -23.30 39.97 -13.92
N PRO B 63 -24.28 40.24 -14.78
CA PRO B 63 -24.60 41.66 -15.09
C PRO B 63 -25.55 42.23 -14.01
N LEU B 64 -25.35 43.49 -13.60
CA LEU B 64 -26.20 44.12 -12.58
C LEU B 64 -26.55 45.57 -12.97
N GLN B 65 -27.74 46.04 -12.58
CA GLN B 65 -28.25 47.41 -12.74
C GLN B 65 -28.72 47.84 -11.35
N LEU B 66 -28.05 48.83 -10.76
CA LEU B 66 -28.34 49.29 -9.40
C LEU B 66 -28.96 50.69 -9.40
N PHE B 67 -30.08 50.85 -8.70
CA PHE B 67 -30.83 52.12 -8.68
C PHE B 67 -30.92 52.80 -7.31
N HIS B 68 -30.70 52.04 -6.22
N HIS B 68 -30.71 52.03 -6.23
CA HIS B 68 -30.79 52.60 -4.88
CA HIS B 68 -30.79 52.58 -4.87
C HIS B 68 -29.50 53.32 -4.51
C HIS B 68 -29.51 53.31 -4.52
N PRO B 69 -29.58 54.51 -3.92
CA PRO B 69 -28.35 55.24 -3.58
C PRO B 69 -27.35 54.53 -2.67
N GLN B 70 -27.83 53.64 -1.78
CA GLN B 70 -26.93 52.88 -0.92
C GLN B 70 -26.22 51.75 -1.68
N GLU B 71 -26.86 51.21 -2.73
CA GLU B 71 -26.23 50.20 -3.59
C GLU B 71 -25.20 50.93 -4.48
N VAL B 72 -25.60 52.08 -5.04
CA VAL B 72 -24.77 52.91 -5.92
C VAL B 72 -23.49 53.36 -5.19
N SER B 73 -23.62 53.88 -3.96
CA SER B 73 -22.44 54.33 -3.21
C SER B 73 -21.56 53.18 -2.78
N MET B 74 -22.15 52.01 -2.51
CA MET B 74 -21.39 50.82 -2.14
C MET B 74 -20.54 50.35 -3.32
N VAL B 75 -21.10 50.34 -4.53
CA VAL B 75 -20.37 49.93 -5.72
C VAL B 75 -19.33 50.99 -6.12
N ARG B 76 -19.63 52.28 -5.90
CA ARG B 76 -18.67 53.35 -6.18
C ARG B 76 -17.44 53.23 -5.28
N ASN B 77 -17.68 52.91 -3.99
CA ASN B 77 -16.61 52.70 -3.03
C ASN B 77 -15.84 51.43 -3.33
N LEU B 78 -16.54 50.41 -3.80
CA LEU B 78 -15.94 49.11 -4.14
C LEU B 78 -14.96 49.25 -5.29
N ILE B 79 -15.30 50.08 -6.27
CA ILE B 79 -14.45 50.30 -7.42
C ILE B 79 -13.11 50.91 -7.04
N GLN B 80 -13.12 51.79 -6.05
CA GLN B 80 -11.91 52.42 -5.52
C GLN B 80 -10.97 51.40 -4.84
N LYS B 81 -11.55 50.37 -4.24
CA LYS B 81 -10.82 49.31 -3.54
C LYS B 81 -10.56 48.05 -4.37
N ASP B 82 -10.89 46.89 -3.81
CA ASP B 82 -10.65 45.61 -4.50
C ASP B 82 -11.75 45.13 -5.48
N ARG B 83 -12.85 45.88 -5.55
CA ARG B 83 -13.96 45.66 -6.46
C ARG B 83 -14.65 44.32 -6.34
N THR B 84 -14.57 43.76 -5.15
CA THR B 84 -15.13 42.46 -4.87
C THR B 84 -16.29 42.55 -3.90
N PHE B 85 -17.38 41.84 -4.23
CA PHE B 85 -18.55 41.71 -3.36
C PHE B 85 -18.88 40.21 -3.20
N ALA B 86 -19.79 39.89 -2.28
CA ALA B 86 -20.10 38.49 -1.97
C ALA B 86 -21.49 38.17 -2.43
N VAL B 87 -21.63 37.06 -3.12
CA VAL B 87 -22.91 36.62 -3.64
C VAL B 87 -23.30 35.39 -2.83
N LEU B 88 -24.33 35.52 -2.00
CA LEU B 88 -24.74 34.42 -1.12
C LEU B 88 -25.66 33.43 -1.80
N ALA B 89 -25.43 32.14 -1.59
CA ALA B 89 -26.30 31.11 -2.14
C ALA B 89 -27.35 30.82 -1.06
N TYR B 90 -28.46 31.53 -1.11
CA TYR B 90 -29.52 31.43 -0.10
C TYR B 90 -30.21 30.08 -0.02
N SER B 91 -30.19 29.48 1.17
CA SER B 91 -30.89 28.23 1.47
C SER B 91 -32.38 28.63 1.57
N ASN B 92 -32.70 29.61 2.42
CA ASN B 92 -34.04 30.14 2.51
C ASN B 92 -33.92 31.60 2.07
N VAL B 93 -34.51 31.93 0.93
CA VAL B 93 -34.44 33.29 0.40
C VAL B 93 -35.27 34.29 1.21
N GLN B 94 -36.38 33.82 1.80
CA GLN B 94 -37.27 34.67 2.60
C GLN B 94 -36.61 35.07 3.92
N GLU B 95 -36.00 34.11 4.62
CA GLU B 95 -35.32 34.39 5.89
C GLU B 95 -33.88 34.94 5.70
N ARG B 96 -33.41 35.05 4.44
CA ARG B 96 -32.09 35.55 4.04
C ARG B 96 -30.97 34.77 4.72
N GLU B 97 -31.08 33.44 4.73
CA GLU B 97 -30.05 32.61 5.33
C GLU B 97 -29.28 31.84 4.28
N ALA B 98 -27.96 31.88 4.39
CA ALA B 98 -27.07 31.22 3.47
C ALA B 98 -25.88 30.68 4.24
N GLN B 99 -25.43 29.49 3.88
CA GLN B 99 -24.26 28.87 4.49
C GLN B 99 -23.03 28.99 3.56
N PHE B 100 -23.24 29.17 2.24
CA PHE B 100 -22.17 29.24 1.27
C PHE B 100 -22.39 30.40 0.29
N GLY B 101 -21.37 30.69 -0.53
CA GLY B 101 -21.46 31.75 -1.51
C GLY B 101 -20.21 31.86 -2.36
N THR B 102 -20.20 32.83 -3.27
CA THR B 102 -19.10 33.04 -4.19
C THR B 102 -18.79 34.55 -4.27
N THR B 103 -17.51 34.93 -4.32
CA THR B 103 -17.13 36.32 -4.49
C THR B 103 -17.31 36.69 -5.97
N ALA B 104 -17.59 37.96 -6.23
CA ALA B 104 -17.77 38.46 -7.58
C ALA B 104 -16.90 39.69 -7.72
N GLU B 105 -16.07 39.70 -8.75
CA GLU B 105 -15.12 40.79 -8.98
C GLU B 105 -15.61 41.60 -10.13
N ILE B 106 -15.79 42.90 -9.91
CA ILE B 106 -16.28 43.77 -10.96
C ILE B 106 -15.21 43.97 -12.03
N TYR B 107 -15.52 43.66 -13.30
CA TYR B 107 -14.56 43.88 -14.39
C TYR B 107 -15.00 44.97 -15.38
N ALA B 108 -16.28 45.41 -15.31
CA ALA B 108 -16.82 46.46 -16.17
C ALA B 108 -17.83 47.30 -15.37
N TYR B 109 -17.82 48.62 -15.59
CA TYR B 109 -18.64 49.52 -14.82
C TYR B 109 -19.03 50.76 -15.63
N ARG B 110 -20.24 51.27 -15.41
CA ARG B 110 -20.69 52.50 -16.04
C ARG B 110 -21.77 53.16 -15.19
N GLU B 111 -21.64 54.45 -14.95
CA GLU B 111 -22.60 55.19 -14.15
C GLU B 111 -23.40 56.12 -15.05
N GLU B 112 -24.74 56.11 -14.91
CA GLU B 112 -25.64 56.97 -15.66
C GLU B 112 -26.23 58.00 -14.70
N GLN B 113 -26.26 59.25 -15.12
CA GLN B 113 -26.83 60.34 -14.31
C GLN B 113 -27.78 61.21 -15.15
N ASP B 114 -28.29 60.71 -16.29
CA ASP B 114 -29.18 61.48 -17.13
C ASP B 114 -30.48 61.76 -16.38
N PHE B 115 -30.99 62.98 -16.52
CA PHE B 115 -32.22 63.47 -15.87
C PHE B 115 -32.10 63.52 -14.33
N GLY B 116 -30.89 63.41 -13.80
CA GLY B 116 -30.66 63.40 -12.36
C GLY B 116 -30.93 62.06 -11.71
N ILE B 117 -31.14 61.00 -12.50
CA ILE B 117 -31.40 59.68 -11.96
C ILE B 117 -30.12 58.89 -12.00
N GLU B 118 -29.58 58.51 -10.82
CA GLU B 118 -28.33 57.77 -10.75
C GLU B 118 -28.57 56.29 -10.87
N ILE B 119 -27.85 55.68 -11.78
CA ILE B 119 -27.92 54.26 -12.04
C ILE B 119 -26.50 53.75 -12.22
N VAL B 120 -26.20 52.58 -11.67
CA VAL B 120 -24.89 51.98 -11.87
C VAL B 120 -25.08 50.66 -12.58
N LYS B 121 -24.40 50.48 -13.70
CA LYS B 121 -24.44 49.20 -14.42
C LYS B 121 -23.09 48.55 -14.28
N VAL B 122 -23.05 47.27 -13.85
CA VAL B 122 -21.77 46.57 -13.70
C VAL B 122 -21.83 45.19 -14.34
N LYS B 123 -20.66 44.64 -14.65
CA LYS B 123 -20.51 43.26 -15.06
C LYS B 123 -19.46 42.70 -14.13
N ALA B 124 -19.81 41.69 -13.36
CA ALA B 124 -18.87 41.07 -12.41
C ALA B 124 -18.63 39.59 -12.81
N ILE B 125 -17.60 38.95 -12.24
CA ILE B 125 -17.29 37.57 -12.54
C ILE B 125 -17.04 36.83 -11.24
N GLY B 126 -17.62 35.63 -11.12
CA GLY B 126 -17.41 34.80 -9.94
C GLY B 126 -15.95 34.43 -9.78
N ARG B 127 -15.41 34.53 -8.56
CA ARG B 127 -13.99 34.22 -8.35
C ARG B 127 -13.77 33.09 -7.36
N GLN B 128 -14.14 33.26 -6.09
CA GLN B 128 -13.84 32.27 -5.08
C GLN B 128 -15.04 31.80 -4.29
N ARG B 129 -15.05 30.51 -3.95
CA ARG B 129 -16.13 29.97 -3.14
C ARG B 129 -15.84 30.26 -1.67
N PHE B 130 -16.88 30.30 -0.85
CA PHE B 130 -16.69 30.57 0.57
C PHE B 130 -17.79 30.00 1.45
N LYS B 131 -17.49 29.82 2.74
N LYS B 131 -17.50 29.85 2.75
CA LYS B 131 -18.48 29.44 3.71
CA LYS B 131 -18.48 29.42 3.73
C LYS B 131 -18.82 30.69 4.53
C LYS B 131 -18.82 30.65 4.57
N VAL B 132 -20.11 30.90 4.79
CA VAL B 132 -20.54 32.05 5.57
C VAL B 132 -20.28 31.77 7.06
N LEU B 133 -19.45 32.60 7.68
CA LEU B 133 -19.17 32.46 9.11
C LEU B 133 -20.24 33.24 9.88
N GLU B 134 -20.57 34.46 9.42
CA GLU B 134 -21.64 35.25 10.00
C GLU B 134 -22.11 36.35 9.05
N LEU B 135 -23.38 36.74 9.21
CA LEU B 135 -23.99 37.78 8.40
C LEU B 135 -24.44 38.89 9.30
N ARG B 136 -23.93 40.10 9.06
CA ARG B 136 -24.29 41.28 9.85
C ARG B 136 -24.78 42.37 8.93
N THR B 137 -25.88 43.02 9.29
CA THR B 137 -26.43 44.09 8.47
C THR B 137 -26.05 45.46 9.06
N GLN B 138 -25.49 46.34 8.21
CA GLN B 138 -25.07 47.66 8.66
C GLN B 138 -26.27 48.60 8.72
N ASP B 140 -25.82 51.43 6.51
CA ASP B 140 -26.41 51.91 5.26
C ASP B 140 -27.38 50.93 4.57
N GLY B 141 -27.68 49.80 5.21
CA GLY B 141 -28.58 48.81 4.62
C GLY B 141 -27.86 47.66 3.93
N ILE B 142 -26.58 47.87 3.60
CA ILE B 142 -25.74 46.86 2.96
C ILE B 142 -25.27 45.88 4.03
N GLN B 143 -25.31 44.58 3.73
CA GLN B 143 -24.82 43.57 4.66
C GLN B 143 -23.32 43.36 4.44
N GLN B 144 -22.63 42.90 5.47
CA GLN B 144 -21.23 42.56 5.39
C GLN B 144 -21.19 41.11 5.84
N ALA B 145 -20.67 40.24 4.99
CA ALA B 145 -20.56 38.83 5.35
C ALA B 145 -19.13 38.52 5.80
N LYS B 146 -19.00 37.81 6.92
CA LYS B 146 -17.70 37.35 7.38
C LYS B 146 -17.61 35.97 6.74
N VAL B 147 -16.62 35.75 5.88
CA VAL B 147 -16.54 34.49 5.11
C VAL B 147 -15.21 33.78 5.25
N GLN B 148 -15.19 32.48 4.98
CA GLN B 148 -13.95 31.72 5.01
C GLN B 148 -13.73 31.20 3.59
N ILE B 149 -12.63 31.59 2.96
CA ILE B 149 -12.34 31.19 1.58
C ILE B 149 -12.11 29.67 1.47
N LEU B 150 -12.89 29.01 0.61
CA LEU B 150 -12.75 27.56 0.42
C LEU B 150 -11.75 27.28 -0.68
N PRO B 151 -10.74 26.43 -0.41
CA PRO B 151 -9.73 26.17 -1.43
C PRO B 151 -10.25 25.32 -2.58
N GLU B 152 -9.63 25.50 -3.75
CA GLU B 152 -9.89 24.64 -4.89
C GLU B 152 -8.92 23.48 -4.66
N CYS B 153 -9.44 22.27 -4.61
N CYS B 153 -9.44 22.25 -4.58
CA CYS B 153 -8.64 21.07 -4.38
CA CYS B 153 -8.64 21.06 -4.35
C CYS B 153 -8.06 20.58 -5.68
C CYS B 153 -8.06 20.54 -5.65
N VAL B 154 -6.74 20.68 -5.83
CA VAL B 154 -6.08 20.23 -7.05
C VAL B 154 -5.35 18.93 -6.78
N LEU B 155 -5.73 17.87 -7.49
CA LEU B 155 -5.12 16.57 -7.27
C LEU B 155 -4.19 16.20 -8.36
N PRO B 156 -3.09 15.49 -8.04
CA PRO B 156 -2.27 14.93 -9.11
C PRO B 156 -3.05 13.76 -9.79
N SER B 157 -2.44 13.09 -10.76
CA SER B 157 -3.01 11.89 -11.36
C SER B 157 -3.12 10.80 -10.26
N THR B 158 -4.12 9.91 -10.36
CA THR B 158 -4.21 8.79 -9.40
C THR B 158 -2.97 7.92 -9.41
N MET B 159 -2.28 7.86 -10.56
CA MET B 159 -1.10 7.04 -10.71
C MET B 159 0.17 7.71 -10.23
N SER B 160 0.18 9.03 -9.99
CA SER B 160 1.41 9.74 -9.63
C SER B 160 2.12 9.17 -8.41
N ALA B 161 1.40 8.70 -7.39
CA ALA B 161 2.06 8.08 -6.23
C ALA B 161 2.54 6.65 -6.54
N VAL B 162 1.74 5.86 -7.25
CA VAL B 162 2.07 4.46 -7.48
C VAL B 162 2.99 4.20 -8.71
N GLN B 163 3.20 5.19 -9.56
CA GLN B 163 4.00 5.12 -10.78
C GLN B 163 5.43 4.53 -10.61
N LEU B 164 5.76 3.40 -11.33
CA LEU B 164 7.12 2.82 -11.31
C LEU B 164 8.02 3.82 -12.05
N GLU B 165 9.16 4.20 -11.47
CA GLU B 165 10.07 5.15 -12.10
C GLU B 165 10.50 4.74 -13.52
N SER B 166 10.65 3.43 -13.80
CA SER B 166 11.06 2.96 -15.14
C SER B 166 10.03 3.31 -16.22
N LEU B 167 8.75 3.47 -15.82
CA LEU B 167 7.69 3.81 -16.76
C LEU B 167 7.38 5.29 -16.82
N ASN B 168 8.05 6.14 -15.98
CA ASN B 168 7.86 7.62 -15.98
C ASN B 168 8.06 8.15 -17.41
N LYS B 169 9.12 7.65 -18.11
CA LYS B 169 9.49 8.03 -19.48
C LYS B 169 8.42 7.68 -20.53
N CYS B 170 7.41 6.86 -20.17
CA CYS B 170 6.35 6.52 -21.12
C CYS B 170 5.05 7.32 -20.85
N GLN B 171 5.08 8.32 -19.94
CA GLN B 171 3.86 9.01 -19.53
C GLN B 171 3.40 10.11 -20.49
N ILE B 172 4.20 10.43 -21.50
CA ILE B 172 3.77 11.38 -22.52
C ILE B 172 3.45 10.50 -23.73
N PHE B 173 2.20 10.54 -24.18
CA PHE B 173 1.77 9.73 -25.31
C PHE B 173 1.75 10.58 -26.56
N PRO B 174 1.83 9.99 -27.77
CA PRO B 174 1.65 10.79 -29.00
C PRO B 174 0.28 11.49 -29.00
N SER B 175 0.24 12.68 -29.59
CA SER B 175 -0.97 13.50 -29.62
C SER B 175 -2.21 12.76 -30.12
N LYS B 176 -3.39 13.13 -29.59
CA LYS B 176 -4.65 12.53 -30.03
C LYS B 176 -4.92 12.97 -31.47
N PRO B 177 -5.27 12.04 -32.37
CA PRO B 177 -5.55 12.43 -33.78
C PRO B 177 -6.64 13.49 -33.97
N SER B 185 -10.73 9.34 -31.46
CA SER B 185 -10.69 7.92 -31.79
C SER B 185 -10.95 7.03 -30.56
N TYR B 186 -11.78 5.99 -30.74
CA TYR B 186 -12.12 5.01 -29.70
C TYR B 186 -10.85 4.26 -29.30
N LYS B 187 -10.03 3.86 -30.29
CA LYS B 187 -8.78 3.15 -30.07
C LYS B 187 -7.76 4.02 -29.37
N TRP B 188 -7.74 5.34 -29.64
CA TRP B 188 -6.82 6.23 -28.95
C TRP B 188 -7.12 6.25 -27.44
N TRP B 189 -8.41 6.29 -27.08
CA TRP B 189 -8.81 6.32 -25.67
C TRP B 189 -8.58 5.00 -24.98
N GLN B 190 -8.68 3.88 -25.72
CA GLN B 190 -8.37 2.57 -25.17
C GLN B 190 -6.86 2.50 -24.88
N LYS B 191 -6.04 3.01 -25.82
CA LYS B 191 -4.57 3.03 -25.61
C LYS B 191 -4.17 3.97 -24.47
N TYR B 192 -4.88 5.09 -24.33
CA TYR B 192 -4.67 6.09 -23.30
C TYR B 192 -4.88 5.46 -21.93
N GLN B 193 -6.00 4.71 -21.76
CA GLN B 193 -6.35 4.07 -20.50
C GLN B 193 -5.31 3.00 -20.13
N LYS B 194 -4.96 2.13 -21.10
CA LYS B 194 -4.01 1.03 -20.92
C LYS B 194 -2.62 1.54 -20.52
N ARG B 195 -2.18 2.63 -21.12
CA ARG B 195 -0.88 3.20 -20.78
C ARG B 195 -0.87 4.06 -19.54
N LYS B 196 -1.79 5.02 -19.43
CA LYS B 196 -1.83 5.92 -18.28
C LYS B 196 -2.07 5.17 -16.95
N PHE B 197 -2.91 4.12 -16.99
CA PHE B 197 -3.25 3.39 -15.77
C PHE B 197 -2.61 2.03 -15.66
N HIS B 198 -1.49 1.81 -16.35
CA HIS B 198 -0.79 0.53 -16.28
C HIS B 198 -0.42 0.15 -14.85
N CYS B 199 0.01 1.13 -14.05
CA CYS B 199 0.40 0.84 -12.68
C CYS B 199 -0.77 0.60 -11.72
N ALA B 200 -2.02 0.52 -12.26
CA ALA B 200 -3.16 0.03 -11.49
C ALA B 200 -2.88 -1.42 -10.99
N ASN B 201 -2.08 -2.20 -11.73
N ASN B 201 -2.06 -2.20 -11.75
CA ASN B 201 -1.72 -3.56 -11.38
CA ASN B 201 -1.65 -3.57 -11.38
C ASN B 201 -0.87 -3.66 -10.07
C ASN B 201 -0.91 -3.65 -10.03
N LEU B 202 -0.40 -2.51 -9.55
CA LEU B 202 0.31 -2.46 -8.27
C LEU B 202 -0.64 -2.22 -7.09
N THR B 203 -1.92 -1.94 -7.37
CA THR B 203 -2.96 -1.50 -6.45
C THR B 203 -4.12 -2.53 -6.39
N SER B 204 -5.12 -2.28 -5.56
N SER B 204 -5.12 -2.25 -5.56
CA SER B 204 -6.27 -3.17 -5.44
CA SER B 204 -6.33 -3.05 -5.38
C SER B 204 -7.34 -2.94 -6.51
C SER B 204 -7.36 -2.90 -6.48
N TRP B 205 -7.19 -1.95 -7.39
CA TRP B 205 -8.22 -1.65 -8.41
C TRP B 205 -7.77 -1.72 -9.86
N PRO B 206 -8.72 -1.92 -10.79
CA PRO B 206 -8.37 -1.97 -12.21
C PRO B 206 -8.33 -0.60 -12.90
N ARG B 207 -7.71 -0.56 -14.08
CA ARG B 207 -7.59 0.65 -14.88
C ARG B 207 -8.93 1.31 -15.19
N TRP B 208 -9.99 0.53 -15.46
CA TRP B 208 -11.30 1.11 -15.78
C TRP B 208 -11.90 1.87 -14.60
N LEU B 209 -11.52 1.50 -13.37
CA LEU B 209 -12.02 2.22 -12.20
C LEU B 209 -11.28 3.60 -12.15
N TYR B 210 -9.95 3.61 -12.35
CA TYR B 210 -9.20 4.88 -12.33
C TYR B 210 -9.69 5.87 -13.41
N SER B 211 -10.11 5.39 -14.60
CA SER B 211 -10.67 6.23 -15.67
C SER B 211 -11.90 7.03 -15.19
N LEU B 212 -12.69 6.42 -14.29
CA LEU B 212 -13.88 7.08 -13.74
C LEU B 212 -13.53 8.30 -12.86
N TYR B 213 -12.27 8.47 -12.48
CA TYR B 213 -11.79 9.60 -11.71
C TYR B 213 -10.68 10.36 -12.45
N ASP B 214 -10.59 10.20 -13.76
CA ASP B 214 -9.53 10.83 -14.53
C ASP B 214 -10.08 12.08 -15.20
N ALA B 215 -9.51 13.23 -14.89
CA ALA B 215 -9.99 14.52 -15.42
C ALA B 215 -10.12 14.54 -16.94
N GLU B 216 -9.09 14.12 -17.70
CA GLU B 216 -9.17 14.18 -19.16
C GLU B 216 -10.28 13.32 -19.71
N THR B 217 -10.45 12.11 -19.16
CA THR B 217 -11.48 11.19 -19.62
C THR B 217 -12.86 11.73 -19.36
N LEU B 218 -13.09 12.26 -18.14
CA LEU B 218 -14.36 12.83 -17.71
C LEU B 218 -14.71 14.04 -18.57
N MET B 219 -13.71 14.92 -18.84
CA MET B 219 -13.94 16.11 -19.68
C MET B 219 -14.30 15.69 -21.12
N ASP B 220 -13.69 14.60 -21.63
CA ASP B 220 -14.00 14.12 -22.97
C ASP B 220 -15.42 13.57 -23.06
N ARG B 221 -15.87 12.85 -22.00
CA ARG B 221 -17.21 12.32 -21.95
C ARG B 221 -18.24 13.45 -21.87
N ILE B 222 -17.91 14.53 -21.12
CA ILE B 222 -18.77 15.71 -21.04
C ILE B 222 -18.81 16.44 -22.38
N LYS B 223 -17.66 16.57 -23.07
CA LYS B 223 -17.59 17.24 -24.37
C LYS B 223 -18.49 16.62 -25.41
N LYS B 224 -18.71 15.28 -25.34
CA LYS B 224 -19.64 14.63 -26.28
C LYS B 224 -21.04 15.22 -26.15
N GLN B 225 -21.46 15.50 -24.91
CA GLN B 225 -22.78 16.07 -24.66
C GLN B 225 -22.84 17.57 -24.91
N LEU B 226 -21.72 18.28 -24.72
CA LEU B 226 -21.66 19.71 -25.06
C LEU B 226 -21.72 19.90 -26.59
N ARG B 227 -21.26 18.91 -27.39
CA ARG B 227 -21.35 18.97 -28.85
C ARG B 227 -22.82 18.86 -29.29
N GLU B 228 -23.62 18.07 -28.56
CA GLU B 228 -25.06 17.94 -28.84
C GLU B 228 -25.79 19.27 -28.59
N TRP B 229 -25.32 20.09 -27.65
CA TRP B 229 -25.92 21.38 -27.34
C TRP B 229 -25.37 22.47 -28.27
N ASP B 230 -24.07 22.44 -28.52
CA ASP B 230 -23.41 23.43 -29.36
C ASP B 230 -22.74 22.74 -30.54
N GLU B 231 -23.37 22.82 -31.71
CA GLU B 231 -22.82 22.20 -32.90
C GLU B 231 -21.70 23.05 -33.53
N ASN B 232 -21.65 24.36 -33.23
CA ASN B 232 -20.63 25.27 -33.76
C ASN B 232 -19.79 25.88 -32.63
N ASP B 236 -13.70 23.98 -30.86
CA ASP B 236 -14.29 23.70 -29.56
C ASP B 236 -14.37 24.95 -28.66
N SER B 237 -13.24 25.65 -28.43
CA SER B 237 -13.13 26.84 -27.59
C SER B 237 -13.56 26.57 -26.15
N LEU B 238 -12.99 25.52 -25.55
CA LEU B 238 -13.30 25.13 -24.17
C LEU B 238 -12.02 25.06 -23.34
N PRO B 239 -12.09 25.36 -22.03
CA PRO B 239 -10.86 25.33 -21.22
C PRO B 239 -10.17 23.97 -21.19
N SER B 240 -8.85 23.98 -21.07
CA SER B 240 -8.06 22.74 -20.97
C SER B 240 -7.87 22.35 -19.50
N ASN B 241 -7.88 23.34 -18.60
CA ASN B 241 -7.76 23.07 -17.17
C ASN B 241 -9.09 22.50 -16.70
N PRO B 242 -9.08 21.34 -16.02
CA PRO B 242 -10.35 20.79 -15.50
C PRO B 242 -11.09 21.73 -14.55
N ILE B 243 -10.38 22.60 -13.78
CA ILE B 243 -11.03 23.56 -12.87
C ILE B 243 -11.97 24.50 -13.67
N ASP B 244 -11.43 25.14 -14.72
CA ASP B 244 -12.15 26.09 -15.56
C ASP B 244 -13.23 25.39 -16.34
N PHE B 245 -12.95 24.19 -16.87
CA PHE B 245 -13.94 23.41 -17.63
C PHE B 245 -15.11 23.04 -16.72
N SER B 246 -14.82 22.54 -15.51
CA SER B 246 -15.88 22.14 -14.58
C SER B 246 -16.74 23.32 -14.16
N TYR B 247 -16.17 24.51 -14.04
CA TYR B 247 -16.96 25.70 -13.67
C TYR B 247 -17.78 26.19 -14.85
N ARG B 248 -17.22 26.14 -16.07
CA ARG B 248 -17.91 26.55 -17.29
C ARG B 248 -19.16 25.66 -17.48
N VAL B 249 -19.02 24.34 -17.25
CA VAL B 249 -20.12 23.39 -17.36
C VAL B 249 -21.17 23.60 -16.27
N ALA B 250 -20.72 23.81 -15.01
CA ALA B 250 -21.61 24.06 -13.87
C ALA B 250 -22.58 25.22 -14.14
N ALA B 251 -22.09 26.31 -14.74
CA ALA B 251 -22.91 27.50 -15.02
C ALA B 251 -23.95 27.30 -16.13
N CYS B 252 -23.83 26.22 -16.92
CA CYS B 252 -24.71 25.86 -18.03
C CYS B 252 -25.83 24.92 -17.65
N LEU B 253 -25.68 24.16 -16.57
CA LEU B 253 -26.66 23.17 -16.20
C LEU B 253 -27.92 23.73 -15.59
N PRO B 254 -29.06 23.50 -16.26
CA PRO B 254 -30.32 24.02 -15.71
C PRO B 254 -30.81 23.12 -14.58
N ILE B 255 -30.28 23.36 -13.38
CA ILE B 255 -30.66 22.60 -12.21
C ILE B 255 -31.25 23.54 -11.18
N ASP B 256 -32.06 22.98 -10.26
CA ASP B 256 -32.70 23.80 -9.23
C ASP B 256 -31.69 24.23 -8.16
N ASP B 257 -32.07 25.17 -7.28
CA ASP B 257 -31.19 25.70 -6.23
C ASP B 257 -30.58 24.65 -5.30
N VAL B 258 -31.34 23.59 -4.94
CA VAL B 258 -30.84 22.57 -4.02
C VAL B 258 -29.66 21.83 -4.66
N LEU B 259 -29.81 21.43 -5.92
CA LEU B 259 -28.73 20.77 -6.64
C LEU B 259 -27.54 21.71 -6.84
N ARG B 260 -27.80 22.98 -7.21
CA ARG B 260 -26.71 23.93 -7.46
C ARG B 260 -25.88 24.28 -6.20
N ILE B 261 -26.51 24.40 -5.03
CA ILE B 261 -25.79 24.65 -3.79
C ILE B 261 -24.90 23.41 -3.46
N GLN B 262 -25.38 22.19 -3.78
CA GLN B 262 -24.59 20.98 -3.57
C GLN B 262 -23.38 21.01 -4.53
N LEU B 263 -23.59 21.41 -5.79
CA LEU B 263 -22.51 21.47 -6.78
C LEU B 263 -21.46 22.55 -6.41
N LEU B 264 -21.91 23.70 -5.87
CA LEU B 264 -21.03 24.79 -5.42
C LEU B 264 -20.16 24.34 -4.22
N LYS B 265 -20.68 23.45 -3.38
CA LYS B 265 -19.94 22.92 -2.23
C LYS B 265 -18.77 22.00 -2.61
N ILE B 266 -18.78 21.45 -3.84
CA ILE B 266 -17.71 20.58 -4.28
C ILE B 266 -16.41 21.37 -4.45
N GLY B 267 -15.34 20.89 -3.82
CA GLY B 267 -14.05 21.55 -3.90
C GLY B 267 -13.08 20.95 -4.90
N SER B 268 -13.41 19.78 -5.47
CA SER B 268 -12.53 19.14 -6.43
C SER B 268 -13.10 19.17 -7.84
N ALA B 269 -12.25 19.42 -8.85
CA ALA B 269 -12.70 19.42 -10.24
C ALA B 269 -13.15 18.02 -10.68
N ILE B 270 -12.49 16.97 -10.16
N ILE B 270 -12.49 16.96 -10.17
CA ILE B 270 -12.81 15.59 -10.49
CA ILE B 270 -12.85 15.60 -10.54
C ILE B 270 -14.23 15.26 -10.06
C ILE B 270 -14.25 15.25 -10.07
N GLN B 271 -14.57 15.57 -8.79
CA GLN B 271 -15.90 15.37 -8.23
C GLN B 271 -16.93 16.26 -8.93
N ARG B 272 -16.55 17.50 -9.30
CA ARG B 272 -17.43 18.44 -9.97
C ARG B 272 -17.79 17.90 -11.34
N LEU B 273 -16.80 17.38 -12.10
CA LEU B 273 -16.99 16.78 -13.43
C LEU B 273 -17.86 15.55 -13.34
N ARG B 274 -17.60 14.66 -12.35
CA ARG B 274 -18.38 13.43 -12.17
C ARG B 274 -19.82 13.73 -11.91
N CYS B 275 -20.06 14.70 -11.02
CA CYS B 275 -21.36 15.19 -10.66
C CYS B 275 -22.13 15.81 -11.87
N GLU B 276 -21.44 16.64 -12.67
CA GLU B 276 -22.05 17.25 -13.86
C GLU B 276 -22.38 16.18 -14.89
N LEU B 277 -21.47 15.21 -15.11
CA LEU B 277 -21.74 14.13 -16.05
C LEU B 277 -22.95 13.28 -15.61
N ASP B 278 -23.06 12.99 -14.32
CA ASP B 278 -24.20 12.24 -13.79
C ASP B 278 -25.54 12.98 -13.98
N ILE B 279 -25.56 14.30 -13.76
CA ILE B 279 -26.77 15.10 -13.95
C ILE B 279 -27.12 15.10 -15.44
N MET B 280 -26.13 15.32 -16.32
CA MET B 280 -26.35 15.37 -17.76
C MET B 280 -26.93 14.06 -18.27
N ASN B 281 -26.46 12.93 -17.73
CA ASN B 281 -26.97 11.63 -18.14
C ASN B 281 -28.39 11.34 -17.59
N LYS B 282 -28.66 11.66 -16.32
CA LYS B 282 -29.94 11.39 -15.66
C LYS B 282 -31.09 12.38 -15.94
N CYS B 283 -30.86 13.67 -15.69
CA CYS B 283 -31.85 14.71 -15.79
C CYS B 283 -32.12 15.17 -17.21
N THR B 284 -32.89 14.39 -17.97
CA THR B 284 -33.18 14.74 -19.36
C THR B 284 -34.50 15.51 -19.57
N SER B 285 -35.32 15.64 -18.54
CA SER B 285 -36.60 16.35 -18.64
C SER B 285 -36.58 17.61 -17.77
N LEU B 286 -37.17 18.70 -18.24
CA LEU B 286 -37.22 19.95 -17.47
C LEU B 286 -38.67 20.29 -17.26
N CYS B 287 -39.11 20.27 -16.01
CA CYS B 287 -40.49 20.51 -15.64
C CYS B 287 -40.66 21.87 -14.95
N CYS B 288 -41.92 22.34 -14.85
CA CYS B 288 -42.29 23.52 -14.09
C CYS B 288 -42.01 23.20 -12.60
N LYS B 289 -41.22 24.04 -11.91
CA LYS B 289 -40.88 23.80 -10.50
C LYS B 289 -42.11 23.89 -9.61
N GLN B 290 -42.98 24.86 -9.85
CA GLN B 290 -44.19 25.03 -9.06
C GLN B 290 -45.14 23.84 -9.17
N CYS B 291 -45.34 23.40 -10.41
CA CYS B 291 -46.17 22.25 -10.75
C CYS B 291 -45.65 20.92 -10.35
N GLN B 292 -44.33 20.80 -10.54
CA GLN B 292 -43.46 19.63 -10.37
C GLN B 292 -43.56 18.62 -11.52
N GLU B 293 -44.77 18.24 -11.92
CA GLU B 293 -44.97 17.25 -12.98
C GLU B 293 -45.31 17.76 -14.38
N THR B 294 -45.32 19.07 -14.60
CA THR B 294 -45.64 19.56 -15.95
C THR B 294 -44.37 19.73 -16.73
N GLU B 295 -44.24 19.01 -17.84
CA GLU B 295 -43.03 19.07 -18.65
C GLU B 295 -42.99 20.29 -19.55
N ILE B 296 -41.90 21.04 -19.50
CA ILE B 296 -41.76 22.23 -20.32
C ILE B 296 -40.86 21.92 -21.50
N THR B 297 -39.68 21.34 -21.25
CA THR B 297 -38.75 21.02 -22.34
C THR B 297 -37.90 19.76 -21.99
N THR B 298 -37.06 19.32 -22.92
CA THR B 298 -36.17 18.18 -22.69
C THR B 298 -34.74 18.59 -23.06
N LYS B 299 -33.76 17.80 -22.61
CA LYS B 299 -32.34 17.93 -22.87
C LYS B 299 -32.07 18.04 -24.38
N ASN B 300 -32.84 17.28 -25.19
CA ASN B 300 -32.74 17.27 -26.67
C ASN B 300 -33.02 18.65 -27.31
N GLU B 301 -33.76 19.53 -26.62
CA GLU B 301 -34.08 20.85 -27.18
C GLU B 301 -33.06 21.95 -26.81
N ILE B 302 -32.14 21.65 -25.90
CA ILE B 302 -31.14 22.62 -25.46
C ILE B 302 -30.13 22.95 -26.54
N PHE B 303 -29.86 24.23 -26.71
CA PHE B 303 -28.86 24.68 -27.67
C PHE B 303 -28.20 25.98 -27.17
N SER B 304 -27.06 26.32 -27.75
CA SER B 304 -26.31 27.48 -27.32
C SER B 304 -26.49 28.62 -28.28
N LEU B 305 -27.31 29.58 -27.91
CA LEU B 305 -27.47 30.79 -28.72
C LEU B 305 -26.34 31.80 -28.36
N SER B 306 -25.74 31.67 -27.18
CA SER B 306 -24.60 32.43 -26.69
C SER B 306 -23.36 31.55 -26.80
N LEU B 307 -22.20 32.16 -27.07
N LEU B 307 -22.18 32.14 -27.09
CA LEU B 307 -20.92 31.44 -27.13
CA LEU B 307 -20.95 31.34 -27.15
C LEU B 307 -20.59 30.75 -25.80
C LEU B 307 -20.57 30.73 -25.79
N CYS B 308 -21.09 31.30 -24.68
CA CYS B 308 -20.88 30.80 -23.33
C CYS B 308 -21.56 29.48 -23.03
N GLY B 309 -22.58 29.13 -23.80
CA GLY B 309 -23.32 27.91 -23.56
C GLY B 309 -24.81 28.11 -23.61
N PRO B 310 -25.54 27.07 -23.23
CA PRO B 310 -27.00 27.14 -23.34
C PRO B 310 -27.70 28.01 -22.30
N MET B 311 -27.01 28.37 -21.22
CA MET B 311 -27.61 29.16 -20.16
C MET B 311 -26.63 30.20 -19.64
N ALA B 312 -27.11 31.42 -19.38
CA ALA B 312 -26.30 32.51 -18.87
C ALA B 312 -27.15 33.48 -18.05
N ALA B 313 -26.53 34.25 -17.16
CA ALA B 313 -27.25 35.22 -16.35
C ALA B 313 -27.45 36.56 -17.12
N TYR B 314 -28.68 37.05 -17.16
CA TYR B 314 -29.00 38.33 -17.79
C TYR B 314 -29.76 39.18 -16.77
N VAL B 315 -29.67 40.51 -16.88
CA VAL B 315 -30.35 41.38 -15.91
C VAL B 315 -31.49 42.12 -16.59
N ASN B 316 -32.63 42.17 -15.93
CA ASN B 316 -33.80 42.83 -16.48
C ASN B 316 -33.81 44.35 -16.16
N PRO B 317 -34.76 45.15 -16.71
CA PRO B 317 -34.72 46.60 -16.47
C PRO B 317 -34.82 47.02 -15.00
N HIS B 318 -35.35 46.15 -14.12
CA HIS B 318 -35.47 46.47 -12.70
C HIS B 318 -34.32 45.94 -11.83
N GLY B 319 -33.31 45.34 -12.43
CA GLY B 319 -32.18 44.83 -11.68
C GLY B 319 -32.25 43.37 -11.27
N TYR B 320 -33.32 42.67 -11.64
N TYR B 320 -33.32 42.67 -11.65
CA TYR B 320 -33.47 41.26 -11.31
CA TYR B 320 -33.48 41.26 -11.31
C TYR B 320 -32.70 40.37 -12.31
C TYR B 320 -32.70 40.37 -12.31
N VAL B 321 -31.93 39.41 -11.80
CA VAL B 321 -31.12 38.53 -12.64
C VAL B 321 -31.83 37.22 -12.93
N HIS B 322 -31.84 36.81 -14.21
CA HIS B 322 -32.44 35.57 -14.65
C HIS B 322 -31.41 34.77 -15.42
N GLU B 323 -31.14 33.53 -14.99
CA GLU B 323 -30.27 32.64 -15.73
C GLU B 323 -31.19 32.01 -16.78
N THR B 324 -30.98 32.34 -18.04
CA THR B 324 -31.91 31.99 -19.09
C THR B 324 -31.35 30.92 -19.99
N LEU B 325 -32.04 29.78 -20.03
CA LEU B 325 -31.67 28.62 -20.83
C LEU B 325 -32.37 28.70 -22.21
N THR B 326 -31.60 28.60 -23.30
CA THR B 326 -32.16 28.67 -24.63
C THR B 326 -32.50 27.29 -25.13
N VAL B 327 -33.74 27.07 -25.55
CA VAL B 327 -34.22 25.82 -26.10
C VAL B 327 -34.95 26.08 -27.42
N TYR B 328 -34.83 25.13 -28.37
CA TYR B 328 -35.50 25.28 -29.66
C TYR B 328 -37.01 25.19 -29.53
N LYS B 329 -37.49 24.33 -28.62
CA LYS B 329 -38.90 24.08 -28.49
C LYS B 329 -39.29 23.87 -27.04
N ALA B 330 -40.42 24.44 -26.65
CA ALA B 330 -40.96 24.27 -25.31
C ALA B 330 -42.46 24.01 -25.45
N CYS B 331 -43.03 23.25 -24.51
N CYS B 331 -43.03 23.25 -24.52
CA CYS B 331 -44.44 22.88 -24.53
CA CYS B 331 -44.45 22.90 -24.55
C CYS B 331 -45.16 23.30 -23.25
C CYS B 331 -45.16 23.31 -23.25
N ASN B 332 -46.51 23.25 -23.25
CA ASN B 332 -47.36 23.56 -22.11
C ASN B 332 -47.23 24.99 -21.59
N LEU B 333 -46.91 25.93 -22.47
CA LEU B 333 -46.77 27.32 -22.11
C LEU B 333 -47.81 28.19 -22.81
N ASN B 334 -48.28 29.22 -22.11
CA ASN B 334 -49.23 30.18 -22.65
C ASN B 334 -48.50 31.52 -22.80
N LEU B 335 -48.84 32.25 -23.86
CA LEU B 335 -48.20 33.51 -24.20
C LEU B 335 -49.06 34.74 -23.87
N ILE B 336 -48.56 35.59 -22.97
CA ILE B 336 -49.25 36.78 -22.51
C ILE B 336 -48.46 38.05 -22.91
N GLY B 337 -49.16 39.03 -23.44
CA GLY B 337 -48.55 40.27 -23.91
C GLY B 337 -48.29 40.22 -25.39
N ARG B 338 -47.67 41.27 -25.92
CA ARG B 338 -47.35 41.34 -27.34
C ARG B 338 -45.83 41.40 -27.49
N PRO B 339 -45.25 40.75 -28.51
CA PRO B 339 -43.78 40.73 -28.63
C PRO B 339 -43.11 42.10 -28.51
N SER B 340 -42.05 42.16 -27.70
CA SER B 340 -41.34 43.43 -27.50
C SER B 340 -39.84 43.23 -27.66
N THR B 341 -39.16 44.17 -28.33
CA THR B 341 -37.69 44.11 -28.42
C THR B 341 -37.04 44.95 -27.32
N GLU B 342 -37.82 45.61 -26.45
CA GLU B 342 -37.31 46.48 -25.42
C GLU B 342 -36.44 45.72 -24.42
N HIS B 343 -35.16 46.13 -24.31
CA HIS B 343 -34.21 45.53 -23.37
C HIS B 343 -34.00 44.02 -23.65
N SER B 344 -34.15 43.59 -24.91
CA SER B 344 -33.98 42.19 -25.28
C SER B 344 -32.54 41.73 -25.08
N TRP B 345 -32.38 40.59 -24.42
CA TRP B 345 -31.06 39.99 -24.16
C TRP B 345 -30.46 39.31 -25.42
N PHE B 346 -31.28 39.10 -26.46
CA PHE B 346 -30.87 38.49 -27.71
C PHE B 346 -31.18 39.48 -28.84
N PRO B 347 -30.24 40.40 -29.12
CA PRO B 347 -30.50 41.41 -30.17
C PRO B 347 -30.98 40.82 -31.51
N GLY B 348 -32.06 41.37 -32.03
CA GLY B 348 -32.67 40.83 -33.23
C GLY B 348 -33.92 40.02 -32.93
N TYR B 349 -34.15 39.67 -31.64
CA TYR B 349 -35.34 38.92 -31.23
C TYR B 349 -36.23 39.76 -30.30
N ALA B 350 -37.53 39.54 -30.40
CA ALA B 350 -38.53 40.13 -29.51
C ALA B 350 -38.94 39.06 -28.48
N TRP B 351 -39.24 39.45 -27.24
CA TRP B 351 -39.65 38.50 -26.21
C TRP B 351 -41.16 38.64 -25.89
N THR B 352 -41.78 37.54 -25.46
CA THR B 352 -43.18 37.52 -25.01
C THR B 352 -43.20 36.63 -23.77
N VAL B 353 -43.79 37.08 -22.66
CA VAL B 353 -43.89 36.30 -21.42
C VAL B 353 -44.58 34.96 -21.67
N ALA B 354 -44.02 33.87 -21.11
CA ALA B 354 -44.55 32.52 -21.20
C ALA B 354 -44.88 32.02 -19.79
N GLN B 355 -46.15 31.61 -19.59
CA GLN B 355 -46.57 31.08 -18.32
C GLN B 355 -46.92 29.60 -18.44
N CYS B 356 -46.68 28.81 -17.37
CA CYS B 356 -47.11 27.41 -17.34
C CYS B 356 -48.64 27.37 -17.49
N LYS B 357 -49.16 26.57 -18.43
CA LYS B 357 -50.62 26.53 -18.66
C LYS B 357 -51.40 26.02 -17.46
N ILE B 358 -50.76 25.20 -16.62
CA ILE B 358 -51.41 24.62 -15.45
C ILE B 358 -51.43 25.57 -14.24
N CYS B 359 -50.27 26.08 -13.80
CA CYS B 359 -50.22 26.91 -12.59
C CYS B 359 -50.06 28.39 -12.83
N ALA B 360 -49.87 28.83 -14.09
CA ALA B 360 -49.66 30.23 -14.47
C ALA B 360 -48.30 30.81 -14.04
N SER B 361 -47.39 30.00 -13.49
CA SER B 361 -46.06 30.47 -13.09
C SER B 361 -45.29 30.98 -14.29
N HIS B 362 -44.57 32.07 -14.10
CA HIS B 362 -43.75 32.65 -15.15
C HIS B 362 -42.53 31.75 -15.37
N ILE B 363 -42.46 31.08 -16.50
CA ILE B 363 -41.36 30.16 -16.79
C ILE B 363 -40.23 30.84 -17.57
N GLY B 364 -40.59 31.79 -18.42
CA GLY B 364 -39.61 32.49 -19.22
C GLY B 364 -40.28 33.26 -20.33
N TRP B 365 -39.71 33.17 -21.53
CA TRP B 365 -40.21 33.92 -22.66
C TRP B 365 -40.02 33.18 -23.95
N LYS B 366 -40.90 33.46 -24.91
CA LYS B 366 -40.72 33.01 -26.27
C LYS B 366 -40.04 34.17 -26.99
N PHE B 367 -38.99 33.88 -27.73
CA PHE B 367 -38.24 34.86 -28.50
C PHE B 367 -38.54 34.64 -29.97
N THR B 368 -38.90 35.71 -30.69
CA THR B 368 -39.25 35.63 -32.10
C THR B 368 -38.39 36.58 -32.91
N ALA B 369 -37.83 36.08 -34.02
CA ALA B 369 -36.97 36.88 -34.88
C ALA B 369 -37.69 38.04 -35.52
N THR B 370 -37.10 39.22 -35.47
CA THR B 370 -37.70 40.41 -36.09
C THR B 370 -37.40 40.49 -37.60
N LYS B 371 -36.49 39.65 -38.13
CA LYS B 371 -36.12 39.63 -39.54
C LYS B 371 -36.33 38.22 -40.10
N LYS B 372 -36.85 38.12 -41.31
CA LYS B 372 -37.16 36.84 -41.95
C LYS B 372 -35.95 35.96 -42.25
N ASP B 373 -34.79 36.58 -42.48
CA ASP B 373 -33.56 35.85 -42.80
C ASP B 373 -32.83 35.24 -41.59
N MET B 374 -33.33 35.47 -40.37
CA MET B 374 -32.68 34.95 -39.17
C MET B 374 -33.02 33.50 -38.91
N SER B 375 -32.10 32.79 -38.29
CA SER B 375 -32.32 31.41 -37.90
C SER B 375 -31.68 31.22 -36.53
N PRO B 376 -32.43 30.69 -35.56
CA PRO B 376 -33.83 30.21 -35.66
C PRO B 376 -34.84 31.36 -35.71
N GLN B 377 -36.00 31.12 -36.34
CA GLN B 377 -37.06 32.13 -36.34
C GLN B 377 -37.67 32.30 -34.93
N LYS B 378 -37.54 31.30 -34.06
CA LYS B 378 -38.03 31.35 -32.72
C LYS B 378 -37.31 30.35 -31.83
N PHE B 379 -37.29 30.65 -30.55
CA PHE B 379 -36.73 29.80 -29.49
C PHE B 379 -37.35 30.28 -28.17
N TRP B 380 -37.12 29.52 -27.11
CA TRP B 380 -37.60 29.89 -25.79
C TRP B 380 -36.43 30.09 -24.87
N GLY B 381 -36.54 31.12 -24.06
CA GLY B 381 -35.57 31.41 -23.02
C GLY B 381 -36.25 31.09 -21.70
N LEU B 382 -35.82 30.02 -21.03
CA LEU B 382 -36.47 29.58 -19.79
C LEU B 382 -35.61 29.91 -18.57
N THR B 383 -36.23 30.47 -17.54
CA THR B 383 -35.52 30.92 -16.35
C THR B 383 -35.21 29.73 -15.43
N ARG B 384 -33.94 29.61 -15.02
CA ARG B 384 -33.47 28.50 -14.19
C ARG B 384 -34.26 28.34 -12.90
N SER B 385 -34.63 29.46 -12.26
CA SER B 385 -35.39 29.43 -11.01
C SER B 385 -36.80 28.86 -11.19
N ALA B 386 -37.33 28.82 -12.41
CA ALA B 386 -38.67 28.27 -12.63
C ALA B 386 -38.69 26.79 -13.03
N LEU B 387 -37.52 26.17 -13.25
CA LEU B 387 -37.42 24.79 -13.71
C LEU B 387 -37.01 23.79 -12.65
N LEU B 388 -37.39 22.54 -12.89
CA LEU B 388 -37.05 21.42 -12.03
C LEU B 388 -36.51 20.33 -12.92
N PRO B 389 -35.21 20.06 -12.85
CA PRO B 389 -34.65 18.95 -13.64
C PRO B 389 -35.24 17.64 -13.13
N THR B 390 -35.68 16.81 -14.04
CA THR B 390 -36.38 15.58 -13.71
C THR B 390 -35.78 14.40 -14.43
N ILE B 391 -35.76 13.25 -13.74
CA ILE B 391 -35.32 11.99 -14.32
C ILE B 391 -36.62 11.30 -14.73
N PRO B 392 -36.93 11.23 -16.03
CA PRO B 392 -38.21 10.62 -16.43
C PRO B 392 -38.33 9.15 -16.06
N ASP B 393 -39.55 8.72 -15.68
CA ASP B 393 -39.81 7.35 -15.28
C ASP B 393 -39.84 6.44 -16.52
N VAL B 403 -33.46 13.36 -7.03
CA VAL B 403 -32.21 13.47 -7.77
C VAL B 403 -30.99 13.44 -6.83
N ILE B 404 -30.40 12.24 -6.65
CA ILE B 404 -29.22 12.12 -5.78
C ILE B 404 -27.98 12.63 -6.50
N LEU B 405 -27.42 13.77 -6.03
CA LEU B 405 -26.20 14.39 -6.56
C LEU B 405 -25.06 13.39 -6.31
N CYS B 406 -24.37 12.97 -7.37
CA CYS B 406 -23.37 11.91 -7.25
C CYS B 406 -21.93 12.36 -7.51
N LEU B 407 -21.09 12.30 -6.46
CA LEU B 407 -19.68 12.67 -6.46
C LEU B 407 -18.73 11.51 -6.78
#